data_9FL2
#
_entry.id   9FL2
#
_cell.length_a   105.971
_cell.length_b   137.406
_cell.length_c   143.619
_cell.angle_alpha   90.00
_cell.angle_beta   90.00
_cell.angle_gamma   90.00
#
_symmetry.space_group_name_H-M   'P 21 21 21'
#
loop_
_entity.id
_entity.type
_entity.pdbx_description
1 polymer 'pyranose oxidase'
2 non-polymer 'FLAVIN-ADENINE DINUCLEOTIDE'
3 non-polymer 'CHLORIDE ION'
4 water water
#
_entity_poly.entity_id   1
_entity_poly.type   'polypeptide(L)'
_entity_poly.pdbx_seq_one_letter_code
;HHHHHHMSCKISAEVVIIGSGPVGATFARHLVENGKSVILVDAGPQRSPQPGEHLKNAYLYQKDRTNFSQIVNSELYKLS
IPTSNVKLPNLDPSAYWAAGAVRNNMNPKQDPNTNMPYAQAAFAVGGMGIHWTCATPRLHPELERWHYITEWDELYAQAE
KYFNTHTNVFERSLRGAAIKRRLEAHYNNQLDPNYPIQNLPVAAQRREDGEGEAFIHWTGPYDILKPVLTTEENLPNPNI
RVLPNHIVQKLHHKGGKVEYAEVQSTEPWEKVEIYADIFIVAAAAIKTPQLLWNSQIRPKALGCYLSEHIMTFGQIVLSK
EIVAEIKAEEKPYFKESPKMFHVAGNQKDPIDIPLYDPDPTLWIPVQKDRPWHCQIHKDNFSYGIVPDNIDDRLVVDLRW
FGFVDQMPTNYVTFEEEIFDIHGMPQPTFHFQYPEQDAENAHRMMQDMTEVGLSIGGFLPTPEARPQFMAPGSSLHSMGT
YRMGESDDGTSVVDAHSKVWGFDNLYLGGPGVIPKPNGANPTLTAAALAIRAANHILRN
;
_entity_poly.pdbx_strand_id   A,B,C,D
#
# COMPACT_ATOMS: atom_id res chain seq x y z
N SER A 8 8.92 -42.67 -24.54
CA SER A 8 7.67 -42.60 -25.36
C SER A 8 8.00 -42.06 -26.76
N CYS A 9 7.09 -42.26 -27.72
CA CYS A 9 7.17 -41.67 -29.06
C CYS A 9 5.84 -41.76 -29.81
N LYS A 10 5.33 -42.97 -30.09
CA LYS A 10 4.07 -43.16 -30.81
C LYS A 10 3.14 -44.13 -30.07
N ILE A 11 1.93 -43.69 -29.69
CA ILE A 11 0.92 -44.58 -29.11
C ILE A 11 -0.50 -44.12 -29.45
N SER A 12 -1.46 -45.02 -29.20
CA SER A 12 -2.84 -44.79 -29.58
C SER A 12 -3.82 -45.33 -28.53
N ALA A 13 -5.03 -44.75 -28.53
CA ALA A 13 -6.19 -45.33 -27.88
C ALA A 13 -7.42 -45.07 -28.73
N GLU A 14 -8.56 -45.66 -28.35
CA GLU A 14 -9.80 -45.38 -29.05
C GLU A 14 -10.04 -43.87 -29.03
N VAL A 15 -10.00 -43.27 -27.84
CA VAL A 15 -10.35 -41.87 -27.67
C VAL A 15 -9.21 -41.15 -26.94
N VAL A 16 -9.03 -39.86 -27.26
CA VAL A 16 -8.05 -39.01 -26.61
C VAL A 16 -8.74 -37.75 -26.09
N ILE A 17 -8.41 -37.42 -24.84
CA ILE A 17 -9.00 -36.27 -24.17
C ILE A 17 -7.88 -35.34 -23.72
N ILE A 18 -7.85 -34.14 -24.30
CA ILE A 18 -6.89 -33.12 -23.93
C ILE A 18 -7.48 -32.29 -22.79
N GLY A 19 -6.83 -32.44 -21.64
CA GLY A 19 -7.19 -31.72 -20.43
C GLY A 19 -7.87 -32.65 -19.45
N SER A 20 -7.30 -32.79 -18.25
CA SER A 20 -7.87 -33.61 -17.18
C SER A 20 -8.59 -32.74 -16.17
N GLY A 21 -9.16 -31.62 -16.65
CA GLY A 21 -10.02 -30.81 -15.82
C GLY A 21 -11.25 -31.60 -15.40
N PRO A 22 -12.18 -30.98 -14.65
CA PRO A 22 -13.46 -31.62 -14.36
C PRO A 22 -14.13 -32.16 -15.63
N VAL A 23 -14.07 -31.37 -16.70
CA VAL A 23 -14.82 -31.70 -17.88
C VAL A 23 -14.14 -32.84 -18.62
N GLY A 24 -12.82 -32.75 -18.76
CA GLY A 24 -12.06 -33.87 -19.30
C GLY A 24 -12.44 -35.19 -18.63
N ALA A 25 -12.43 -35.19 -17.29
CA ALA A 25 -12.63 -36.41 -16.52
C ALA A 25 -14.07 -36.92 -16.68
N THR A 26 -15.00 -35.99 -16.85
CA THR A 26 -16.38 -36.36 -17.05
C THR A 26 -16.46 -37.22 -18.30
N PHE A 27 -15.85 -36.77 -19.39
CA PHE A 27 -15.84 -37.53 -20.64
C PHE A 27 -15.25 -38.91 -20.35
N ALA A 28 -14.08 -38.94 -19.70
CA ALA A 28 -13.42 -40.21 -19.46
C ALA A 28 -14.33 -41.11 -18.67
N ARG A 29 -14.94 -40.56 -17.62
CA ARG A 29 -15.80 -41.37 -16.79
C ARG A 29 -16.84 -42.05 -17.66
N HIS A 30 -17.65 -41.24 -18.35
CA HIS A 30 -18.77 -41.73 -19.15
C HIS A 30 -18.26 -42.68 -20.22
N LEU A 31 -17.18 -42.30 -20.92
CA LEU A 31 -16.73 -43.05 -22.09
C LEU A 31 -16.18 -44.40 -21.70
N VAL A 32 -15.33 -44.43 -20.67
CA VAL A 32 -14.71 -45.67 -20.22
C VAL A 32 -15.79 -46.57 -19.63
N GLU A 33 -16.66 -45.98 -18.81
CA GLU A 33 -17.69 -46.73 -18.12
C GLU A 33 -18.60 -47.42 -19.12
N ASN A 34 -18.74 -46.85 -20.32
CA ASN A 34 -19.51 -47.45 -21.41
C ASN A 34 -18.57 -48.08 -22.44
N GLY A 35 -17.45 -48.66 -21.99
CA GLY A 35 -16.73 -49.66 -22.76
C GLY A 35 -15.66 -49.11 -23.70
N LYS A 36 -15.42 -47.79 -23.70
CA LYS A 36 -14.39 -47.22 -24.55
C LYS A 36 -13.05 -47.24 -23.83
N SER A 37 -11.97 -47.03 -24.59
CA SER A 37 -10.61 -46.90 -24.04
C SER A 37 -10.08 -45.50 -24.37
N VAL A 38 -9.52 -44.79 -23.38
CA VAL A 38 -9.16 -43.40 -23.59
C VAL A 38 -7.78 -43.09 -23.00
N ILE A 39 -7.19 -42.02 -23.53
CA ILE A 39 -5.98 -41.43 -22.98
C ILE A 39 -6.33 -40.02 -22.54
N LEU A 40 -6.12 -39.78 -21.25
CA LEU A 40 -6.33 -38.45 -20.69
C LEU A 40 -4.99 -37.74 -20.59
N VAL A 41 -4.87 -36.60 -21.27
CA VAL A 41 -3.59 -35.91 -21.37
C VAL A 41 -3.72 -34.59 -20.63
N ASP A 42 -2.67 -34.22 -19.88
CA ASP A 42 -2.60 -32.88 -19.33
C ASP A 42 -1.19 -32.32 -19.37
N ALA A 43 -1.11 -31.01 -19.60
CA ALA A 43 0.13 -30.28 -19.67
C ALA A 43 0.74 -30.07 -18.30
N GLY A 44 0.00 -30.39 -17.24
CA GLY A 44 0.41 -30.09 -15.89
C GLY A 44 0.96 -31.33 -15.18
N PRO A 45 1.48 -31.16 -13.96
CA PRO A 45 1.91 -32.30 -13.16
C PRO A 45 0.77 -32.73 -12.24
N GLN A 46 0.91 -33.92 -11.66
CA GLN A 46 -0.07 -34.50 -10.75
C GLN A 46 0.37 -34.12 -9.33
N ARG A 47 -0.54 -33.54 -8.53
CA ARG A 47 -0.11 -32.94 -7.27
C ARG A 47 -0.64 -33.71 -6.07
N SER A 48 -0.76 -35.04 -6.24
CA SER A 48 -1.33 -35.96 -5.25
C SER A 48 -1.00 -37.40 -5.64
N PRO A 49 -0.92 -38.36 -4.69
CA PRO A 49 -0.67 -39.78 -4.99
C PRO A 49 -1.50 -40.32 -6.15
N GLN A 50 -2.76 -39.91 -6.15
CA GLN A 50 -3.70 -40.32 -7.18
C GLN A 50 -4.00 -39.08 -8.02
N PRO A 51 -4.37 -39.24 -9.31
CA PRO A 51 -4.52 -38.10 -10.22
C PRO A 51 -5.73 -37.20 -9.96
N GLY A 52 -5.48 -35.89 -9.76
CA GLY A 52 -6.55 -34.90 -9.65
C GLY A 52 -7.36 -35.05 -8.37
N GLU A 53 -6.70 -35.41 -7.27
CA GLU A 53 -7.33 -35.36 -5.96
C GLU A 53 -7.54 -33.90 -5.60
N HIS A 54 -8.60 -33.61 -4.85
CA HIS A 54 -8.82 -32.25 -4.37
C HIS A 54 -7.91 -31.94 -3.20
N LEU A 55 -7.18 -30.83 -3.31
CA LEU A 55 -6.13 -30.50 -2.36
C LEU A 55 -6.72 -29.87 -1.10
N LYS A 56 -8.00 -29.50 -1.10
CA LYS A 56 -8.63 -28.90 0.05
C LYS A 56 -9.00 -29.99 1.07
N ASN A 57 -8.92 -31.26 0.67
CA ASN A 57 -9.24 -32.40 1.54
C ASN A 57 -8.19 -32.61 2.64
N ALA A 58 -7.00 -32.05 2.49
CA ALA A 58 -5.95 -32.25 3.47
C ALA A 58 -6.41 -31.71 4.82
N TYR A 59 -5.98 -32.40 5.88
CA TYR A 59 -6.34 -32.05 7.23
C TYR A 59 -6.23 -30.55 7.46
N LEU A 60 -5.11 -29.95 7.11
CA LEU A 60 -4.87 -28.57 7.51
C LEU A 60 -5.93 -27.63 6.93
N TYR A 61 -6.40 -27.90 5.72
CA TYR A 61 -7.36 -27.01 5.06
C TYR A 61 -8.73 -27.18 5.71
N GLN A 62 -8.96 -28.37 6.26
CA GLN A 62 -10.15 -28.61 7.05
C GLN A 62 -10.12 -27.76 8.31
N LYS A 63 -8.94 -27.37 8.77
CA LYS A 63 -8.82 -26.65 10.03
C LYS A 63 -8.75 -25.14 9.78
N ASP A 64 -7.96 -24.77 8.77
CA ASP A 64 -7.84 -23.39 8.33
C ASP A 64 -8.28 -23.32 6.89
N ARG A 65 -9.47 -22.76 6.66
CA ARG A 65 -9.95 -22.57 5.31
C ARG A 65 -9.10 -21.49 4.62
N THR A 66 -8.90 -20.32 5.26
CA THR A 66 -8.33 -19.17 4.53
C THR A 66 -6.96 -19.49 3.96
N ASN A 67 -6.28 -20.51 4.50
CA ASN A 67 -4.94 -20.85 4.03
C ASN A 67 -4.93 -21.46 2.63
N PHE A 68 -6.05 -22.07 2.25
CA PHE A 68 -6.12 -22.75 0.97
C PHE A 68 -6.06 -21.78 -0.20
N SER A 69 -6.33 -20.50 0.04
CA SER A 69 -6.14 -19.47 -0.97
C SER A 69 -4.70 -19.47 -1.49
N GLN A 70 -3.74 -19.98 -0.71
CA GLN A 70 -2.35 -19.97 -1.12
C GLN A 70 -2.12 -21.06 -2.15
N ILE A 71 -2.91 -22.13 -2.05
CA ILE A 71 -2.85 -23.17 -3.06
C ILE A 71 -3.46 -22.60 -4.35
N VAL A 72 -4.55 -21.84 -4.20
CA VAL A 72 -5.20 -21.24 -5.34
C VAL A 72 -4.18 -20.36 -6.07
N ASN A 73 -3.54 -19.44 -5.34
CA ASN A 73 -2.63 -18.53 -5.99
C ASN A 73 -1.54 -19.30 -6.71
N SER A 74 -1.19 -20.47 -6.18
CA SER A 74 -0.18 -21.32 -6.78
C SER A 74 -0.71 -22.03 -8.02
N GLU A 75 -2.02 -22.09 -8.19
CA GLU A 75 -2.59 -22.84 -9.30
C GLU A 75 -2.90 -21.92 -10.49
N LEU A 76 -3.14 -20.64 -10.21
CA LEU A 76 -3.70 -19.75 -11.20
C LEU A 76 -2.60 -18.98 -11.89
N TYR A 77 -2.61 -19.00 -13.24
CA TYR A 77 -1.56 -18.38 -14.00
C TYR A 77 -2.17 -17.45 -15.05
N LYS A 78 -1.84 -16.15 -14.97
CA LYS A 78 -2.34 -15.15 -15.90
C LYS A 78 -1.93 -15.52 -17.34
N LEU A 79 -2.79 -15.15 -18.30
CA LEU A 79 -2.68 -15.60 -19.68
C LEU A 79 -2.10 -14.53 -20.61
N SER A 80 -2.44 -13.26 -20.38
CA SER A 80 -1.88 -12.18 -21.18
C SER A 80 -1.45 -11.04 -20.27
N ILE A 81 -0.15 -10.87 -20.07
CA ILE A 81 0.34 -9.84 -19.17
C ILE A 81 0.88 -8.69 -20.02
N PRO A 82 0.25 -7.49 -20.00
CA PRO A 82 0.69 -6.39 -20.84
C PRO A 82 2.08 -5.95 -20.37
N THR A 83 3.01 -5.82 -21.32
CA THR A 83 4.40 -5.45 -21.05
C THR A 83 4.80 -4.20 -21.85
N SER A 84 3.83 -3.65 -22.59
CA SER A 84 4.13 -2.84 -23.75
C SER A 84 4.92 -1.60 -23.37
N ASN A 85 4.56 -0.96 -22.26
CA ASN A 85 5.11 0.37 -21.97
C ASN A 85 5.70 0.50 -20.57
N VAL A 86 5.92 -0.63 -19.87
CA VAL A 86 6.38 -0.60 -18.49
C VAL A 86 7.70 0.18 -18.43
N LYS A 87 7.72 1.26 -17.64
CA LYS A 87 8.92 2.06 -17.43
C LYS A 87 8.91 2.55 -15.98
N LEU A 88 9.99 2.29 -15.24
CA LEU A 88 10.07 2.64 -13.84
C LEU A 88 10.69 4.03 -13.74
N PRO A 89 10.00 4.99 -13.09
CA PRO A 89 10.45 6.38 -13.15
C PRO A 89 11.67 6.69 -12.28
N ASN A 90 12.16 5.70 -11.53
CA ASN A 90 13.05 5.93 -10.41
C ASN A 90 14.12 4.82 -10.35
N LEU A 91 14.55 4.35 -11.51
CA LEU A 91 15.56 3.33 -11.64
C LEU A 91 16.88 3.98 -12.07
N ASP A 92 17.94 3.58 -11.35
CA ASP A 92 19.30 3.91 -11.68
C ASP A 92 19.48 3.94 -13.18
N PRO A 93 19.90 5.08 -13.78
CA PRO A 93 20.12 5.12 -15.24
C PRO A 93 21.32 4.29 -15.72
N SER A 94 22.21 3.88 -14.83
CA SER A 94 23.30 2.96 -15.17
C SER A 94 22.77 1.59 -15.55
N ALA A 95 21.55 1.28 -15.06
CA ALA A 95 20.98 -0.05 -15.09
C ALA A 95 20.26 -0.25 -16.41
N TYR A 96 20.25 -1.50 -16.86
CA TYR A 96 19.65 -1.91 -18.11
C TYR A 96 18.15 -2.11 -17.93
N TRP A 97 17.36 -1.70 -18.93
CA TRP A 97 15.92 -1.87 -18.97
C TRP A 97 15.46 -2.05 -20.42
N ALA A 98 14.38 -2.82 -20.60
CA ALA A 98 13.71 -2.92 -21.89
C ALA A 98 12.23 -3.29 -21.72
N ALA A 99 11.36 -2.48 -22.33
CA ALA A 99 9.93 -2.67 -22.22
C ALA A 99 9.46 -3.63 -23.29
N GLY A 100 8.30 -4.24 -23.05
CA GLY A 100 7.64 -5.10 -24.01
C GLY A 100 8.27 -6.48 -24.04
N ALA A 101 8.61 -7.04 -22.88
CA ALA A 101 9.12 -8.40 -22.85
C ALA A 101 8.03 -9.31 -23.41
N VAL A 102 8.47 -10.49 -23.86
CA VAL A 102 7.61 -11.42 -24.59
C VAL A 102 7.68 -12.79 -23.91
N ARG A 103 8.40 -12.83 -22.82
CA ARG A 103 8.72 -14.09 -22.17
C ARG A 103 7.49 -14.66 -21.46
N ASN A 104 7.26 -15.96 -21.64
CA ASN A 104 6.11 -16.63 -21.07
C ASN A 104 4.85 -15.94 -21.59
N ASN A 105 3.94 -15.60 -20.66
CA ASN A 105 2.63 -15.08 -21.02
C ASN A 105 2.66 -13.55 -21.03
N MET A 106 3.87 -12.99 -21.14
CA MET A 106 4.05 -11.58 -21.39
C MET A 106 3.75 -11.30 -22.86
N ASN A 107 3.07 -10.16 -23.05
CA ASN A 107 2.40 -9.85 -24.31
C ASN A 107 2.46 -8.35 -24.55
N PRO A 108 3.36 -7.88 -25.44
CA PRO A 108 3.47 -6.44 -25.71
C PRO A 108 2.35 -5.90 -26.60
N LYS A 109 1.57 -6.81 -27.20
CA LYS A 109 0.49 -6.43 -28.10
C LYS A 109 -0.81 -6.32 -27.31
N GLN A 110 -0.75 -6.59 -26.00
CA GLN A 110 -1.94 -6.50 -25.16
C GLN A 110 -2.16 -5.07 -24.68
N ASP A 111 -3.23 -4.44 -25.16
CA ASP A 111 -3.76 -3.23 -24.56
C ASP A 111 -4.37 -3.61 -23.22
N PRO A 112 -3.88 -3.02 -22.11
CA PRO A 112 -4.44 -3.26 -20.78
C PRO A 112 -5.93 -2.96 -20.64
N ASN A 113 -6.40 -1.96 -21.41
CA ASN A 113 -7.74 -1.41 -21.26
C ASN A 113 -8.80 -2.26 -21.97
N THR A 114 -8.38 -3.14 -22.89
CA THR A 114 -9.30 -4.11 -23.46
C THR A 114 -8.89 -5.50 -22.99
N ASN A 115 -8.03 -5.57 -21.99
CA ASN A 115 -7.54 -6.85 -21.54
C ASN A 115 -8.61 -7.51 -20.68
N MET A 116 -8.38 -8.80 -20.39
CA MET A 116 -9.10 -9.52 -19.34
C MET A 116 -8.04 -9.90 -18.31
N PRO A 117 -7.65 -8.98 -17.39
CA PRO A 117 -6.48 -9.18 -16.54
C PRO A 117 -6.40 -10.52 -15.80
N TYR A 118 -7.52 -10.98 -15.25
CA TYR A 118 -7.51 -12.20 -14.43
C TYR A 118 -8.03 -13.38 -15.25
N ALA A 119 -7.99 -13.27 -16.57
CA ALA A 119 -8.08 -14.47 -17.37
C ALA A 119 -6.87 -15.30 -17.00
N GLN A 120 -7.09 -16.43 -16.34
CA GLN A 120 -6.04 -17.30 -15.91
C GLN A 120 -6.37 -18.74 -16.25
N ALA A 121 -5.36 -19.63 -16.23
CA ALA A 121 -5.62 -21.06 -16.25
C ALA A 121 -4.76 -21.74 -15.19
N ALA A 122 -5.07 -23.01 -14.99
CA ALA A 122 -4.28 -23.87 -14.13
C ALA A 122 -3.78 -25.03 -14.97
N PHE A 123 -2.54 -25.45 -14.73
CA PHE A 123 -1.98 -26.56 -15.48
C PHE A 123 -1.56 -27.63 -14.49
N ALA A 124 -2.46 -28.58 -14.31
CA ALA A 124 -2.31 -29.64 -13.33
C ALA A 124 -3.21 -30.80 -13.71
N VAL A 125 -2.82 -32.03 -13.38
CA VAL A 125 -3.76 -33.12 -13.48
C VAL A 125 -4.86 -32.78 -12.50
N GLY A 126 -6.00 -32.36 -13.07
CA GLY A 126 -7.18 -31.96 -12.34
C GLY A 126 -7.65 -30.55 -12.72
N GLY A 127 -6.79 -29.78 -13.37
CA GLY A 127 -7.10 -28.42 -13.73
C GLY A 127 -7.43 -27.58 -12.51
N MET A 128 -8.56 -26.87 -12.60
CA MET A 128 -9.00 -26.02 -11.51
C MET A 128 -9.80 -26.85 -10.53
N GLY A 129 -10.11 -28.10 -10.92
CA GLY A 129 -10.98 -28.99 -10.18
C GLY A 129 -10.31 -29.60 -8.95
N ILE A 130 -9.05 -29.22 -8.70
CA ILE A 130 -8.36 -29.66 -7.51
C ILE A 130 -8.19 -28.48 -6.56
N HIS A 131 -8.76 -27.32 -6.89
CA HIS A 131 -8.73 -26.16 -6.00
C HIS A 131 -10.11 -25.49 -5.86
N TRP A 132 -11.00 -25.76 -6.83
CA TRP A 132 -12.26 -25.04 -6.92
C TRP A 132 -13.13 -25.24 -5.68
N THR A 133 -14.12 -24.34 -5.53
CA THR A 133 -14.96 -24.24 -4.35
C THR A 133 -16.19 -25.14 -4.50
N CYS A 134 -16.31 -25.81 -5.64
CA CYS A 134 -17.18 -26.97 -5.80
C CYS A 134 -18.67 -26.60 -5.86
N ALA A 135 -19.01 -25.36 -6.25
CA ALA A 135 -20.40 -24.94 -6.31
C ALA A 135 -21.02 -25.41 -7.64
N THR A 136 -22.12 -26.16 -7.53
CA THR A 136 -22.69 -26.94 -8.63
C THR A 136 -24.19 -26.65 -8.79
N PRO A 137 -24.62 -25.41 -9.08
CA PRO A 137 -26.03 -25.13 -9.34
C PRO A 137 -26.40 -25.47 -10.79
N ARG A 138 -27.72 -25.66 -10.99
CA ARG A 138 -28.34 -25.84 -12.30
C ARG A 138 -28.85 -24.50 -12.87
N LEU A 139 -28.92 -24.42 -14.20
CA LEU A 139 -29.36 -23.23 -14.90
C LEU A 139 -30.87 -23.06 -14.77
N HIS A 140 -31.30 -21.80 -14.65
CA HIS A 140 -32.72 -21.45 -14.61
C HIS A 140 -33.38 -21.86 -15.93
N PRO A 141 -34.45 -22.69 -15.86
CA PRO A 141 -35.16 -23.13 -17.06
C PRO A 141 -35.39 -22.05 -18.13
N GLU A 142 -35.97 -20.92 -17.72
CA GLU A 142 -36.37 -19.88 -18.65
C GLU A 142 -35.20 -18.93 -18.93
N LEU A 143 -34.45 -18.52 -17.91
CA LEU A 143 -33.55 -17.39 -18.05
C LEU A 143 -32.17 -17.81 -18.54
N GLU A 144 -31.79 -19.08 -18.35
CA GLU A 144 -30.40 -19.48 -18.50
C GLU A 144 -30.23 -20.63 -19.49
N ARG A 145 -31.16 -21.58 -19.53
CA ARG A 145 -31.03 -22.72 -20.42
C ARG A 145 -31.37 -22.28 -21.84
N TRP A 146 -30.92 -23.07 -22.82
CA TRP A 146 -31.40 -22.94 -24.18
C TRP A 146 -32.05 -24.26 -24.59
N HIS A 147 -32.91 -24.22 -25.58
CA HIS A 147 -33.87 -25.30 -25.63
C HIS A 147 -33.58 -26.30 -26.74
N TYR A 148 -32.54 -26.11 -27.56
CA TYR A 148 -32.15 -27.13 -28.53
C TYR A 148 -31.51 -28.34 -27.84
N ILE A 149 -31.22 -28.23 -26.53
CA ILE A 149 -30.86 -29.35 -25.68
C ILE A 149 -32.15 -29.83 -25.01
N THR A 150 -32.47 -31.12 -25.24
CA THR A 150 -33.82 -31.62 -25.00
C THR A 150 -33.92 -32.30 -23.64
N GLU A 151 -32.80 -32.85 -23.17
CA GLU A 151 -32.77 -33.76 -22.03
C GLU A 151 -31.93 -33.17 -20.90
N TRP A 152 -32.14 -31.89 -20.58
CA TRP A 152 -31.43 -31.23 -19.49
C TRP A 152 -31.40 -32.04 -18.21
N ASP A 153 -32.58 -32.34 -17.68
CA ASP A 153 -32.71 -32.77 -16.30
C ASP A 153 -32.13 -34.18 -16.16
N GLU A 154 -32.07 -34.93 -17.28
CA GLU A 154 -31.44 -36.25 -17.33
C GLU A 154 -29.92 -36.10 -17.20
N LEU A 155 -29.35 -35.21 -18.01
CA LEU A 155 -27.92 -34.96 -18.04
C LEU A 155 -27.46 -34.40 -16.70
N TYR A 156 -28.14 -33.33 -16.25
CA TYR A 156 -27.87 -32.74 -14.94
C TYR A 156 -27.85 -33.81 -13.85
N ALA A 157 -28.85 -34.70 -13.87
CA ALA A 157 -28.92 -35.75 -12.88
C ALA A 157 -27.67 -36.61 -12.94
N GLN A 158 -27.29 -37.02 -14.15
CA GLN A 158 -26.13 -37.90 -14.35
C GLN A 158 -24.86 -37.15 -13.95
N ALA A 159 -24.80 -35.85 -14.21
CA ALA A 159 -23.63 -35.06 -13.86
C ALA A 159 -23.48 -34.94 -12.35
N GLU A 160 -24.59 -34.70 -11.65
CA GLU A 160 -24.60 -34.50 -10.20
C GLU A 160 -24.15 -35.77 -9.48
N LYS A 161 -24.53 -36.93 -10.04
CA LYS A 161 -24.07 -38.22 -9.54
C LYS A 161 -22.54 -38.29 -9.63
N TYR A 162 -21.98 -37.97 -10.79
CA TYR A 162 -20.55 -38.05 -11.01
C TYR A 162 -19.81 -37.08 -10.08
N PHE A 163 -20.38 -35.89 -9.87
CA PHE A 163 -19.74 -34.85 -9.07
C PHE A 163 -20.04 -35.05 -7.59
N ASN A 164 -20.96 -35.95 -7.26
CA ASN A 164 -21.28 -36.16 -5.86
C ASN A 164 -21.92 -34.88 -5.32
N THR A 165 -22.77 -34.23 -6.10
CA THR A 165 -23.44 -33.01 -5.68
C THR A 165 -24.25 -33.34 -4.43
N HIS A 166 -24.36 -32.34 -3.54
CA HIS A 166 -25.09 -32.46 -2.29
C HIS A 166 -25.54 -31.06 -1.83
N THR A 167 -26.69 -30.99 -1.14
CA THR A 167 -27.15 -29.72 -0.57
C THR A 167 -27.08 -29.79 0.96
N ASN A 168 -26.86 -31.01 1.47
CA ASN A 168 -27.00 -31.30 2.89
C ASN A 168 -25.66 -31.11 3.61
N VAL A 169 -24.68 -30.45 2.98
CA VAL A 169 -23.36 -30.44 3.58
C VAL A 169 -23.34 -29.41 4.70
N PHE A 170 -23.98 -28.24 4.49
CA PHE A 170 -23.94 -27.15 5.45
C PHE A 170 -25.32 -26.92 6.05
N GLU A 171 -26.16 -27.93 5.90
CA GLU A 171 -27.56 -27.89 6.30
C GLU A 171 -27.64 -27.48 7.76
N ARG A 172 -26.75 -28.06 8.59
CA ARG A 172 -26.81 -27.95 10.03
C ARG A 172 -26.12 -26.68 10.54
N SER A 173 -25.87 -25.71 9.65
CA SER A 173 -25.16 -24.50 10.04
C SER A 173 -26.04 -23.56 10.87
N LEU A 174 -25.51 -23.16 12.04
CA LEU A 174 -26.16 -22.23 12.94
C LEU A 174 -26.10 -20.81 12.37
N ARG A 175 -24.95 -20.43 11.83
CA ARG A 175 -24.82 -19.16 11.15
C ARG A 175 -25.70 -19.15 9.90
N GLY A 176 -25.78 -20.31 9.24
CA GLY A 176 -26.61 -20.48 8.05
C GLY A 176 -28.06 -20.17 8.34
N ALA A 177 -28.56 -20.67 9.47
CA ALA A 177 -29.90 -20.35 9.92
C ALA A 177 -30.05 -18.85 10.20
N ALA A 178 -29.20 -18.34 11.10
CA ALA A 178 -29.27 -16.97 11.61
C ALA A 178 -29.35 -15.96 10.45
N ILE A 179 -28.58 -16.23 9.39
CA ILE A 179 -28.56 -15.40 8.20
C ILE A 179 -29.86 -15.56 7.44
N LYS A 180 -30.20 -16.80 7.11
CA LYS A 180 -31.36 -17.06 6.29
C LYS A 180 -32.58 -16.36 6.90
N ARG A 181 -32.70 -16.40 8.24
CA ARG A 181 -33.80 -15.73 8.93
C ARG A 181 -33.80 -14.24 8.61
N ARG A 182 -32.64 -13.58 8.71
CA ARG A 182 -32.57 -12.14 8.50
C ARG A 182 -32.80 -11.79 7.04
N LEU A 183 -32.37 -12.65 6.12
CA LEU A 183 -32.52 -12.38 4.69
C LEU A 183 -33.97 -12.57 4.26
N GLU A 184 -34.62 -13.63 4.77
CA GLU A 184 -36.02 -13.89 4.46
C GLU A 184 -36.81 -12.66 4.88
N ALA A 185 -36.45 -12.08 6.02
CA ALA A 185 -37.11 -10.90 6.58
C ALA A 185 -36.80 -9.65 5.76
N HIS A 186 -35.60 -9.57 5.19
CA HIS A 186 -35.20 -8.44 4.39
C HIS A 186 -36.03 -8.39 3.10
N TYR A 187 -36.09 -9.53 2.41
CA TYR A 187 -36.73 -9.65 1.11
C TYR A 187 -38.25 -9.61 1.25
N ASN A 188 -38.79 -10.23 2.30
CA ASN A 188 -40.19 -10.08 2.64
C ASN A 188 -41.05 -10.62 1.51
N ASN A 189 -40.88 -11.93 1.27
CA ASN A 189 -41.63 -12.62 0.21
C ASN A 189 -41.60 -11.79 -1.06
N GLN A 190 -40.48 -11.25 -1.52
CA GLN A 190 -40.56 -10.62 -2.82
C GLN A 190 -39.75 -11.46 -3.80
N LEU A 191 -39.08 -12.51 -3.33
CA LEU A 191 -38.47 -13.47 -4.23
C LEU A 191 -39.54 -14.41 -4.79
N ASP A 192 -39.29 -14.91 -5.99
CA ASP A 192 -40.06 -16.01 -6.53
C ASP A 192 -39.95 -17.17 -5.54
N PRO A 193 -41.07 -17.70 -5.03
CA PRO A 193 -41.02 -18.83 -4.10
C PRO A 193 -40.48 -20.14 -4.68
N ASN A 194 -40.29 -20.22 -6.00
CA ASN A 194 -39.68 -21.37 -6.63
C ASN A 194 -38.16 -21.31 -6.49
N TYR A 195 -37.63 -20.11 -6.25
CA TYR A 195 -36.20 -19.93 -6.11
C TYR A 195 -35.93 -19.17 -4.83
N PRO A 196 -36.19 -19.76 -3.64
CA PRO A 196 -35.96 -19.05 -2.38
C PRO A 196 -34.50 -18.98 -1.98
N ILE A 197 -34.22 -18.27 -0.90
CA ILE A 197 -32.96 -18.43 -0.20
C ILE A 197 -32.89 -19.89 0.21
N GLN A 198 -31.74 -20.56 -0.04
CA GLN A 198 -31.61 -22.00 0.15
C GLN A 198 -30.15 -22.43 0.17
N ASN A 199 -29.92 -23.72 0.50
CA ASN A 199 -28.58 -24.26 0.65
C ASN A 199 -27.94 -24.43 -0.70
N LEU A 200 -26.73 -23.87 -0.87
CA LEU A 200 -25.99 -23.92 -2.13
C LEU A 200 -25.52 -25.35 -2.36
N PRO A 201 -25.84 -25.94 -3.53
CA PRO A 201 -25.47 -27.32 -3.85
C PRO A 201 -24.00 -27.39 -4.21
N VAL A 202 -23.30 -28.40 -3.67
CA VAL A 202 -21.85 -28.47 -3.81
C VAL A 202 -21.44 -29.89 -4.18
N ALA A 203 -20.45 -29.99 -5.09
CA ALA A 203 -19.76 -31.24 -5.31
C ALA A 203 -18.88 -31.52 -4.08
N ALA A 204 -19.48 -32.15 -3.07
CA ALA A 204 -18.82 -32.43 -1.80
C ALA A 204 -19.74 -33.27 -0.92
N GLN A 205 -19.21 -33.73 0.21
CA GLN A 205 -19.99 -34.57 1.12
C GLN A 205 -19.30 -34.69 2.48
N ARG A 206 -20.11 -34.62 3.54
CA ARG A 206 -19.56 -34.71 4.89
C ARG A 206 -19.04 -36.12 5.10
N ARG A 207 -17.92 -36.22 5.81
CA ARG A 207 -17.26 -37.50 6.00
C ARG A 207 -18.03 -38.26 7.06
N GLU A 208 -17.78 -39.56 7.11
CA GLU A 208 -18.49 -40.46 7.99
C GLU A 208 -17.51 -41.14 8.93
N ASP A 209 -16.23 -40.81 8.79
CA ASP A 209 -15.15 -41.54 9.43
C ASP A 209 -15.01 -41.05 10.88
N GLY A 210 -15.74 -41.69 11.81
CA GLY A 210 -15.73 -41.27 13.19
C GLY A 210 -15.96 -39.75 13.29
N GLU A 211 -15.16 -39.11 14.15
CA GLU A 211 -15.31 -37.69 14.45
C GLU A 211 -14.91 -36.81 13.26
N GLY A 212 -14.33 -37.42 12.21
CA GLY A 212 -13.99 -36.72 10.97
C GLY A 212 -15.23 -36.37 10.15
N GLU A 213 -16.41 -36.71 10.65
CA GLU A 213 -17.64 -36.11 10.18
C GLU A 213 -17.60 -34.59 10.34
N ALA A 214 -16.68 -34.04 11.14
CA ALA A 214 -16.56 -32.60 11.28
C ALA A 214 -15.94 -32.01 10.01
N PHE A 215 -15.51 -32.88 9.09
CA PHE A 215 -14.76 -32.50 7.92
C PHE A 215 -15.45 -33.01 6.65
N ILE A 216 -14.91 -32.57 5.50
CA ILE A 216 -15.60 -32.67 4.23
C ILE A 216 -14.68 -33.31 3.20
N HIS A 217 -15.28 -34.12 2.33
CA HIS A 217 -14.62 -34.66 1.16
C HIS A 217 -15.12 -33.89 -0.06
N TRP A 218 -14.36 -32.85 -0.45
CA TRP A 218 -14.67 -32.09 -1.66
C TRP A 218 -14.35 -32.95 -2.87
N THR A 219 -15.02 -32.68 -3.98
CA THR A 219 -14.94 -33.49 -5.17
C THR A 219 -13.81 -32.97 -6.04
N GLY A 220 -12.87 -33.86 -6.35
CA GLY A 220 -11.88 -33.59 -7.38
C GLY A 220 -12.14 -34.47 -8.58
N PRO A 221 -11.58 -34.14 -9.74
CA PRO A 221 -11.67 -35.03 -10.91
C PRO A 221 -11.37 -36.49 -10.57
N TYR A 222 -10.45 -36.69 -9.62
CA TYR A 222 -10.16 -38.02 -9.10
C TYR A 222 -11.46 -38.73 -8.77
N ASP A 223 -12.26 -38.09 -7.92
CA ASP A 223 -13.48 -38.67 -7.39
C ASP A 223 -14.35 -39.12 -8.56
N ILE A 224 -14.29 -38.36 -9.65
CA ILE A 224 -15.04 -38.66 -10.87
C ILE A 224 -14.45 -39.87 -11.58
N LEU A 225 -13.12 -39.96 -11.66
CA LEU A 225 -12.46 -41.06 -12.35
C LEU A 225 -12.49 -42.34 -11.53
N LYS A 226 -12.56 -42.21 -10.20
CA LYS A 226 -12.19 -43.30 -9.30
C LYS A 226 -12.86 -44.60 -9.74
N PRO A 227 -14.19 -44.62 -9.99
CA PRO A 227 -14.89 -45.85 -10.37
C PRO A 227 -14.40 -46.62 -11.60
N VAL A 228 -13.63 -45.98 -12.49
CA VAL A 228 -13.19 -46.64 -13.71
C VAL A 228 -11.68 -46.84 -13.71
N LEU A 229 -11.00 -46.53 -12.59
CA LEU A 229 -9.54 -46.53 -12.57
C LEU A 229 -8.98 -47.92 -12.30
N THR A 230 -9.75 -48.79 -11.63
CA THR A 230 -9.30 -50.16 -11.40
C THR A 230 -10.41 -51.12 -11.83
N THR A 231 -10.00 -52.32 -12.27
CA THR A 231 -10.94 -53.36 -12.68
C THR A 231 -11.54 -53.98 -11.41
N GLU A 232 -12.44 -54.95 -11.59
CA GLU A 232 -12.80 -55.86 -10.51
C GLU A 232 -11.69 -56.91 -10.38
N GLU A 233 -10.46 -56.42 -10.17
CA GLU A 233 -9.33 -57.27 -9.80
C GLU A 233 -8.28 -56.42 -9.10
N ASN A 234 -8.65 -55.18 -8.72
CA ASN A 234 -7.74 -54.21 -8.13
C ASN A 234 -6.48 -53.95 -8.96
N LEU A 235 -6.38 -54.51 -10.18
CA LEU A 235 -5.36 -54.04 -11.10
C LEU A 235 -5.92 -52.77 -11.76
N PRO A 236 -5.05 -51.78 -12.08
CA PRO A 236 -5.45 -50.61 -12.88
C PRO A 236 -6.08 -51.01 -14.21
N ASN A 237 -7.07 -50.21 -14.63
CA ASN A 237 -7.86 -50.43 -15.83
C ASN A 237 -7.04 -50.07 -17.08
N PRO A 238 -6.73 -51.02 -17.99
CA PRO A 238 -6.00 -50.69 -19.21
C PRO A 238 -6.73 -49.65 -20.06
N ASN A 239 -8.07 -49.62 -19.99
CA ASN A 239 -8.85 -48.77 -20.86
C ASN A 239 -8.69 -47.29 -20.50
N ILE A 240 -7.94 -46.97 -19.44
CA ILE A 240 -7.68 -45.56 -19.14
C ILE A 240 -6.21 -45.40 -18.80
N ARG A 241 -5.63 -44.34 -19.35
CA ARG A 241 -4.23 -44.01 -19.12
C ARG A 241 -4.15 -42.50 -18.90
N VAL A 242 -3.33 -42.06 -17.93
CA VAL A 242 -3.24 -40.64 -17.62
C VAL A 242 -1.81 -40.18 -17.84
N LEU A 243 -1.65 -39.08 -18.60
CA LEU A 243 -0.34 -38.60 -19.02
C LEU A 243 -0.16 -37.16 -18.57
N PRO A 244 0.39 -36.94 -17.36
CA PRO A 244 0.78 -35.60 -16.93
C PRO A 244 1.92 -35.10 -17.80
N ASN A 245 2.13 -33.78 -17.81
CA ASN A 245 3.34 -33.16 -18.32
C ASN A 245 3.49 -33.47 -19.81
N HIS A 246 2.38 -33.38 -20.52
CA HIS A 246 2.34 -33.58 -21.96
C HIS A 246 1.58 -32.40 -22.55
N ILE A 247 2.28 -31.42 -23.12
CA ILE A 247 1.68 -30.26 -23.78
C ILE A 247 1.22 -30.66 -25.17
N VAL A 248 -0.09 -30.70 -25.40
CA VAL A 248 -0.60 -30.96 -26.73
C VAL A 248 -0.57 -29.65 -27.50
N GLN A 249 0.19 -29.65 -28.60
CA GLN A 249 0.49 -28.44 -29.34
C GLN A 249 -0.28 -28.32 -30.66
N LYS A 250 -0.54 -29.46 -31.32
CA LYS A 250 -1.11 -29.43 -32.65
C LYS A 250 -1.98 -30.67 -32.83
N LEU A 251 -3.17 -30.50 -33.41
CA LEU A 251 -3.94 -31.61 -33.93
C LEU A 251 -3.74 -31.67 -35.43
N HIS A 252 -3.35 -32.84 -35.94
CA HIS A 252 -3.04 -33.01 -37.35
C HIS A 252 -4.25 -33.68 -37.99
N HIS A 253 -4.73 -33.10 -39.11
CA HIS A 253 -6.03 -33.42 -39.68
C HIS A 253 -6.06 -33.21 -41.19
N LYS A 254 -6.77 -34.12 -41.89
CA LYS A 254 -6.93 -34.11 -43.33
C LYS A 254 -8.44 -34.23 -43.63
N GLY A 255 -8.99 -33.24 -44.34
CA GLY A 255 -10.38 -33.27 -44.78
C GLY A 255 -11.36 -33.60 -43.66
N GLY A 256 -11.25 -32.89 -42.52
CA GLY A 256 -12.22 -32.96 -41.44
C GLY A 256 -12.16 -34.24 -40.61
N LYS A 257 -11.08 -35.02 -40.74
CA LYS A 257 -10.84 -36.20 -39.93
C LYS A 257 -9.50 -36.00 -39.23
N VAL A 258 -9.46 -36.10 -37.90
CA VAL A 258 -8.23 -35.84 -37.15
C VAL A 258 -7.48 -37.16 -36.97
N GLU A 259 -6.19 -37.13 -37.31
CA GLU A 259 -5.39 -38.34 -37.43
C GLU A 259 -4.62 -38.57 -36.13
N TYR A 260 -3.99 -37.49 -35.61
CA TYR A 260 -3.11 -37.63 -34.46
C TYR A 260 -2.85 -36.28 -33.81
N ALA A 261 -2.25 -36.33 -32.61
CA ALA A 261 -1.93 -35.16 -31.81
C ALA A 261 -0.43 -35.05 -31.59
N GLU A 262 0.11 -33.85 -31.84
CA GLU A 262 1.50 -33.56 -31.66
C GLU A 262 1.63 -33.02 -30.25
N VAL A 263 2.45 -33.69 -29.44
CA VAL A 263 2.50 -33.47 -28.01
C VAL A 263 3.95 -33.35 -27.57
N GLN A 264 4.21 -32.43 -26.63
CA GLN A 264 5.53 -32.28 -26.06
C GLN A 264 5.52 -32.92 -24.68
N SER A 265 6.16 -34.09 -24.54
CA SER A 265 6.54 -34.58 -23.23
C SER A 265 7.59 -33.60 -22.66
N THR A 266 7.39 -33.16 -21.41
CA THR A 266 8.31 -32.20 -20.81
C THR A 266 9.32 -32.92 -19.93
N GLU A 267 9.06 -34.18 -19.61
CA GLU A 267 10.08 -35.01 -18.96
C GLU A 267 9.71 -36.48 -19.11
N PRO A 268 10.48 -37.32 -19.86
CA PRO A 268 11.64 -36.86 -20.61
C PRO A 268 11.18 -36.00 -21.78
N TRP A 269 11.99 -35.00 -22.12
CA TRP A 269 11.63 -34.03 -23.13
C TRP A 269 11.76 -34.67 -24.51
N GLU A 270 10.63 -35.08 -25.07
CA GLU A 270 10.62 -35.79 -26.33
C GLU A 270 9.27 -35.52 -26.96
N LYS A 271 9.25 -35.53 -28.29
CA LYS A 271 8.02 -35.44 -29.06
C LYS A 271 7.24 -36.75 -28.94
N VAL A 272 5.91 -36.62 -28.90
CA VAL A 272 5.02 -37.76 -28.83
C VAL A 272 3.87 -37.54 -29.80
N GLU A 273 3.55 -38.61 -30.55
CA GLU A 273 2.44 -38.61 -31.48
C GLU A 273 1.37 -39.54 -30.90
N ILE A 274 0.12 -39.04 -30.85
CA ILE A 274 -0.97 -39.77 -30.22
C ILE A 274 -2.11 -39.94 -31.22
N TYR A 275 -2.29 -41.17 -31.70
CA TYR A 275 -3.31 -41.51 -32.69
C TYR A 275 -4.58 -41.99 -31.99
N ALA A 276 -5.76 -41.61 -32.50
CA ALA A 276 -7.00 -41.99 -31.88
C ALA A 276 -8.15 -41.94 -32.88
N ASP A 277 -9.21 -42.69 -32.57
CA ASP A 277 -10.43 -42.69 -33.38
C ASP A 277 -11.23 -41.40 -33.12
N ILE A 278 -11.13 -40.83 -31.90
CA ILE A 278 -11.88 -39.65 -31.50
C ILE A 278 -10.98 -38.72 -30.69
N PHE A 279 -11.10 -37.41 -30.90
CA PHE A 279 -10.35 -36.40 -30.16
C PHE A 279 -11.28 -35.42 -29.45
N ILE A 280 -10.89 -35.06 -28.21
CA ILE A 280 -11.69 -34.19 -27.38
C ILE A 280 -10.78 -33.16 -26.74
N VAL A 281 -11.12 -31.88 -26.89
CA VAL A 281 -10.35 -30.83 -26.25
C VAL A 281 -11.17 -30.22 -25.11
N ALA A 282 -10.69 -30.45 -23.88
CA ALA A 282 -11.24 -29.85 -22.67
C ALA A 282 -10.15 -29.07 -21.97
N ALA A 283 -9.51 -28.17 -22.70
CA ALA A 283 -8.41 -27.38 -22.19
C ALA A 283 -8.90 -26.02 -21.71
N ALA A 284 -10.22 -25.89 -21.56
CA ALA A 284 -10.84 -24.74 -20.92
C ALA A 284 -10.86 -23.56 -21.90
N ALA A 285 -11.31 -22.40 -21.39
CA ALA A 285 -11.93 -21.38 -22.21
C ALA A 285 -10.99 -20.85 -23.30
N ILE A 286 -9.71 -20.69 -22.97
CA ILE A 286 -8.79 -19.98 -23.85
C ILE A 286 -7.81 -20.95 -24.51
N LYS A 287 -7.32 -21.95 -23.76
CA LYS A 287 -6.29 -22.85 -24.25
C LYS A 287 -6.87 -23.81 -25.31
N THR A 288 -8.18 -24.10 -25.21
CA THR A 288 -8.86 -24.95 -26.16
C THR A 288 -8.82 -24.27 -27.55
N PRO A 289 -9.41 -23.06 -27.73
CA PRO A 289 -9.30 -22.36 -29.01
C PRO A 289 -7.85 -22.17 -29.46
N GLN A 290 -6.94 -21.94 -28.51
CA GLN A 290 -5.55 -21.79 -28.84
C GLN A 290 -5.07 -23.01 -29.61
N LEU A 291 -5.41 -24.20 -29.12
CA LEU A 291 -4.94 -25.44 -29.73
C LEU A 291 -5.46 -25.56 -31.15
N LEU A 292 -6.72 -25.16 -31.35
CA LEU A 292 -7.35 -25.23 -32.66
C LEU A 292 -6.66 -24.23 -33.58
N TRP A 293 -6.57 -22.98 -33.12
CA TRP A 293 -5.95 -21.90 -33.88
C TRP A 293 -4.60 -22.37 -34.42
N ASN A 294 -3.89 -23.12 -33.61
CA ASN A 294 -2.53 -23.56 -33.87
C ASN A 294 -2.55 -24.85 -34.70
N SER A 295 -3.73 -25.46 -34.84
CA SER A 295 -3.91 -26.64 -35.66
C SER A 295 -4.52 -26.25 -37.01
N GLN A 296 -4.55 -24.95 -37.31
CA GLN A 296 -5.09 -24.42 -38.56
C GLN A 296 -6.59 -24.62 -38.63
N ILE A 297 -7.28 -24.64 -37.48
CA ILE A 297 -8.72 -24.79 -37.47
C ILE A 297 -9.30 -23.52 -36.89
N ARG A 298 -9.84 -22.66 -37.76
CA ARG A 298 -10.27 -21.33 -37.34
C ARG A 298 -11.64 -21.03 -37.91
N PRO A 299 -12.72 -21.64 -37.39
CA PRO A 299 -14.07 -21.10 -37.58
C PRO A 299 -14.09 -19.62 -37.22
N LYS A 300 -14.99 -18.88 -37.88
CA LYS A 300 -15.09 -17.45 -37.70
C LYS A 300 -15.38 -17.11 -36.24
N ALA A 301 -16.07 -18.00 -35.52
CA ALA A 301 -16.60 -17.71 -34.19
C ALA A 301 -15.63 -18.07 -33.06
N LEU A 302 -14.44 -18.55 -33.43
CA LEU A 302 -13.49 -19.05 -32.47
C LEU A 302 -12.99 -17.91 -31.58
N GLY A 303 -13.09 -18.11 -30.26
CA GLY A 303 -12.65 -17.11 -29.31
C GLY A 303 -13.44 -15.81 -29.42
N CYS A 304 -14.56 -15.84 -30.13
CA CYS A 304 -15.47 -14.71 -30.12
C CYS A 304 -16.62 -15.06 -29.21
N TYR A 305 -17.44 -14.05 -28.93
CA TYR A 305 -18.54 -14.21 -27.99
C TYR A 305 -17.88 -14.61 -26.68
N LEU A 306 -16.77 -13.94 -26.37
CA LEU A 306 -16.12 -14.09 -25.09
C LEU A 306 -17.02 -13.43 -24.04
N SER A 307 -17.19 -14.15 -22.94
CA SER A 307 -18.23 -13.93 -21.95
C SER A 307 -17.78 -14.55 -20.63
N GLU A 308 -18.17 -13.94 -19.51
CA GLU A 308 -17.95 -14.53 -18.20
C GLU A 308 -19.12 -14.14 -17.30
N HIS A 309 -18.83 -13.84 -16.03
CA HIS A 309 -19.75 -13.12 -15.18
C HIS A 309 -19.08 -11.85 -14.68
N ILE A 310 -19.76 -10.73 -14.82
CA ILE A 310 -19.40 -9.56 -14.03
C ILE A 310 -19.77 -9.89 -12.59
N MET A 311 -18.88 -9.54 -11.67
CA MET A 311 -19.01 -9.96 -10.28
C MET A 311 -18.98 -8.77 -9.33
N THR A 312 -19.82 -8.83 -8.30
CA THR A 312 -19.57 -8.03 -7.12
C THR A 312 -19.15 -8.98 -6.01
N PHE A 313 -18.31 -8.45 -5.13
CA PHE A 313 -17.86 -9.21 -3.99
C PHE A 313 -17.70 -8.26 -2.81
N GLY A 314 -17.84 -8.83 -1.62
CA GLY A 314 -17.60 -8.11 -0.39
C GLY A 314 -17.66 -9.09 0.78
N GLN A 315 -17.11 -8.67 1.91
CA GLN A 315 -17.13 -9.48 3.11
C GLN A 315 -17.73 -8.66 4.23
N ILE A 316 -18.40 -9.36 5.16
CA ILE A 316 -19.00 -8.69 6.29
C ILE A 316 -18.63 -9.43 7.57
N VAL A 317 -18.60 -8.64 8.66
CA VAL A 317 -18.49 -9.13 10.02
C VAL A 317 -19.91 -9.28 10.59
N LEU A 318 -20.20 -10.45 11.17
CA LEU A 318 -21.53 -10.77 11.64
C LEU A 318 -21.99 -9.75 12.68
N SER A 319 -23.28 -9.38 12.59
CA SER A 319 -23.91 -8.52 13.59
C SER A 319 -23.75 -9.15 14.98
N LYS A 320 -23.74 -8.32 16.01
CA LYS A 320 -23.75 -8.80 17.38
C LYS A 320 -25.04 -9.56 17.65
N GLU A 321 -26.13 -9.12 17.03
CA GLU A 321 -27.42 -9.75 17.23
C GLU A 321 -27.32 -11.23 16.85
N ILE A 322 -26.75 -11.51 15.67
CA ILE A 322 -26.62 -12.87 15.18
C ILE A 322 -25.77 -13.69 16.14
N VAL A 323 -24.63 -13.14 16.56
CA VAL A 323 -23.71 -13.89 17.40
C VAL A 323 -24.43 -14.26 18.69
N ALA A 324 -25.11 -13.29 19.29
CA ALA A 324 -25.91 -13.54 20.48
C ALA A 324 -26.80 -14.77 20.30
N GLU A 325 -27.44 -14.91 19.14
CA GLU A 325 -28.44 -15.95 18.88
C GLU A 325 -27.84 -17.35 18.75
N ILE A 326 -26.51 -17.51 18.89
CA ILE A 326 -25.83 -18.76 18.63
C ILE A 326 -24.89 -19.09 19.79
N TYR A 333 -18.98 -31.59 17.67
CA TYR A 333 -18.49 -32.76 16.89
C TYR A 333 -17.32 -33.51 17.54
N PHE A 334 -16.33 -32.77 18.04
CA PHE A 334 -15.10 -33.37 18.58
C PHE A 334 -15.20 -33.40 20.10
N LYS A 335 -16.18 -34.14 20.62
CA LYS A 335 -16.41 -34.25 22.05
C LYS A 335 -15.35 -35.14 22.69
N GLU A 336 -14.83 -36.10 21.90
CA GLU A 336 -13.84 -37.05 22.39
C GLU A 336 -12.41 -36.54 22.10
N SER A 337 -12.27 -35.27 21.70
CA SER A 337 -10.95 -34.66 21.56
C SER A 337 -11.02 -33.17 21.93
N PRO A 338 -11.07 -32.83 23.25
CA PRO A 338 -11.12 -31.44 23.69
C PRO A 338 -10.08 -30.50 23.10
N LYS A 339 -8.89 -31.02 22.77
CA LYS A 339 -7.75 -30.19 22.36
C LYS A 339 -7.94 -29.66 20.94
N MET A 340 -9.02 -30.10 20.28
CA MET A 340 -9.30 -29.66 18.92
C MET A 340 -9.97 -28.29 18.94
N PHE A 341 -10.38 -27.81 20.14
CA PHE A 341 -10.94 -26.48 20.32
C PHE A 341 -9.87 -25.49 20.79
N HIS A 342 -8.64 -25.97 20.97
CA HIS A 342 -7.45 -25.15 21.24
C HIS A 342 -7.48 -24.47 22.62
N VAL A 343 -8.29 -24.96 23.58
CA VAL A 343 -8.25 -24.37 24.92
C VAL A 343 -8.49 -25.45 25.97
N ALA A 344 -7.93 -25.20 27.16
CA ALA A 344 -8.08 -26.07 28.31
C ALA A 344 -7.84 -25.27 29.59
N GLY A 345 -8.40 -25.75 30.71
CA GLY A 345 -8.36 -25.06 31.97
C GLY A 345 -8.89 -23.63 31.86
N ASN A 346 -8.04 -22.68 32.29
CA ASN A 346 -8.45 -21.31 32.53
C ASN A 346 -8.68 -20.53 31.23
N GLN A 347 -8.06 -20.97 30.14
CA GLN A 347 -8.19 -20.28 28.88
C GLN A 347 -9.51 -20.69 28.23
N LYS A 348 -10.27 -19.70 27.76
CA LYS A 348 -11.44 -19.96 26.92
C LYS A 348 -11.26 -19.28 25.57
N ASP A 349 -12.08 -19.69 24.61
CA ASP A 349 -12.06 -19.09 23.28
C ASP A 349 -12.96 -17.86 23.30
N PRO A 350 -12.45 -16.62 23.13
CA PRO A 350 -13.28 -15.43 23.25
C PRO A 350 -14.27 -15.26 22.09
N ILE A 351 -14.14 -16.08 21.03
CA ILE A 351 -15.12 -16.08 19.94
C ILE A 351 -16.30 -16.97 20.31
N ASP A 352 -17.51 -16.40 20.33
CA ASP A 352 -18.69 -17.12 20.80
C ASP A 352 -19.38 -17.82 19.65
N ILE A 353 -18.63 -18.56 18.85
CA ILE A 353 -19.24 -19.21 17.70
C ILE A 353 -18.67 -20.62 17.58
N PRO A 354 -19.49 -21.67 17.80
CA PRO A 354 -19.00 -23.03 17.83
C PRO A 354 -17.97 -23.25 16.72
N LEU A 355 -16.81 -23.75 17.12
CA LEU A 355 -15.68 -23.83 16.22
C LEU A 355 -15.98 -24.78 15.08
N TYR A 356 -16.90 -25.73 15.27
CA TYR A 356 -17.18 -26.70 14.22
C TYR A 356 -18.59 -26.49 13.69
N ASP A 357 -19.12 -25.29 13.95
CA ASP A 357 -20.35 -24.88 13.29
C ASP A 357 -20.09 -24.93 11.79
N PRO A 358 -20.81 -25.78 11.03
CA PRO A 358 -20.62 -25.83 9.58
C PRO A 358 -20.71 -24.43 8.98
N ASP A 359 -19.90 -24.18 7.94
CA ASP A 359 -19.81 -22.84 7.36
C ASP A 359 -21.15 -22.48 6.71
N PRO A 360 -21.62 -21.21 6.81
CA PRO A 360 -22.86 -20.81 6.14
C PRO A 360 -22.60 -20.90 4.64
N THR A 361 -23.45 -21.64 3.93
CA THR A 361 -23.26 -21.82 2.50
C THR A 361 -24.60 -21.79 1.78
N LEU A 362 -25.06 -20.55 1.54
CA LEU A 362 -26.39 -20.28 1.00
C LEU A 362 -26.29 -19.79 -0.42
N TRP A 363 -27.38 -19.94 -1.20
CA TRP A 363 -27.52 -19.15 -2.41
C TRP A 363 -28.94 -18.66 -2.62
N ILE A 364 -29.00 -17.53 -3.31
CA ILE A 364 -30.19 -17.06 -3.99
C ILE A 364 -29.97 -17.31 -5.47
N PRO A 365 -30.80 -18.16 -6.11
CA PRO A 365 -30.75 -18.33 -7.56
C PRO A 365 -30.93 -17.08 -8.42
N VAL A 366 -30.72 -17.30 -9.72
CA VAL A 366 -31.24 -16.41 -10.75
C VAL A 366 -32.71 -16.77 -10.87
N GLN A 367 -33.52 -15.73 -11.12
CA GLN A 367 -34.98 -15.77 -11.05
C GLN A 367 -35.54 -14.64 -11.91
N LYS A 368 -36.88 -14.54 -12.00
CA LYS A 368 -37.55 -13.37 -12.52
C LYS A 368 -37.01 -12.11 -11.83
N ASP A 369 -36.79 -11.05 -12.61
CA ASP A 369 -36.33 -9.74 -12.16
C ASP A 369 -34.90 -9.75 -11.59
N ARG A 370 -34.22 -10.89 -11.59
CA ARG A 370 -32.97 -11.07 -10.88
C ARG A 370 -31.98 -11.88 -11.71
N PRO A 371 -31.52 -11.35 -12.87
CA PRO A 371 -30.51 -12.05 -13.69
C PRO A 371 -29.13 -12.00 -13.04
N TRP A 372 -29.04 -12.61 -11.84
CA TRP A 372 -27.78 -12.76 -11.15
C TRP A 372 -27.91 -13.71 -9.96
N HIS A 373 -26.75 -14.30 -9.69
CA HIS A 373 -26.61 -15.48 -8.88
C HIS A 373 -25.81 -15.08 -7.64
N CYS A 374 -26.45 -15.16 -6.47
CA CYS A 374 -25.85 -14.75 -5.23
C CYS A 374 -25.34 -15.97 -4.46
N GLN A 375 -24.16 -15.84 -3.86
CA GLN A 375 -23.64 -16.83 -2.92
C GLN A 375 -23.29 -16.12 -1.62
N ILE A 376 -23.88 -16.58 -0.51
CA ILE A 376 -23.53 -16.12 0.83
C ILE A 376 -22.80 -17.27 1.50
N HIS A 377 -21.46 -17.20 1.53
CA HIS A 377 -20.65 -18.33 1.94
C HIS A 377 -19.27 -17.87 2.42
N LYS A 378 -18.40 -18.87 2.64
CA LYS A 378 -17.00 -18.63 2.92
C LYS A 378 -16.15 -19.65 2.16
N ASP A 379 -15.44 -19.22 1.12
CA ASP A 379 -14.48 -20.10 0.47
C ASP A 379 -13.24 -19.31 0.04
N ASN A 380 -12.36 -20.04 -0.64
CA ASN A 380 -10.95 -19.71 -0.79
C ASN A 380 -10.68 -19.34 -2.24
N PHE A 381 -10.28 -18.07 -2.41
CA PHE A 381 -10.02 -17.47 -3.71
C PHE A 381 -8.78 -16.59 -3.57
N SER A 382 -8.30 -16.09 -4.72
CA SER A 382 -7.15 -15.20 -4.80
C SER A 382 -7.41 -13.92 -3.99
N TYR A 383 -8.67 -13.50 -3.93
CA TYR A 383 -9.02 -12.20 -3.39
C TYR A 383 -9.77 -12.41 -2.08
N GLY A 384 -9.88 -11.33 -1.31
CA GLY A 384 -10.56 -11.35 -0.04
C GLY A 384 -10.20 -12.59 0.77
N ILE A 385 -8.91 -12.75 1.00
CA ILE A 385 -8.42 -13.69 1.99
C ILE A 385 -8.53 -12.98 3.31
N VAL A 386 -9.08 -13.66 4.32
CA VAL A 386 -9.20 -13.03 5.60
C VAL A 386 -7.83 -13.00 6.27
N PRO A 387 -7.40 -11.85 6.85
CA PRO A 387 -6.15 -11.77 7.63
C PRO A 387 -5.84 -12.91 8.59
N ASP A 388 -4.54 -13.20 8.72
CA ASP A 388 -3.97 -14.29 9.49
C ASP A 388 -4.41 -14.28 10.96
N ASN A 389 -4.53 -13.07 11.48
CA ASN A 389 -4.72 -12.79 12.90
C ASN A 389 -6.19 -12.53 13.23
N ILE A 390 -7.10 -12.91 12.32
CA ILE A 390 -8.52 -12.71 12.56
C ILE A 390 -9.27 -14.01 12.38
N ASP A 391 -10.05 -14.32 13.41
CA ASP A 391 -10.80 -15.55 13.46
C ASP A 391 -11.87 -15.50 12.37
N ASP A 392 -11.77 -16.39 11.37
CA ASP A 392 -12.56 -16.24 10.16
C ASP A 392 -14.01 -16.67 10.38
N ARG A 393 -14.36 -17.09 11.59
CA ARG A 393 -15.75 -17.29 11.96
C ARG A 393 -16.53 -15.96 11.95
N LEU A 394 -15.81 -14.85 12.12
CA LEU A 394 -16.41 -13.52 12.19
C LEU A 394 -16.91 -13.07 10.82
N VAL A 395 -16.50 -13.73 9.74
CA VAL A 395 -16.67 -13.14 8.42
C VAL A 395 -17.54 -14.02 7.54
N VAL A 396 -18.24 -13.36 6.62
CA VAL A 396 -18.94 -14.05 5.56
C VAL A 396 -18.65 -13.34 4.25
N ASP A 397 -18.37 -14.15 3.22
CA ASP A 397 -18.03 -13.68 1.89
C ASP A 397 -19.32 -13.61 1.07
N LEU A 398 -19.42 -12.62 0.19
CA LEU A 398 -20.56 -12.47 -0.71
C LEU A 398 -20.04 -12.42 -2.13
N ARG A 399 -20.66 -13.19 -3.03
CA ARG A 399 -20.25 -13.20 -4.42
C ARG A 399 -21.47 -13.25 -5.31
N TRP A 400 -21.76 -12.13 -5.97
CA TRP A 400 -22.81 -12.05 -6.96
C TRP A 400 -22.20 -12.17 -8.36
N PHE A 401 -22.89 -12.91 -9.23
CA PHE A 401 -22.45 -13.19 -10.58
C PHE A 401 -23.54 -12.76 -11.56
N GLY A 402 -23.18 -11.86 -12.47
CA GLY A 402 -24.15 -11.22 -13.36
C GLY A 402 -24.02 -11.69 -14.81
N PHE A 403 -25.05 -11.40 -15.61
CA PHE A 403 -25.12 -11.86 -16.98
C PHE A 403 -24.13 -11.06 -17.83
N VAL A 404 -23.32 -11.78 -18.63
CA VAL A 404 -22.46 -11.15 -19.62
C VAL A 404 -22.92 -11.61 -20.99
N ASP A 405 -23.35 -10.62 -21.80
CA ASP A 405 -23.92 -10.90 -23.09
C ASP A 405 -22.81 -11.30 -24.05
N GLN A 406 -23.08 -12.34 -24.84
CA GLN A 406 -22.09 -12.90 -25.74
C GLN A 406 -22.09 -12.14 -27.06
N MET A 407 -20.97 -11.51 -27.38
CA MET A 407 -20.92 -10.60 -28.51
C MET A 407 -19.63 -10.84 -29.30
N PRO A 408 -19.66 -10.71 -30.64
CA PRO A 408 -18.51 -11.07 -31.46
C PRO A 408 -17.39 -10.05 -31.42
N THR A 409 -17.69 -8.82 -30.96
CA THR A 409 -16.69 -7.77 -30.83
C THR A 409 -15.87 -7.94 -29.55
N ASN A 410 -16.29 -8.88 -28.67
CA ASN A 410 -15.47 -9.40 -27.58
C ASN A 410 -14.84 -10.74 -27.97
N TYR A 411 -13.52 -10.82 -27.80
CA TYR A 411 -12.81 -11.99 -28.26
C TYR A 411 -11.42 -12.09 -27.65
N VAL A 412 -10.91 -13.32 -27.66
CA VAL A 412 -9.49 -13.59 -27.58
C VAL A 412 -9.01 -13.91 -28.99
N THR A 413 -7.86 -13.36 -29.37
CA THR A 413 -7.19 -13.76 -30.61
C THR A 413 -5.78 -14.26 -30.25
N PHE A 414 -5.01 -14.64 -31.27
CA PHE A 414 -3.74 -15.32 -31.03
C PHE A 414 -2.67 -14.76 -31.97
N GLU A 415 -1.60 -14.21 -31.40
CA GLU A 415 -0.54 -13.60 -32.18
C GLU A 415 0.15 -14.70 -32.97
N GLU A 416 0.66 -14.34 -34.16
CA GLU A 416 1.38 -15.27 -34.99
C GLU A 416 2.86 -15.25 -34.65
N GLU A 417 3.36 -14.14 -34.10
CA GLU A 417 4.80 -13.95 -33.89
C GLU A 417 5.18 -13.88 -32.40
N ILE A 418 4.26 -14.21 -31.49
CA ILE A 418 4.57 -14.25 -30.07
C ILE A 418 4.00 -15.55 -29.53
N PHE A 419 4.64 -16.10 -28.49
CA PHE A 419 4.21 -17.37 -27.95
C PHE A 419 4.21 -17.26 -26.42
N ASP A 420 3.48 -18.20 -25.81
CA ASP A 420 3.25 -18.19 -24.38
C ASP A 420 4.26 -19.12 -23.75
N ILE A 421 3.98 -19.54 -22.52
CA ILE A 421 4.91 -20.35 -21.76
C ILE A 421 5.00 -21.78 -22.31
N HIS A 422 3.99 -22.21 -23.07
CA HIS A 422 3.96 -23.54 -23.66
C HIS A 422 4.44 -23.46 -25.12
N GLY A 423 4.88 -22.27 -25.50
CA GLY A 423 5.36 -22.03 -26.86
C GLY A 423 4.22 -22.13 -27.87
N MET A 424 3.04 -21.68 -27.48
CA MET A 424 1.90 -21.69 -28.37
C MET A 424 1.42 -20.26 -28.57
N PRO A 425 0.70 -19.95 -29.65
CA PRO A 425 0.34 -18.57 -29.97
C PRO A 425 -0.13 -17.77 -28.76
N GLN A 426 0.54 -16.65 -28.52
CA GLN A 426 0.23 -15.78 -27.40
C GLN A 426 -1.20 -15.28 -27.55
N PRO A 427 -2.10 -15.54 -26.57
CA PRO A 427 -3.43 -14.94 -26.55
C PRO A 427 -3.43 -13.43 -26.31
N THR A 428 -4.36 -12.75 -26.99
CA THR A 428 -4.58 -11.33 -26.84
C THR A 428 -6.08 -11.10 -26.69
N PHE A 429 -6.49 -10.34 -25.66
CA PHE A 429 -7.89 -10.10 -25.41
C PHE A 429 -8.34 -8.77 -26.02
N HIS A 430 -9.57 -8.76 -26.53
CA HIS A 430 -10.30 -7.52 -26.72
C HIS A 430 -11.68 -7.70 -26.09
N PHE A 431 -11.85 -7.16 -24.88
CA PHE A 431 -13.04 -7.44 -24.08
C PHE A 431 -13.52 -6.19 -23.35
N GLN A 432 -14.84 -5.96 -23.41
CA GLN A 432 -15.50 -5.00 -22.54
C GLN A 432 -16.89 -5.51 -22.20
N TYR A 433 -17.34 -5.21 -20.98
CA TYR A 433 -18.69 -5.55 -20.56
C TYR A 433 -19.69 -4.81 -21.45
N PRO A 434 -20.60 -5.53 -22.12
CA PRO A 434 -21.67 -4.92 -22.93
C PRO A 434 -22.57 -3.91 -22.20
N GLU A 435 -22.80 -2.74 -22.81
CA GLU A 435 -23.56 -1.66 -22.20
C GLU A 435 -24.93 -2.14 -21.70
N GLN A 436 -25.54 -3.11 -22.40
CA GLN A 436 -26.87 -3.59 -22.05
C GLN A 436 -26.91 -4.17 -20.64
N ASP A 437 -25.83 -4.88 -20.23
CA ASP A 437 -25.83 -5.62 -18.96
C ASP A 437 -25.47 -4.69 -17.80
N ALA A 438 -25.23 -3.42 -18.13
CA ALA A 438 -24.69 -2.46 -17.19
C ALA A 438 -25.69 -2.17 -16.08
N GLU A 439 -26.96 -1.93 -16.45
CA GLU A 439 -27.92 -1.49 -15.45
C GLU A 439 -28.20 -2.64 -14.50
N ASN A 440 -28.19 -3.90 -14.97
CA ASN A 440 -28.42 -5.07 -14.12
C ASN A 440 -27.24 -5.32 -13.19
N ALA A 441 -26.04 -5.05 -13.68
CA ALA A 441 -24.86 -5.20 -12.85
C ALA A 441 -25.01 -4.29 -11.63
N HIS A 442 -25.42 -3.03 -11.87
CA HIS A 442 -25.55 -2.04 -10.82
C HIS A 442 -26.61 -2.49 -9.81
N ARG A 443 -27.68 -3.10 -10.32
CA ARG A 443 -28.72 -3.64 -9.48
C ARG A 443 -28.13 -4.78 -8.65
N MET A 444 -27.24 -5.56 -9.25
CA MET A 444 -26.57 -6.63 -8.53
C MET A 444 -25.94 -6.08 -7.25
N MET A 445 -25.25 -4.93 -7.40
CA MET A 445 -24.51 -4.32 -6.30
C MET A 445 -25.46 -3.85 -5.19
N GLN A 446 -26.45 -3.04 -5.58
CA GLN A 446 -27.45 -2.56 -4.65
C GLN A 446 -27.97 -3.74 -3.84
N ASP A 447 -28.23 -4.87 -4.52
CA ASP A 447 -28.71 -6.08 -3.89
C ASP A 447 -27.69 -6.59 -2.90
N MET A 448 -26.46 -6.83 -3.37
CA MET A 448 -25.41 -7.46 -2.57
C MET A 448 -25.20 -6.68 -1.28
N THR A 449 -25.15 -5.34 -1.37
CA THR A 449 -24.93 -4.45 -0.23
C THR A 449 -26.01 -4.63 0.84
N GLU A 450 -27.25 -4.39 0.41
CA GLU A 450 -28.41 -4.43 1.28
C GLU A 450 -28.36 -5.73 2.09
N VAL A 451 -28.11 -6.84 1.37
CA VAL A 451 -28.04 -8.18 1.94
C VAL A 451 -26.93 -8.26 2.99
N GLY A 452 -25.74 -7.80 2.63
CA GLY A 452 -24.63 -7.79 3.56
C GLY A 452 -24.98 -7.02 4.84
N LEU A 453 -25.45 -5.78 4.65
CA LEU A 453 -25.71 -4.90 5.78
C LEU A 453 -26.90 -5.38 6.60
N SER A 454 -27.63 -6.37 6.10
CA SER A 454 -28.71 -6.94 6.88
C SER A 454 -28.18 -8.00 7.86
N ILE A 455 -26.96 -8.51 7.66
CA ILE A 455 -26.44 -9.58 8.51
C ILE A 455 -25.22 -9.10 9.29
N GLY A 456 -24.89 -7.81 9.19
CA GLY A 456 -23.79 -7.23 9.94
C GLY A 456 -23.23 -6.03 9.20
N GLY A 457 -22.01 -5.61 9.59
CA GLY A 457 -21.30 -4.50 8.97
C GLY A 457 -20.19 -5.02 8.07
N PHE A 458 -19.64 -4.16 7.21
CA PHE A 458 -18.60 -4.60 6.30
C PHE A 458 -17.30 -4.74 7.07
N LEU A 459 -16.53 -5.77 6.68
CA LEU A 459 -15.14 -5.86 7.05
C LEU A 459 -14.42 -4.67 6.45
N PRO A 460 -13.94 -3.70 7.29
CA PRO A 460 -13.45 -2.41 6.78
C PRO A 460 -12.03 -2.38 6.24
N THR A 461 -11.46 -3.56 5.92
CA THR A 461 -10.20 -3.61 5.19
C THR A 461 -10.46 -3.14 3.76
N PRO A 462 -9.48 -2.52 3.07
CA PRO A 462 -9.61 -2.30 1.63
C PRO A 462 -9.98 -3.58 0.90
N GLU A 463 -9.33 -4.71 1.22
CA GLU A 463 -9.43 -5.94 0.46
C GLU A 463 -10.83 -6.55 0.51
N ALA A 464 -11.61 -6.23 1.54
CA ALA A 464 -12.94 -6.80 1.74
C ALA A 464 -14.07 -5.82 1.43
N ARG A 465 -13.71 -4.61 0.97
CA ARG A 465 -14.71 -3.61 0.65
C ARG A 465 -15.60 -4.18 -0.43
N PRO A 466 -16.84 -3.65 -0.57
CA PRO A 466 -17.71 -4.07 -1.66
C PRO A 466 -17.26 -3.43 -2.97
N GLN A 467 -17.29 -4.18 -4.06
CA GLN A 467 -16.54 -3.77 -5.24
C GLN A 467 -16.85 -4.69 -6.40
N PHE A 468 -16.67 -4.17 -7.62
CA PHE A 468 -16.70 -5.01 -8.81
C PHE A 468 -15.31 -5.58 -9.02
N MET A 469 -15.26 -6.84 -9.43
CA MET A 469 -13.97 -7.46 -9.73
C MET A 469 -13.52 -7.04 -11.12
N ALA A 470 -12.20 -7.01 -11.32
CA ALA A 470 -11.68 -6.75 -12.64
C ALA A 470 -12.02 -7.93 -13.54
N PRO A 471 -12.21 -7.70 -14.86
CA PRO A 471 -12.60 -8.78 -15.76
C PRO A 471 -11.64 -9.96 -15.63
N GLY A 472 -12.23 -11.16 -15.54
CA GLY A 472 -11.47 -12.41 -15.50
C GLY A 472 -11.65 -13.10 -14.16
N SER A 473 -12.03 -12.31 -13.15
CA SER A 473 -11.95 -12.70 -11.77
C SER A 473 -12.92 -13.83 -11.47
N SER A 474 -13.95 -13.93 -12.30
CA SER A 474 -15.00 -14.90 -12.09
C SER A 474 -14.45 -16.31 -12.29
N LEU A 475 -13.46 -16.43 -13.19
CA LEU A 475 -12.98 -17.69 -13.70
C LEU A 475 -14.11 -18.50 -14.34
N HIS A 476 -15.16 -17.81 -14.77
CA HIS A 476 -16.30 -18.45 -15.39
C HIS A 476 -16.37 -17.98 -16.85
N SER A 477 -15.29 -18.20 -17.61
CA SER A 477 -15.23 -17.80 -19.01
C SER A 477 -16.03 -18.78 -19.88
N MET A 478 -16.70 -18.23 -20.92
CA MET A 478 -17.66 -18.95 -21.75
C MET A 478 -17.74 -18.35 -23.15
N GLY A 479 -18.29 -19.11 -24.10
CA GLY A 479 -18.66 -18.59 -25.40
C GLY A 479 -17.57 -18.67 -26.48
N THR A 480 -16.33 -18.94 -26.06
CA THR A 480 -15.19 -18.88 -26.95
C THR A 480 -15.29 -19.96 -28.02
N TYR A 481 -15.75 -21.17 -27.63
CA TYR A 481 -16.01 -22.22 -28.62
C TYR A 481 -17.47 -22.66 -28.56
N ARG A 482 -18.38 -21.68 -28.63
CA ARG A 482 -19.80 -21.87 -28.32
C ARG A 482 -20.49 -22.79 -29.32
N MET A 483 -21.64 -23.34 -28.91
CA MET A 483 -22.40 -24.25 -29.74
C MET A 483 -23.56 -23.50 -30.41
N GLY A 484 -24.05 -24.07 -31.51
CA GLY A 484 -25.27 -23.59 -32.14
C GLY A 484 -25.99 -24.76 -32.82
N GLU A 485 -27.04 -24.45 -33.56
CA GLU A 485 -27.82 -25.46 -34.24
C GLU A 485 -27.33 -25.70 -35.66
N SER A 486 -26.69 -24.69 -36.28
CA SER A 486 -26.18 -24.83 -37.64
C SER A 486 -24.86 -24.07 -37.80
N ASP A 487 -24.15 -24.43 -38.88
CA ASP A 487 -22.87 -23.84 -39.20
C ASP A 487 -23.16 -22.44 -39.74
N ASP A 488 -23.57 -21.65 -38.77
CA ASP A 488 -24.17 -20.35 -38.97
C ASP A 488 -23.02 -19.35 -39.16
N GLY A 489 -21.82 -19.70 -38.69
CA GLY A 489 -20.74 -18.75 -38.54
C GLY A 489 -20.76 -18.05 -37.18
N THR A 490 -21.80 -18.32 -36.38
CA THR A 490 -21.91 -17.80 -35.02
C THR A 490 -21.47 -18.84 -33.98
N SER A 491 -21.11 -20.06 -34.39
CA SER A 491 -20.78 -21.11 -33.45
C SER A 491 -19.61 -21.96 -33.95
N VAL A 492 -18.91 -22.60 -33.01
CA VAL A 492 -17.82 -23.50 -33.33
C VAL A 492 -18.29 -24.95 -33.34
N VAL A 493 -19.11 -25.32 -32.35
CA VAL A 493 -19.58 -26.69 -32.22
C VAL A 493 -21.10 -26.74 -32.41
N ASP A 494 -21.58 -27.96 -32.70
CA ASP A 494 -22.99 -28.26 -32.74
C ASP A 494 -23.45 -28.63 -31.33
N ALA A 495 -24.74 -29.02 -31.21
CA ALA A 495 -25.34 -29.34 -29.92
C ALA A 495 -24.82 -30.68 -29.38
N HIS A 496 -24.06 -31.44 -30.18
CA HIS A 496 -23.35 -32.60 -29.67
C HIS A 496 -21.90 -32.24 -29.36
N SER A 497 -21.63 -30.94 -29.22
CA SER A 497 -20.33 -30.41 -28.84
C SER A 497 -19.26 -30.83 -29.87
N LYS A 498 -19.65 -30.93 -31.14
CA LYS A 498 -18.77 -31.40 -32.18
C LYS A 498 -18.47 -30.28 -33.17
N VAL A 499 -17.22 -30.22 -33.63
CA VAL A 499 -16.76 -29.05 -34.34
C VAL A 499 -17.28 -29.09 -35.78
N TRP A 500 -17.82 -27.94 -36.23
CA TRP A 500 -18.36 -27.81 -37.56
C TRP A 500 -17.29 -28.21 -38.58
N GLY A 501 -17.65 -29.19 -39.42
CA GLY A 501 -16.84 -29.58 -40.56
C GLY A 501 -15.90 -30.73 -40.24
N PHE A 502 -16.09 -31.37 -39.06
CA PHE A 502 -15.19 -32.43 -38.63
C PHE A 502 -15.98 -33.65 -38.18
N ASP A 503 -15.46 -34.83 -38.53
CA ASP A 503 -16.09 -36.10 -38.21
C ASP A 503 -15.98 -36.37 -36.71
N ASN A 504 -14.78 -36.20 -36.14
CA ASN A 504 -14.41 -36.87 -34.92
C ASN A 504 -13.67 -35.95 -33.95
N LEU A 505 -13.95 -34.64 -33.99
CA LEU A 505 -13.38 -33.69 -33.05
C LEU A 505 -14.48 -33.03 -32.22
N TYR A 506 -14.33 -33.09 -30.89
CA TYR A 506 -15.30 -32.55 -29.94
C TYR A 506 -14.60 -31.61 -28.97
N LEU A 507 -15.36 -30.64 -28.43
CA LEU A 507 -14.86 -29.77 -27.37
C LEU A 507 -15.70 -29.95 -26.10
N GLY A 508 -15.11 -29.58 -24.96
CA GLY A 508 -15.81 -29.54 -23.69
C GLY A 508 -15.41 -28.32 -22.89
N GLY A 509 -16.34 -27.83 -22.07
CA GLY A 509 -16.02 -26.76 -21.14
C GLY A 509 -16.98 -25.59 -21.27
N PRO A 510 -16.97 -24.66 -20.30
CA PRO A 510 -17.84 -23.47 -20.36
C PRO A 510 -17.80 -22.72 -21.69
N GLY A 511 -16.65 -22.81 -22.39
CA GLY A 511 -16.48 -22.22 -23.71
C GLY A 511 -17.61 -22.57 -24.67
N VAL A 512 -18.22 -23.74 -24.48
CA VAL A 512 -19.30 -24.26 -25.30
C VAL A 512 -20.61 -23.49 -25.08
N ILE A 513 -20.82 -22.97 -23.87
CA ILE A 513 -22.10 -22.33 -23.55
C ILE A 513 -22.31 -21.11 -24.46
N PRO A 514 -23.45 -21.04 -25.21
CA PRO A 514 -23.76 -19.87 -26.02
C PRO A 514 -24.71 -18.83 -25.45
N LYS A 515 -25.07 -18.97 -24.17
CA LYS A 515 -26.21 -18.29 -23.59
C LYS A 515 -25.84 -17.61 -22.27
N PRO A 516 -25.87 -16.26 -22.23
CA PRO A 516 -25.58 -15.48 -21.03
C PRO A 516 -26.28 -16.07 -19.82
N ASN A 517 -25.54 -16.21 -18.72
CA ASN A 517 -26.10 -16.71 -17.47
C ASN A 517 -25.32 -16.09 -16.30
N GLY A 518 -25.75 -16.43 -15.08
CA GLY A 518 -25.13 -15.95 -13.86
C GLY A 518 -24.53 -17.05 -13.00
N ALA A 519 -24.94 -18.30 -13.24
CA ALA A 519 -24.63 -19.39 -12.34
C ALA A 519 -23.26 -19.97 -12.65
N ASN A 520 -22.75 -20.74 -11.69
CA ASN A 520 -21.47 -21.42 -11.79
C ASN A 520 -21.58 -22.53 -12.83
N PRO A 521 -20.85 -22.37 -13.96
CA PRO A 521 -21.09 -23.13 -15.18
C PRO A 521 -20.54 -24.55 -15.27
N THR A 522 -19.72 -24.95 -14.30
CA THR A 522 -19.00 -26.20 -14.43
C THR A 522 -19.98 -27.36 -14.58
N LEU A 523 -21.03 -27.40 -13.74
CA LEU A 523 -21.93 -28.55 -13.73
C LEU A 523 -22.58 -28.67 -15.11
N THR A 524 -23.08 -27.53 -15.58
CA THR A 524 -23.66 -27.37 -16.89
C THR A 524 -22.72 -27.97 -17.94
N ALA A 525 -21.45 -27.56 -17.91
CA ALA A 525 -20.50 -27.97 -18.93
C ALA A 525 -20.41 -29.49 -18.96
N ALA A 526 -20.41 -30.09 -17.75
CA ALA A 526 -20.28 -31.53 -17.61
C ALA A 526 -21.50 -32.23 -18.20
N ALA A 527 -22.65 -31.59 -18.09
CA ALA A 527 -23.85 -32.11 -18.73
C ALA A 527 -23.64 -32.28 -20.23
N LEU A 528 -23.21 -31.19 -20.88
CA LEU A 528 -23.15 -31.13 -22.34
C LEU A 528 -22.13 -32.13 -22.83
N ALA A 529 -21.13 -32.38 -21.97
CA ALA A 529 -20.08 -33.34 -22.26
C ALA A 529 -20.67 -34.75 -22.31
N ILE A 530 -21.41 -35.10 -21.25
CA ILE A 530 -22.09 -36.39 -21.18
C ILE A 530 -22.89 -36.56 -22.48
N ARG A 531 -23.56 -35.49 -22.92
CA ARG A 531 -24.37 -35.51 -24.12
C ARG A 531 -23.48 -35.86 -25.31
N ALA A 532 -22.41 -35.09 -25.50
CA ALA A 532 -21.46 -35.36 -26.56
C ALA A 532 -20.95 -36.80 -26.44
N ALA A 533 -20.69 -37.24 -25.21
CA ALA A 533 -20.15 -38.57 -24.99
C ALA A 533 -21.13 -39.64 -25.48
N ASN A 534 -22.42 -39.45 -25.19
CA ASN A 534 -23.43 -40.38 -25.67
C ASN A 534 -23.41 -40.36 -27.19
N HIS A 535 -23.31 -39.17 -27.78
CA HIS A 535 -23.29 -39.05 -29.23
C HIS A 535 -22.14 -39.86 -29.79
N ILE A 536 -21.04 -39.92 -29.04
CA ILE A 536 -19.87 -40.66 -29.46
C ILE A 536 -20.10 -42.15 -29.31
N LEU A 537 -20.76 -42.55 -28.23
CA LEU A 537 -21.04 -43.95 -27.99
C LEU A 537 -22.00 -44.49 -29.05
N ARG A 538 -23.01 -43.69 -29.42
CA ARG A 538 -24.08 -44.13 -30.31
C ARG A 538 -23.52 -44.55 -31.67
N ASN A 539 -22.45 -43.91 -32.14
CA ASN A 539 -21.95 -44.17 -33.49
C ASN A 539 -20.43 -44.28 -33.44
N CYS B 9 -4.50 -49.19 13.30
CA CYS B 9 -4.66 -49.25 14.78
C CYS B 9 -3.29 -49.43 15.46
N LYS B 10 -2.66 -50.62 15.32
CA LYS B 10 -1.42 -50.94 16.02
C LYS B 10 -0.44 -51.64 15.06
N ILE B 11 0.74 -51.02 14.79
CA ILE B 11 1.77 -51.65 13.96
C ILE B 11 3.16 -51.12 14.32
N SER B 12 4.17 -51.85 13.81
CA SER B 12 5.53 -51.71 14.24
C SER B 12 6.53 -51.92 13.11
N ALA B 13 7.72 -51.32 13.29
CA ALA B 13 8.90 -51.60 12.50
C ALA B 13 10.13 -51.48 13.39
N GLU B 14 11.31 -51.86 12.86
CA GLU B 14 12.55 -51.72 13.62
C GLU B 14 12.68 -50.27 14.05
N VAL B 15 12.59 -49.34 13.10
CA VAL B 15 12.86 -47.94 13.34
C VAL B 15 11.68 -47.10 12.90
N VAL B 16 11.45 -45.99 13.62
CA VAL B 16 10.41 -45.03 13.27
C VAL B 16 11.03 -43.65 13.17
N ILE B 17 10.66 -42.95 12.10
CA ILE B 17 11.18 -41.62 11.82
C ILE B 17 10.00 -40.65 11.70
N ILE B 18 9.95 -39.69 12.63
CA ILE B 18 8.93 -38.65 12.59
C ILE B 18 9.43 -37.48 11.77
N GLY B 19 8.79 -37.29 10.61
CA GLY B 19 9.09 -36.21 9.72
C GLY B 19 9.83 -36.75 8.50
N SER B 20 9.24 -36.52 7.30
CA SER B 20 9.84 -36.95 6.04
C SER B 20 10.51 -35.77 5.35
N GLY B 21 11.02 -34.83 6.16
CA GLY B 21 11.86 -33.76 5.65
C GLY B 21 13.12 -34.34 5.01
N PRO B 22 14.01 -33.47 4.49
CA PRO B 22 15.31 -33.93 4.00
C PRO B 22 16.03 -34.79 5.06
N VAL B 23 15.94 -34.37 6.32
CA VAL B 23 16.74 -34.99 7.35
C VAL B 23 16.13 -36.36 7.70
N GLY B 24 14.80 -36.39 7.86
CA GLY B 24 14.12 -37.65 8.03
C GLY B 24 14.55 -38.68 6.97
N ALA B 25 14.52 -38.27 5.70
CA ALA B 25 14.77 -39.17 4.59
C ALA B 25 16.23 -39.62 4.58
N THR B 26 17.11 -38.74 5.04
CA THR B 26 18.52 -39.08 5.12
C THR B 26 18.68 -40.30 6.05
N PHE B 27 18.05 -40.23 7.23
CA PHE B 27 18.09 -41.34 8.16
C PHE B 27 17.59 -42.60 7.45
N ALA B 28 16.42 -42.50 6.82
CA ALA B 28 15.81 -43.64 6.18
C ALA B 28 16.77 -44.20 5.15
N ARG B 29 17.35 -43.32 4.33
CA ARG B 29 18.23 -43.79 3.28
C ARG B 29 19.31 -44.65 3.89
N HIS B 30 20.09 -44.05 4.80
CA HIS B 30 21.25 -44.72 5.39
C HIS B 30 20.79 -45.98 6.15
N LEU B 31 19.71 -45.89 6.93
CA LEU B 31 19.32 -46.99 7.80
C LEU B 31 18.81 -48.18 7.01
N VAL B 32 17.96 -47.91 6.02
CA VAL B 32 17.39 -48.98 5.20
C VAL B 32 18.50 -49.60 4.37
N GLU B 33 19.34 -48.74 3.77
CA GLU B 33 20.41 -49.19 2.90
C GLU B 33 21.36 -50.12 3.64
N ASN B 34 21.47 -49.95 4.97
CA ASN B 34 22.26 -50.83 5.82
C ASN B 34 21.36 -51.78 6.59
N GLY B 35 20.27 -52.25 5.96
CA GLY B 35 19.59 -53.47 6.35
C GLY B 35 18.50 -53.29 7.41
N LYS B 36 18.20 -52.05 7.83
CA LYS B 36 17.17 -51.83 8.83
C LYS B 36 15.82 -51.68 8.14
N SER B 37 14.73 -51.79 8.92
CA SER B 37 13.37 -51.60 8.42
C SER B 37 12.72 -50.41 9.13
N VAL B 38 12.06 -49.53 8.36
CA VAL B 38 11.78 -48.17 8.79
C VAL B 38 10.34 -47.78 8.45
N ILE B 39 9.72 -46.98 9.32
CA ILE B 39 8.45 -46.33 9.04
C ILE B 39 8.69 -44.83 9.10
N LEU B 40 8.42 -44.20 7.96
CA LEU B 40 8.54 -42.76 7.85
C LEU B 40 7.15 -42.13 7.98
N VAL B 41 6.98 -41.29 9.02
CA VAL B 41 5.68 -40.71 9.31
C VAL B 41 5.73 -39.21 9.04
N ASP B 42 4.65 -38.67 8.47
CA ASP B 42 4.52 -37.23 8.34
C ASP B 42 3.08 -36.78 8.54
N ALA B 43 2.95 -35.61 9.16
CA ALA B 43 1.66 -35.01 9.45
C ALA B 43 1.05 -34.39 8.19
N GLY B 44 1.81 -34.35 7.10
CA GLY B 44 1.39 -33.66 5.90
C GLY B 44 0.87 -34.63 4.85
N PRO B 45 0.33 -34.11 3.74
CA PRO B 45 -0.05 -34.95 2.61
C PRO B 45 1.11 -35.01 1.62
N GLN B 46 1.02 -35.96 0.69
CA GLN B 46 2.03 -36.15 -0.34
C GLN B 46 1.64 -35.32 -1.57
N ARG B 47 2.56 -34.50 -2.09
CA ARG B 47 2.14 -33.51 -3.08
C ARG B 47 2.63 -33.85 -4.50
N SER B 48 2.82 -35.16 -4.74
CA SER B 48 3.36 -35.71 -5.97
C SER B 48 3.08 -37.21 -6.03
N PRO B 49 2.96 -37.82 -7.23
CA PRO B 49 2.75 -39.27 -7.37
C PRO B 49 3.66 -40.10 -6.48
N GLN B 50 4.91 -39.68 -6.39
CA GLN B 50 5.92 -40.34 -5.57
C GLN B 50 6.21 -39.43 -4.38
N PRO B 51 6.65 -39.98 -3.23
CA PRO B 51 6.73 -39.21 -1.98
C PRO B 51 7.86 -38.19 -1.91
N GLY B 52 7.54 -36.91 -1.68
CA GLY B 52 8.54 -35.88 -1.48
C GLY B 52 9.34 -35.56 -2.76
N GLU B 53 8.68 -35.59 -3.92
CA GLU B 53 9.29 -35.09 -5.14
C GLU B 53 9.39 -33.57 -5.02
N HIS B 54 10.44 -32.99 -5.61
CA HIS B 54 10.58 -31.54 -5.63
C HIS B 54 9.65 -30.92 -6.67
N LEU B 55 8.85 -29.94 -6.23
CA LEU B 55 7.78 -29.38 -7.03
C LEU B 55 8.33 -28.34 -8.01
N LYS B 56 9.61 -27.93 -7.88
CA LYS B 56 10.19 -26.96 -8.78
C LYS B 56 10.59 -27.66 -10.09
N ASN B 57 10.57 -29.00 -10.12
CA ASN B 57 10.94 -29.78 -11.29
C ASN B 57 9.90 -29.69 -12.41
N ALA B 58 8.68 -29.26 -12.11
CA ALA B 58 7.67 -29.16 -13.13
C ALA B 58 8.11 -28.22 -14.25
N TYR B 59 7.75 -28.58 -15.48
CA TYR B 59 8.10 -27.79 -16.66
C TYR B 59 7.87 -26.31 -16.41
N LEU B 60 6.71 -25.92 -15.89
CA LEU B 60 6.38 -24.51 -15.83
C LEU B 60 7.39 -23.72 -14.98
N TYR B 61 7.88 -24.33 -13.90
CA TYR B 61 8.80 -23.66 -12.99
C TYR B 61 10.16 -23.50 -13.66
N GLN B 62 10.45 -24.43 -14.55
CA GLN B 62 11.65 -24.34 -15.35
C GLN B 62 11.55 -23.15 -16.29
N LYS B 63 10.33 -22.70 -16.62
CA LYS B 63 10.15 -21.63 -17.60
C LYS B 63 10.01 -20.29 -16.89
N ASP B 64 9.22 -20.30 -15.81
CA ASP B 64 9.03 -19.14 -14.97
C ASP B 64 9.50 -19.50 -13.57
N ARG B 65 10.66 -18.98 -13.18
CA ARG B 65 11.15 -19.18 -11.82
C ARG B 65 10.24 -18.44 -10.85
N THR B 66 9.97 -17.14 -11.08
CA THR B 66 9.31 -16.25 -10.14
C THR B 66 8.00 -16.86 -9.61
N ASN B 67 7.38 -17.71 -10.43
CA ASN B 67 6.07 -18.24 -10.11
C ASN B 67 6.11 -19.25 -8.97
N PHE B 68 7.25 -19.90 -8.78
CA PHE B 68 7.38 -20.95 -7.78
C PHE B 68 7.25 -20.41 -6.37
N SER B 69 7.45 -19.10 -6.19
CA SER B 69 7.21 -18.46 -4.91
C SER B 69 5.77 -18.73 -4.41
N GLN B 70 4.85 -19.01 -5.34
CA GLN B 70 3.46 -19.20 -4.97
C GLN B 70 3.30 -20.58 -4.34
N ILE B 71 4.14 -21.53 -4.77
CA ILE B 71 4.15 -22.82 -4.14
C ILE B 71 4.72 -22.69 -2.75
N VAL B 72 5.77 -21.86 -2.63
CA VAL B 72 6.39 -21.63 -1.33
C VAL B 72 5.34 -21.10 -0.38
N ASN B 73 4.64 -20.04 -0.79
CA ASN B 73 3.67 -19.42 0.10
C ASN B 73 2.65 -20.46 0.54
N SER B 74 2.34 -21.40 -0.35
CA SER B 74 1.40 -22.46 -0.06
C SER B 74 1.98 -23.51 0.88
N GLU B 75 3.29 -23.54 1.05
CA GLU B 75 3.90 -24.58 1.87
C GLU B 75 4.16 -24.09 3.30
N LEU B 76 4.35 -22.78 3.44
CA LEU B 76 4.83 -22.20 4.68
C LEU B 76 3.66 -21.78 5.56
N TYR B 77 3.70 -22.18 6.82
CA TYR B 77 2.62 -21.88 7.74
C TYR B 77 3.20 -21.27 9.02
N LYS B 78 2.80 -20.04 9.34
CA LYS B 78 3.25 -19.36 10.55
C LYS B 78 2.90 -20.18 11.79
N LEU B 79 3.76 -20.09 12.82
CA LEU B 79 3.69 -20.96 14.00
C LEU B 79 3.07 -20.25 15.20
N SER B 80 3.33 -18.94 15.37
CA SER B 80 2.71 -18.21 16.46
C SER B 80 2.21 -16.86 15.93
N ILE B 81 0.89 -16.72 15.77
CA ILE B 81 0.35 -15.48 15.26
C ILE B 81 -0.24 -14.67 16.41
N PRO B 82 0.33 -13.50 16.77
CA PRO B 82 -0.15 -12.75 17.93
C PRO B 82 -1.55 -12.24 17.58
N THR B 83 -2.49 -12.45 18.52
CA THR B 83 -3.88 -12.07 18.36
C THR B 83 -4.33 -11.14 19.48
N SER B 84 -3.39 -10.77 20.35
CA SER B 84 -3.74 -10.43 21.73
C SER B 84 -4.62 -9.19 21.79
N ASN B 85 -4.31 -8.18 20.97
CA ASN B 85 -4.95 -6.88 21.13
C ASN B 85 -5.50 -6.32 19.82
N VAL B 86 -5.65 -7.17 18.78
CA VAL B 86 -6.14 -6.74 17.48
C VAL B 86 -7.48 -6.01 17.67
N LYS B 87 -7.52 -4.75 17.20
CA LYS B 87 -8.73 -3.95 17.24
C LYS B 87 -8.76 -3.08 15.97
N LEU B 88 -9.88 -3.14 15.24
CA LEU B 88 -10.03 -2.38 14.02
C LEU B 88 -10.67 -1.04 14.36
N PRO B 89 -10.04 0.09 14.01
CA PRO B 89 -10.51 1.40 14.47
C PRO B 89 -11.75 1.94 13.74
N ASN B 90 -12.25 1.17 12.76
CA ASN B 90 -13.19 1.69 11.78
C ASN B 90 -14.26 0.66 11.44
N LEU B 91 -14.68 -0.13 12.45
CA LEU B 91 -15.65 -1.19 12.25
C LEU B 91 -17.02 -0.78 12.79
N ASP B 92 -18.05 -0.99 11.97
CA ASP B 92 -19.44 -0.87 12.36
C ASP B 92 -19.60 -1.37 13.80
N PRO B 93 -20.06 -0.55 14.75
CA PRO B 93 -20.23 -1.01 16.13
C PRO B 93 -21.32 -2.05 16.33
N SER B 94 -22.23 -2.21 15.36
CA SER B 94 -23.24 -3.26 15.40
C SER B 94 -22.58 -4.64 15.27
N ALA B 95 -21.39 -4.67 14.66
CA ALA B 95 -20.73 -5.91 14.28
C ALA B 95 -19.93 -6.45 15.46
N TYR B 96 -19.84 -7.78 15.52
CA TYR B 96 -19.26 -8.48 16.65
C TYR B 96 -17.74 -8.56 16.49
N TRP B 97 -17.04 -8.42 17.62
CA TRP B 97 -15.58 -8.46 17.65
C TRP B 97 -15.11 -9.07 18.97
N ALA B 98 -13.98 -9.79 18.92
CA ALA B 98 -13.31 -10.27 20.11
C ALA B 98 -11.83 -10.50 19.79
N ALA B 99 -10.94 -9.90 20.59
CA ALA B 99 -9.51 -9.99 20.36
C ALA B 99 -8.97 -11.24 21.05
N GLY B 100 -7.82 -11.71 20.58
CA GLY B 100 -7.11 -12.79 21.23
C GLY B 100 -7.68 -14.14 20.83
N ALA B 101 -8.00 -14.33 19.55
CA ALA B 101 -8.43 -15.63 19.09
C ALA B 101 -7.31 -16.62 19.34
N VAL B 102 -7.70 -17.90 19.42
CA VAL B 102 -6.80 -18.97 19.83
C VAL B 102 -6.79 -20.08 18.79
N ARG B 103 -7.50 -19.83 17.71
CA ARG B 103 -7.76 -20.85 16.72
C ARG B 103 -6.51 -21.12 15.89
N ASN B 104 -6.23 -22.39 15.65
CA ASN B 104 -5.05 -22.80 14.90
C ASN B 104 -3.81 -22.25 15.62
N ASN B 105 -2.92 -21.60 14.86
CA ASN B 105 -1.65 -21.16 15.39
C ASN B 105 -1.76 -19.70 15.85
N MET B 106 -2.99 -19.27 16.11
CA MET B 106 -3.23 -18.01 16.79
C MET B 106 -2.94 -18.18 18.27
N ASN B 107 -2.30 -17.13 18.82
CA ASN B 107 -1.67 -17.20 20.12
C ASN B 107 -1.81 -15.85 20.84
N PRO B 108 -2.72 -15.72 21.82
CA PRO B 108 -2.92 -14.45 22.52
C PRO B 108 -1.84 -14.16 23.55
N LYS B 109 -1.02 -15.17 23.86
CA LYS B 109 0.04 -15.02 24.86
C LYS B 109 1.32 -14.60 24.18
N GLN B 110 1.31 -14.48 22.84
CA GLN B 110 2.49 -14.08 22.08
C GLN B 110 2.62 -12.55 22.05
N ASP B 111 3.66 -12.05 22.72
CA ASP B 111 4.11 -10.69 22.55
C ASP B 111 4.73 -10.60 21.17
N PRO B 112 4.21 -9.70 20.31
CA PRO B 112 4.76 -9.49 18.96
C PRO B 112 6.23 -9.07 18.94
N ASN B 113 6.65 -8.34 19.99
CA ASN B 113 7.97 -7.72 20.04
C ASN B 113 9.07 -8.70 20.44
N THR B 114 8.71 -9.84 21.03
CA THR B 114 9.68 -10.90 21.25
C THR B 114 9.35 -12.06 20.34
N ASN B 115 8.45 -11.85 19.38
CA ASN B 115 8.04 -12.95 18.53
C ASN B 115 9.13 -13.24 17.50
N MET B 116 8.99 -14.39 16.82
CA MET B 116 9.72 -14.69 15.61
C MET B 116 8.68 -14.80 14.49
N PRO B 117 8.23 -13.66 13.89
CA PRO B 117 7.06 -13.65 13.01
C PRO B 117 7.05 -14.70 11.89
N TYR B 118 8.20 -14.91 11.23
CA TYR B 118 8.26 -15.79 10.08
C TYR B 118 8.84 -17.14 10.47
N ALA B 119 8.82 -17.45 11.76
CA ALA B 119 8.99 -18.83 12.14
C ALA B 119 7.82 -19.59 11.54
N GLN B 120 8.11 -20.44 10.56
CA GLN B 120 7.08 -21.18 9.87
C GLN B 120 7.50 -22.64 9.76
N ALA B 121 6.54 -23.53 9.50
CA ALA B 121 6.86 -24.87 9.06
C ALA B 121 6.03 -25.25 7.84
N ALA B 122 6.43 -26.37 7.25
CA ALA B 122 5.69 -26.97 6.17
C ALA B 122 5.28 -28.37 6.63
N PHE B 123 4.06 -28.76 6.28
CA PHE B 123 3.57 -30.08 6.64
C PHE B 123 3.20 -30.80 5.37
N ALA B 124 4.17 -31.60 4.90
CA ALA B 124 4.04 -32.28 3.62
C ALA B 124 5.00 -33.47 3.63
N VAL B 125 4.66 -34.53 2.91
CA VAL B 125 5.66 -35.54 2.65
C VAL B 125 6.75 -34.85 1.84
N GLY B 126 7.85 -34.57 2.54
CA GLY B 126 8.99 -33.87 1.99
C GLY B 126 9.40 -32.66 2.82
N GLY B 127 8.48 -32.17 3.64
CA GLY B 127 8.70 -30.97 4.41
C GLY B 127 9.02 -29.78 3.51
N MET B 128 10.12 -29.09 3.85
CA MET B 128 10.52 -27.92 3.11
C MET B 128 11.35 -28.35 1.92
N GLY B 129 11.71 -29.64 1.90
CA GLY B 129 12.63 -30.21 0.91
C GLY B 129 11.98 -30.44 -0.46
N ILE B 130 10.71 -30.04 -0.58
CA ILE B 130 10.03 -30.12 -1.86
C ILE B 130 9.79 -28.71 -2.40
N HIS B 131 10.30 -27.69 -1.70
CA HIS B 131 10.21 -26.31 -2.18
C HIS B 131 11.54 -25.56 -2.06
N TRP B 132 12.45 -26.08 -1.23
CA TRP B 132 13.68 -25.36 -0.90
C TRP B 132 14.54 -25.10 -2.13
N THR B 133 15.47 -24.14 -1.98
CA THR B 133 16.28 -23.64 -3.07
C THR B 133 17.56 -24.47 -3.21
N CYS B 134 17.73 -25.47 -2.34
CA CYS B 134 18.64 -26.59 -2.57
C CYS B 134 20.11 -26.19 -2.40
N ALA B 135 20.41 -25.14 -1.61
CA ALA B 135 21.80 -24.74 -1.44
C ALA B 135 22.43 -25.61 -0.36
N THR B 136 23.55 -26.27 -0.70
CA THR B 136 24.20 -27.21 0.20
C THR B 136 25.68 -26.85 0.35
N PRO B 137 26.03 -25.72 0.99
CA PRO B 137 27.41 -25.46 1.38
C PRO B 137 27.77 -26.21 2.67
N ARG B 138 29.09 -26.38 2.84
CA ARG B 138 29.70 -26.94 4.04
C ARG B 138 30.14 -25.80 4.98
N LEU B 139 30.21 -26.15 6.27
CA LEU B 139 30.59 -25.19 7.30
C LEU B 139 32.10 -24.92 7.24
N HIS B 140 32.47 -23.67 7.52
CA HIS B 140 33.88 -23.26 7.59
C HIS B 140 34.58 -24.05 8.70
N PRO B 141 35.67 -24.77 8.37
CA PRO B 141 36.43 -25.53 9.37
C PRO B 141 36.64 -24.86 10.71
N GLU B 142 37.16 -23.63 10.70
CA GLU B 142 37.51 -22.93 11.94
C GLU B 142 36.30 -22.18 12.49
N LEU B 143 35.54 -21.48 11.64
CA LEU B 143 34.60 -20.50 12.13
C LEU B 143 33.23 -21.08 12.44
N GLU B 144 32.92 -22.25 11.88
CA GLU B 144 31.54 -22.73 11.88
C GLU B 144 31.43 -24.15 12.45
N ARG B 145 32.42 -25.01 12.19
CA ARG B 145 32.35 -26.36 12.70
C ARG B 145 32.71 -26.34 14.17
N TRP B 146 32.35 -27.43 14.87
CA TRP B 146 32.83 -27.70 16.20
C TRP B 146 33.61 -29.02 16.18
N HIS B 147 34.44 -29.20 17.22
CA HIS B 147 35.58 -30.10 17.17
C HIS B 147 35.21 -31.52 17.63
N TYR B 148 34.12 -31.67 18.41
CA TYR B 148 33.79 -32.97 19.00
C TYR B 148 33.23 -33.93 17.95
N ILE B 149 32.95 -33.41 16.74
CA ILE B 149 32.70 -34.26 15.58
C ILE B 149 34.00 -34.43 14.83
N THR B 150 34.40 -35.70 14.63
CA THR B 150 35.76 -36.04 14.27
C THR B 150 35.89 -36.22 12.75
N GLU B 151 34.79 -36.65 12.10
CA GLU B 151 34.84 -37.18 10.75
C GLU B 151 34.02 -36.35 9.79
N TRP B 152 34.13 -35.01 9.91
CA TRP B 152 33.34 -34.10 9.10
C TRP B 152 33.33 -34.47 7.63
N ASP B 153 34.51 -34.48 7.02
CA ASP B 153 34.61 -34.48 5.58
C ASP B 153 34.11 -35.80 5.01
N GLU B 154 34.13 -36.87 5.81
CA GLU B 154 33.57 -38.15 5.41
C GLU B 154 32.03 -38.08 5.36
N LEU B 155 31.44 -37.55 6.43
CA LEU B 155 30.00 -37.39 6.55
C LEU B 155 29.48 -36.46 5.46
N TYR B 156 30.08 -35.27 5.36
CA TYR B 156 29.74 -34.31 4.32
C TYR B 156 29.76 -34.98 2.95
N ALA B 157 30.81 -35.75 2.66
CA ALA B 157 30.93 -36.43 1.39
C ALA B 157 29.75 -37.36 1.17
N GLN B 158 29.42 -38.15 2.20
CA GLN B 158 28.34 -39.11 2.11
C GLN B 158 27.00 -38.38 1.95
N ALA B 159 26.86 -37.23 2.63
CA ALA B 159 25.65 -36.44 2.55
C ALA B 159 25.46 -35.87 1.15
N GLU B 160 26.54 -35.34 0.56
CA GLU B 160 26.52 -34.69 -0.75
C GLU B 160 26.13 -35.68 -1.83
N LYS B 161 26.59 -36.92 -1.68
CA LYS B 161 26.21 -38.01 -2.58
C LYS B 161 24.70 -38.21 -2.53
N TYR B 162 24.13 -38.31 -1.32
CA TYR B 162 22.71 -38.55 -1.16
C TYR B 162 21.89 -37.39 -1.72
N PHE B 163 22.39 -36.16 -1.54
CA PHE B 163 21.70 -34.94 -1.97
C PHE B 163 21.98 -34.65 -3.44
N ASN B 164 22.94 -35.33 -4.03
CA ASN B 164 23.27 -35.08 -5.41
C ASN B 164 23.79 -33.66 -5.54
N THR B 165 24.63 -33.24 -4.58
CA THR B 165 25.24 -31.92 -4.61
C THR B 165 26.03 -31.78 -5.92
N HIS B 166 26.08 -30.55 -6.45
CA HIS B 166 26.79 -30.22 -7.68
C HIS B 166 27.14 -28.74 -7.71
N THR B 167 28.27 -28.37 -8.31
CA THR B 167 28.68 -26.98 -8.43
C THR B 167 28.64 -26.54 -9.90
N ASN B 168 28.49 -27.54 -10.78
CA ASN B 168 28.66 -27.35 -12.21
C ASN B 168 27.32 -27.01 -12.85
N VAL B 169 26.29 -26.66 -12.06
CA VAL B 169 24.96 -26.53 -12.65
C VAL B 169 24.89 -25.18 -13.35
N PHE B 170 25.44 -24.12 -12.74
CA PHE B 170 25.33 -22.77 -13.26
C PHE B 170 26.69 -22.27 -13.72
N GLU B 171 27.60 -23.22 -13.92
CA GLU B 171 29.00 -22.90 -14.16
C GLU B 171 29.07 -22.05 -15.41
N ARG B 172 28.30 -22.45 -16.43
CA ARG B 172 28.33 -21.88 -17.77
C ARG B 172 27.46 -20.64 -17.88
N SER B 173 27.11 -20.01 -16.75
CA SER B 173 26.34 -18.78 -16.75
C SER B 173 27.16 -17.60 -17.24
N LEU B 174 26.60 -16.90 -18.21
CA LEU B 174 27.19 -15.70 -18.80
C LEU B 174 27.07 -14.53 -17.84
N ARG B 175 25.91 -14.39 -17.20
CA ARG B 175 25.72 -13.39 -16.16
C ARG B 175 26.62 -13.72 -14.98
N GLY B 176 26.76 -15.02 -14.69
CA GLY B 176 27.61 -15.50 -13.61
C GLY B 176 29.05 -15.04 -13.79
N ALA B 177 29.55 -15.16 -15.02
CA ALA B 177 30.87 -14.64 -15.34
C ALA B 177 30.93 -13.12 -15.16
N ALA B 178 30.05 -12.39 -15.87
CA ALA B 178 30.05 -10.94 -15.91
C ALA B 178 30.09 -10.33 -14.52
N ILE B 179 29.36 -10.96 -13.59
CA ILE B 179 29.33 -10.54 -12.20
C ILE B 179 30.64 -10.87 -11.52
N LYS B 180 31.06 -12.15 -11.62
CA LYS B 180 32.25 -12.60 -10.93
C LYS B 180 33.40 -11.66 -11.30
N ARG B 181 33.51 -11.27 -12.58
CA ARG B 181 34.54 -10.35 -13.02
C ARG B 181 34.49 -9.05 -12.24
N ARG B 182 33.29 -8.45 -12.13
CA ARG B 182 33.14 -7.16 -11.46
C ARG B 182 33.42 -7.29 -9.96
N LEU B 183 33.03 -8.42 -9.36
CA LEU B 183 33.18 -8.61 -7.92
C LEU B 183 34.62 -8.88 -7.57
N GLU B 184 35.31 -9.69 -8.39
CA GLU B 184 36.73 -9.97 -8.18
C GLU B 184 37.47 -8.64 -8.13
N ALA B 185 37.09 -7.73 -9.06
CA ALA B 185 37.69 -6.41 -9.18
C ALA B 185 37.34 -5.51 -8.01
N HIS B 186 36.12 -5.68 -7.47
CA HIS B 186 35.65 -4.88 -6.36
C HIS B 186 36.45 -5.21 -5.11
N TYR B 187 36.56 -6.52 -4.82
CA TYR B 187 37.17 -7.01 -3.60
C TYR B 187 38.68 -6.84 -3.66
N ASN B 188 39.27 -7.07 -4.84
CA ASN B 188 40.68 -6.77 -5.04
C ASN B 188 41.50 -7.70 -4.14
N ASN B 189 41.28 -9.00 -4.33
CA ASN B 189 41.90 -10.03 -3.50
C ASN B 189 42.00 -9.59 -2.04
N GLN B 190 40.87 -9.20 -1.44
CA GLN B 190 40.76 -9.00 -0.01
C GLN B 190 40.26 -10.27 0.66
N LEU B 191 39.62 -11.12 -0.15
CA LEU B 191 39.09 -12.38 0.32
C LEU B 191 40.23 -13.38 0.47
N ASP B 192 40.04 -14.27 1.45
CA ASP B 192 40.92 -15.41 1.62
C ASP B 192 40.85 -16.21 0.33
N PRO B 193 41.99 -16.50 -0.35
CA PRO B 193 41.96 -17.30 -1.58
C PRO B 193 41.46 -18.74 -1.44
N ASN B 194 41.29 -19.23 -0.21
CA ASN B 194 40.68 -20.53 0.02
C ASN B 194 39.15 -20.46 -0.11
N TYR B 195 38.61 -19.25 0.04
CA TYR B 195 37.18 -19.06 -0.02
C TYR B 195 36.90 -17.94 -1.00
N PRO B 196 37.15 -18.12 -2.32
CA PRO B 196 36.89 -17.07 -3.31
C PRO B 196 35.41 -16.94 -3.65
N ILE B 197 35.10 -15.91 -4.45
CA ILE B 197 33.84 -15.89 -5.16
C ILE B 197 33.82 -17.16 -6.01
N GLN B 198 32.71 -17.92 -5.97
CA GLN B 198 32.63 -19.23 -6.61
C GLN B 198 31.18 -19.67 -6.78
N ASN B 199 31.00 -20.76 -7.54
CA ASN B 199 29.70 -21.33 -7.82
C ASN B 199 29.15 -21.96 -6.55
N LEU B 200 27.92 -21.56 -6.21
CA LEU B 200 27.24 -22.07 -5.03
C LEU B 200 26.86 -23.52 -5.30
N PRO B 201 27.23 -24.44 -4.39
CA PRO B 201 26.94 -25.87 -4.54
C PRO B 201 25.47 -26.11 -4.23
N VAL B 202 24.82 -26.93 -5.05
CA VAL B 202 23.38 -27.12 -4.96
C VAL B 202 23.05 -28.60 -5.06
N ALA B 203 22.08 -29.03 -4.24
CA ALA B 203 21.46 -30.33 -4.41
C ALA B 203 20.58 -30.26 -5.66
N ALA B 204 21.21 -30.50 -6.82
CA ALA B 204 20.56 -30.38 -8.12
C ALA B 204 21.52 -30.82 -9.21
N GLN B 205 21.00 -30.96 -10.43
CA GLN B 205 21.79 -31.46 -11.54
C GLN B 205 21.09 -31.16 -12.86
N ARG B 206 21.89 -30.78 -13.87
CA ARG B 206 21.34 -30.48 -15.18
C ARG B 206 20.84 -31.79 -15.79
N ARG B 207 19.72 -31.71 -16.51
CA ARG B 207 19.13 -32.89 -17.09
C ARG B 207 19.92 -33.22 -18.33
N GLU B 208 19.75 -34.47 -18.80
CA GLU B 208 20.53 -34.98 -19.91
C GLU B 208 19.60 -35.36 -21.06
N ASP B 209 18.29 -35.18 -20.83
CA ASP B 209 17.26 -35.76 -21.67
C ASP B 209 17.05 -34.85 -22.89
N GLY B 210 17.78 -35.13 -23.97
CA GLY B 210 17.69 -34.30 -25.16
C GLY B 210 17.82 -32.82 -24.80
N GLU B 211 16.96 -31.99 -25.39
CA GLU B 211 17.03 -30.54 -25.24
C GLU B 211 16.68 -30.08 -23.81
N GLY B 212 16.17 -31.03 -23.00
CA GLY B 212 15.83 -30.80 -21.60
C GLY B 212 17.05 -30.65 -20.71
N GLU B 213 18.24 -30.76 -21.31
CA GLU B 213 19.48 -30.23 -20.76
C GLU B 213 19.31 -28.78 -20.31
N ALA B 214 18.37 -28.05 -20.92
CA ALA B 214 18.19 -26.65 -20.59
C ALA B 214 17.53 -26.51 -19.22
N PHE B 215 17.15 -27.65 -18.62
CA PHE B 215 16.39 -27.67 -17.38
C PHE B 215 17.10 -28.51 -16.33
N ILE B 216 16.56 -28.47 -15.10
CA ILE B 216 17.26 -28.90 -13.91
C ILE B 216 16.40 -29.86 -13.12
N HIS B 217 17.05 -30.89 -12.55
CA HIS B 217 16.42 -31.80 -11.62
C HIS B 217 16.91 -31.45 -10.22
N TRP B 218 16.12 -30.62 -9.52
CA TRP B 218 16.38 -30.27 -8.15
C TRP B 218 16.11 -31.49 -7.27
N THR B 219 16.78 -31.53 -6.11
CA THR B 219 16.76 -32.70 -5.25
C THR B 219 15.64 -32.55 -4.26
N GLY B 220 14.77 -33.54 -4.25
CA GLY B 220 13.78 -33.66 -3.20
C GLY B 220 14.10 -34.87 -2.35
N PRO B 221 13.52 -34.96 -1.13
CA PRO B 221 13.65 -36.16 -0.32
C PRO B 221 13.41 -37.46 -1.09
N TYR B 222 12.50 -37.39 -2.06
CA TYR B 222 12.26 -38.49 -2.98
C TYR B 222 13.58 -39.01 -3.53
N ASP B 223 14.35 -38.09 -4.12
CA ASP B 223 15.57 -38.42 -4.81
C ASP B 223 16.47 -39.20 -3.86
N ILE B 224 16.41 -38.82 -2.58
CA ILE B 224 17.19 -39.45 -1.53
C ILE B 224 16.67 -40.86 -1.23
N LEU B 225 15.35 -41.01 -1.20
CA LEU B 225 14.73 -42.29 -0.87
C LEU B 225 14.79 -43.26 -2.05
N LYS B 226 14.86 -42.72 -3.28
CA LYS B 226 14.52 -43.51 -4.45
C LYS B 226 15.24 -44.87 -4.41
N PRO B 227 16.57 -44.88 -4.19
CA PRO B 227 17.33 -46.14 -4.21
C PRO B 227 16.87 -47.27 -3.30
N VAL B 228 16.12 -46.96 -2.24
CA VAL B 228 15.75 -47.98 -1.25
C VAL B 228 14.25 -48.23 -1.26
N LEU B 229 13.52 -47.62 -2.21
CA LEU B 229 12.06 -47.72 -2.23
C LEU B 229 11.59 -49.00 -2.93
N THR B 230 12.43 -49.55 -3.82
CA THR B 230 12.17 -50.83 -4.43
C THR B 230 13.39 -51.74 -4.22
N THR B 231 13.16 -53.06 -4.23
CA THR B 231 14.23 -54.05 -4.12
C THR B 231 14.98 -54.11 -5.45
N GLU B 232 15.96 -55.02 -5.54
CA GLU B 232 16.56 -55.37 -6.82
C GLU B 232 15.61 -56.29 -7.59
N GLU B 233 14.31 -55.92 -7.64
CA GLU B 233 13.32 -56.66 -8.41
C GLU B 233 12.18 -55.73 -8.80
N ASN B 234 12.37 -54.41 -8.61
CA ASN B 234 11.35 -53.40 -8.82
C ASN B 234 10.05 -53.67 -8.06
N LEU B 235 9.97 -54.68 -7.20
CA LEU B 235 8.88 -54.75 -6.25
C LEU B 235 9.21 -53.79 -5.11
N PRO B 236 8.20 -53.10 -4.52
CA PRO B 236 8.42 -52.16 -3.42
C PRO B 236 9.06 -52.85 -2.21
N ASN B 237 9.95 -52.12 -1.54
CA ASN B 237 10.78 -52.64 -0.47
C ASN B 237 9.97 -52.70 0.82
N PRO B 238 9.71 -53.89 1.41
CA PRO B 238 8.96 -53.96 2.65
C PRO B 238 9.63 -53.19 3.80
N ASN B 239 10.95 -53.05 3.73
CA ASN B 239 11.70 -52.43 4.82
C ASN B 239 11.43 -50.93 4.91
N ILE B 240 10.63 -50.36 4.01
CA ILE B 240 10.24 -48.96 4.17
C ILE B 240 8.75 -48.82 3.93
N ARG B 241 8.10 -48.00 4.79
CA ARG B 241 6.69 -47.70 4.69
C ARG B 241 6.51 -46.20 4.94
N VAL B 242 5.62 -45.56 4.18
CA VAL B 242 5.45 -44.11 4.28
C VAL B 242 4.01 -43.79 4.69
N LEU B 243 3.84 -42.98 5.74
CA LEU B 243 2.52 -42.65 6.27
C LEU B 243 2.29 -41.15 6.26
N PRO B 244 1.71 -40.62 5.17
CA PRO B 244 1.26 -39.22 5.16
C PRO B 244 0.09 -39.08 6.14
N ASN B 245 -0.17 -37.83 6.55
CA ASN B 245 -1.40 -37.47 7.23
C ASN B 245 -1.54 -38.24 8.53
N HIS B 246 -0.41 -38.32 9.25
CA HIS B 246 -0.38 -38.96 10.56
C HIS B 246 0.34 -38.00 11.49
N ILE B 247 -0.44 -37.30 12.34
CA ILE B 247 0.11 -36.36 13.31
C ILE B 247 0.61 -37.16 14.53
N VAL B 248 1.93 -37.19 14.73
CA VAL B 248 2.48 -37.81 15.91
C VAL B 248 2.38 -36.81 17.05
N GLN B 249 1.64 -37.21 18.09
CA GLN B 249 1.25 -36.31 19.16
C GLN B 249 2.04 -36.56 20.46
N LYS B 250 2.39 -37.82 20.74
CA LYS B 250 2.98 -38.16 22.02
C LYS B 250 3.91 -39.35 21.86
N LEU B 251 5.08 -39.30 22.49
CA LEU B 251 5.93 -40.47 22.62
C LEU B 251 5.76 -41.01 24.02
N HIS B 252 5.45 -42.31 24.12
CA HIS B 252 5.20 -42.94 25.40
C HIS B 252 6.46 -43.71 25.79
N HIS B 253 6.95 -43.50 27.04
CA HIS B 253 8.29 -43.90 27.45
C HIS B 253 8.38 -44.18 28.96
N LYS B 254 9.27 -45.13 29.34
CA LYS B 254 9.62 -45.40 30.73
C LYS B 254 11.12 -45.42 30.95
N GLY B 255 11.54 -44.99 32.14
CA GLY B 255 12.95 -44.94 32.50
C GLY B 255 13.85 -44.94 31.25
N GLY B 256 13.55 -44.03 30.31
CA GLY B 256 14.48 -43.72 29.24
C GLY B 256 14.49 -44.71 28.08
N LYS B 257 13.46 -45.58 28.00
CA LYS B 257 13.25 -46.40 26.81
C LYS B 257 11.88 -46.05 26.21
N VAL B 258 11.82 -45.72 24.91
CA VAL B 258 10.56 -45.30 24.29
C VAL B 258 9.86 -46.52 23.70
N GLU B 259 8.58 -46.66 24.03
CA GLU B 259 7.81 -47.86 23.77
C GLU B 259 7.04 -47.70 22.45
N TYR B 260 6.37 -46.56 22.30
CA TYR B 260 5.48 -46.37 21.15
C TYR B 260 5.15 -44.89 20.96
N ALA B 261 4.52 -44.61 19.80
CA ALA B 261 4.12 -43.27 19.43
C ALA B 261 2.61 -43.20 19.25
N GLU B 262 2.01 -42.17 19.86
CA GLU B 262 0.58 -41.93 19.79
C GLU B 262 0.38 -40.98 18.62
N VAL B 263 -0.43 -41.41 17.63
CA VAL B 263 -0.52 -40.75 16.35
C VAL B 263 -1.99 -40.58 15.96
N GLN B 264 -2.30 -39.43 15.36
CA GLN B 264 -3.62 -39.20 14.80
C GLN B 264 -3.58 -39.37 13.30
N SER B 265 -4.14 -40.47 12.79
CA SER B 265 -4.53 -40.54 11.39
C SER B 265 -5.63 -39.51 11.13
N THR B 266 -5.47 -38.68 10.10
CA THR B 266 -6.45 -37.64 9.81
C THR B 266 -7.40 -38.11 8.73
N GLU B 267 -7.05 -39.18 8.02
CA GLU B 267 -8.00 -39.81 7.11
C GLU B 267 -7.56 -41.23 6.79
N PRO B 268 -8.31 -42.28 7.21
CA PRO B 268 -9.51 -42.12 8.04
C PRO B 268 -9.08 -41.69 9.45
N TRP B 269 -9.95 -40.91 10.08
CA TRP B 269 -9.64 -40.30 11.36
C TRP B 269 -9.72 -41.35 12.47
N GLU B 270 -8.56 -41.87 12.87
CA GLU B 270 -8.49 -42.94 13.83
C GLU B 270 -7.16 -42.80 14.56
N LYS B 271 -7.15 -43.23 15.81
CA LYS B 271 -5.94 -43.25 16.61
C LYS B 271 -5.07 -44.42 16.16
N VAL B 272 -3.75 -44.21 16.20
CA VAL B 272 -2.80 -45.23 15.80
C VAL B 272 -1.62 -45.27 16.78
N GLU B 273 -1.21 -46.49 17.14
CA GLU B 273 -0.06 -46.70 18.00
C GLU B 273 1.05 -47.34 17.17
N ILE B 274 2.26 -46.77 17.26
CA ILE B 274 3.39 -47.18 16.44
C ILE B 274 4.55 -47.60 17.34
N TYR B 275 4.80 -48.93 17.38
CA TYR B 275 5.84 -49.52 18.22
C TYR B 275 7.13 -49.68 17.39
N ALA B 276 8.28 -49.44 18.01
CA ALA B 276 9.54 -49.56 17.31
C ALA B 276 10.69 -49.76 18.29
N ASP B 277 11.78 -50.33 17.77
CA ASP B 277 13.00 -50.54 18.53
C ASP B 277 13.72 -49.20 18.72
N ILE B 278 13.62 -48.29 17.73
CA ILE B 278 14.33 -47.01 17.73
C ILE B 278 13.41 -45.89 17.22
N PHE B 279 13.47 -44.71 17.86
CA PHE B 279 12.65 -43.57 17.45
C PHE B 279 13.51 -42.37 17.10
N ILE B 280 13.09 -41.65 16.04
CA ILE B 280 13.84 -40.51 15.52
C ILE B 280 12.85 -39.39 15.22
N VAL B 281 13.12 -38.20 15.77
CA VAL B 281 12.27 -37.05 15.51
C VAL B 281 13.03 -36.05 14.66
N ALA B 282 12.55 -35.89 13.42
CA ALA B 282 13.07 -34.92 12.47
C ALA B 282 11.91 -34.03 12.03
N ALA B 283 11.23 -33.45 13.02
CA ALA B 283 10.08 -32.61 12.78
C ALA B 283 10.47 -31.14 12.74
N ALA B 284 11.78 -30.88 12.65
CA ALA B 284 12.32 -29.54 12.40
C ALA B 284 12.28 -28.73 13.69
N ALA B 285 12.63 -27.45 13.58
CA ALA B 285 13.21 -26.70 14.68
C ALA B 285 12.25 -26.61 15.87
N ILE B 286 10.96 -26.44 15.60
CA ILE B 286 10.02 -26.08 16.64
C ILE B 286 9.11 -27.27 16.96
N LYS B 287 8.68 -28.03 15.95
CA LYS B 287 7.71 -29.09 16.14
C LYS B 287 8.35 -30.28 16.84
N THR B 288 9.68 -30.45 16.65
CA THR B 288 10.43 -31.52 17.31
C THR B 288 10.37 -31.30 18.83
N PRO B 289 10.87 -30.17 19.39
CA PRO B 289 10.72 -29.88 20.81
C PRO B 289 9.29 -29.93 21.29
N GLN B 290 8.35 -29.48 20.45
CA GLN B 290 6.95 -29.52 20.80
C GLN B 290 6.56 -30.95 21.15
N LEU B 291 6.96 -31.92 20.32
CA LEU B 291 6.58 -33.29 20.53
C LEU B 291 7.13 -33.82 21.85
N LEU B 292 8.36 -33.42 22.17
CA LEU B 292 9.01 -33.84 23.39
C LEU B 292 8.27 -33.21 24.57
N TRP B 293 8.11 -31.89 24.52
CA TRP B 293 7.44 -31.14 25.57
C TRP B 293 6.12 -31.82 25.95
N ASN B 294 5.44 -32.33 24.93
CA ASN B 294 4.11 -32.91 25.05
C ASN B 294 4.21 -34.37 25.46
N SER B 295 5.43 -34.93 25.41
CA SER B 295 5.69 -36.30 25.83
C SER B 295 6.30 -36.32 27.24
N GLN B 296 6.29 -35.15 27.91
CA GLN B 296 6.87 -34.98 29.25
C GLN B 296 8.39 -35.15 29.22
N ILE B 297 9.03 -34.81 28.11
CA ILE B 297 10.48 -34.88 28.02
C ILE B 297 11.00 -33.47 27.87
N ARG B 298 11.52 -32.90 28.96
CA ARG B 298 11.90 -31.50 28.98
C ARG B 298 13.26 -31.36 29.62
N PRO B 299 14.37 -31.72 28.94
CA PRO B 299 15.70 -31.24 29.36
C PRO B 299 15.67 -29.71 29.45
N LYS B 300 16.56 -29.19 30.29
CA LYS B 300 16.59 -27.77 30.62
C LYS B 300 16.76 -26.93 29.34
N ALA B 301 17.45 -27.48 28.33
CA ALA B 301 17.91 -26.71 27.19
C ALA B 301 16.90 -26.73 26.03
N LEU B 302 15.74 -27.36 26.24
CA LEU B 302 14.80 -27.60 25.17
C LEU B 302 14.23 -26.27 24.68
N GLY B 303 14.31 -26.03 23.36
CA GLY B 303 13.81 -24.81 22.76
C GLY B 303 14.53 -23.56 23.30
N CYS B 304 15.66 -23.75 23.96
CA CYS B 304 16.51 -22.63 24.32
C CYS B 304 17.66 -22.61 23.33
N TYR B 305 18.43 -21.53 23.38
CA TYR B 305 19.52 -21.32 22.44
C TYR B 305 18.87 -21.33 21.06
N LEU B 306 17.73 -20.64 20.97
CA LEU B 306 17.08 -20.40 19.70
C LEU B 306 17.94 -19.42 18.93
N SER B 307 18.11 -19.75 17.64
CA SER B 307 19.11 -19.17 16.77
C SER B 307 18.68 -19.37 15.33
N GLU B 308 19.02 -18.40 14.48
CA GLU B 308 18.83 -18.58 13.05
C GLU B 308 19.98 -17.87 12.33
N HIS B 309 19.66 -17.20 11.21
CA HIS B 309 20.54 -16.20 10.64
C HIS B 309 19.79 -14.89 10.57
N ILE B 310 20.42 -13.83 11.06
CA ILE B 310 20.01 -12.50 10.67
C ILE B 310 20.36 -12.34 9.19
N MET B 311 19.45 -11.76 8.42
CA MET B 311 19.58 -11.70 6.98
C MET B 311 19.49 -10.27 6.46
N THR B 312 20.32 -9.96 5.47
CA THR B 312 20.04 -8.86 4.58
C THR B 312 19.64 -9.43 3.23
N PHE B 313 18.78 -8.67 2.56
CA PHE B 313 18.33 -9.06 1.24
C PHE B 313 18.12 -7.80 0.41
N GLY B 314 18.28 -7.96 -0.89
CA GLY B 314 18.01 -6.90 -1.84
C GLY B 314 18.11 -7.44 -3.25
N GLN B 315 17.54 -6.71 -4.20
CA GLN B 315 17.60 -7.13 -5.59
C GLN B 315 18.12 -5.98 -6.43
N ILE B 316 18.83 -6.32 -7.52
CA ILE B 316 19.39 -5.29 -8.37
C ILE B 316 19.07 -5.63 -9.82
N VAL B 317 18.97 -4.56 -10.62
CA VAL B 317 18.88 -4.61 -12.06
C VAL B 317 20.30 -4.49 -12.62
N LEU B 318 20.66 -5.40 -13.54
CA LEU B 318 22.01 -5.50 -14.05
C LEU B 318 22.40 -4.19 -14.74
N SER B 319 23.65 -3.77 -14.53
CA SER B 319 24.21 -2.61 -15.20
C SER B 319 24.07 -2.79 -16.72
N LYS B 320 23.99 -1.67 -17.44
CA LYS B 320 24.00 -1.72 -18.89
C LYS B 320 25.32 -2.32 -19.38
N GLU B 321 26.41 -2.03 -18.67
CA GLU B 321 27.71 -2.50 -19.09
C GLU B 321 27.70 -4.03 -19.16
N ILE B 322 27.20 -4.67 -18.10
CA ILE B 322 27.16 -6.12 -18.04
C ILE B 322 26.31 -6.67 -19.20
N VAL B 323 25.13 -6.09 -19.41
CA VAL B 323 24.24 -6.61 -20.44
C VAL B 323 24.93 -6.51 -21.79
N ALA B 324 25.54 -5.37 -22.09
CA ALA B 324 26.32 -5.19 -23.30
C ALA B 324 27.29 -6.37 -23.52
N GLU B 325 27.96 -6.81 -22.45
CA GLU B 325 29.02 -7.81 -22.52
C GLU B 325 28.49 -9.22 -22.83
N ILE B 326 27.17 -9.40 -23.00
CA ILE B 326 26.59 -10.72 -23.13
C ILE B 326 25.67 -10.75 -24.35
N LYS B 327 26.16 -11.40 -25.43
CA LYS B 327 25.44 -11.47 -26.70
C LYS B 327 25.82 -12.71 -27.51
N ALA B 328 25.40 -13.91 -27.08
CA ALA B 328 25.79 -15.16 -27.72
C ALA B 328 24.57 -16.09 -27.85
N PRO B 332 22.48 -21.09 -28.48
CA PRO B 332 22.86 -21.93 -27.35
C PRO B 332 21.98 -23.17 -27.19
N TYR B 333 20.83 -23.06 -26.50
CA TYR B 333 19.93 -24.17 -26.15
C TYR B 333 18.58 -24.04 -26.90
N PHE B 334 17.92 -25.18 -27.11
CA PHE B 334 16.64 -25.27 -27.81
C PHE B 334 16.76 -24.77 -29.24
N LYS B 335 17.76 -25.29 -29.97
CA LYS B 335 17.97 -24.88 -31.35
C LYS B 335 16.96 -25.58 -32.26
N GLU B 336 16.46 -26.74 -31.83
CA GLU B 336 15.50 -27.51 -32.60
C GLU B 336 14.06 -27.12 -32.19
N SER B 337 13.89 -26.05 -31.41
CA SER B 337 12.57 -25.55 -31.06
C SER B 337 12.59 -24.02 -30.94
N PRO B 338 12.60 -23.29 -32.08
CA PRO B 338 12.52 -21.83 -32.09
C PRO B 338 11.43 -21.20 -31.24
N LYS B 339 10.28 -21.86 -31.08
CA LYS B 339 9.13 -21.25 -30.43
C LYS B 339 9.32 -21.16 -28.91
N MET B 340 10.44 -21.72 -28.43
CA MET B 340 10.74 -21.71 -27.02
C MET B 340 11.29 -20.35 -26.59
N PHE B 341 11.64 -19.49 -27.58
CA PHE B 341 12.14 -18.13 -27.37
C PHE B 341 11.01 -17.11 -27.45
N HIS B 342 9.79 -17.58 -27.77
CA HIS B 342 8.56 -16.80 -27.75
C HIS B 342 8.51 -15.75 -28.87
N VAL B 343 9.31 -15.90 -29.94
CA VAL B 343 9.25 -14.94 -31.04
C VAL B 343 9.52 -15.64 -32.38
N ALA B 344 9.01 -15.04 -33.46
CA ALA B 344 9.27 -15.50 -34.81
C ALA B 344 9.14 -14.34 -35.79
N GLY B 345 9.86 -14.41 -36.92
CA GLY B 345 9.81 -13.40 -37.95
C GLY B 345 10.17 -12.02 -37.41
N ASN B 346 9.27 -11.04 -37.57
CA ASN B 346 9.54 -9.64 -37.33
C ASN B 346 9.63 -9.29 -35.85
N GLN B 347 9.01 -10.11 -35.00
CA GLN B 347 9.03 -9.86 -33.57
C GLN B 347 10.36 -10.37 -33.02
N LYS B 348 11.01 -9.53 -32.21
CA LYS B 348 12.23 -9.92 -31.50
C LYS B 348 11.98 -9.76 -30.01
N ASP B 349 12.81 -10.42 -29.22
CA ASP B 349 12.76 -10.29 -27.77
C ASP B 349 13.57 -9.07 -27.38
N PRO B 350 12.97 -7.99 -26.84
CA PRO B 350 13.72 -6.76 -26.59
C PRO B 350 14.72 -6.89 -25.45
N ILE B 351 14.67 -8.00 -24.70
CA ILE B 351 15.63 -8.27 -23.63
C ILE B 351 16.87 -8.92 -24.23
N ASP B 352 18.03 -8.29 -24.04
CA ASP B 352 19.26 -8.73 -24.68
C ASP B 352 20.00 -9.69 -23.76
N ILE B 353 19.30 -10.71 -23.24
CA ILE B 353 19.98 -11.63 -22.36
C ILE B 353 19.54 -13.05 -22.69
N PRO B 354 20.43 -13.89 -23.27
CA PRO B 354 20.06 -15.22 -23.72
C PRO B 354 19.05 -15.86 -22.76
N LEU B 355 17.93 -16.28 -23.35
CA LEU B 355 16.80 -16.71 -22.58
C LEU B 355 17.16 -17.97 -21.79
N TYR B 356 18.14 -18.75 -22.26
CA TYR B 356 18.47 -19.99 -21.57
C TYR B 356 19.83 -19.89 -20.92
N ASP B 357 20.32 -18.65 -20.79
CA ASP B 357 21.50 -18.39 -19.99
C ASP B 357 21.27 -18.94 -18.59
N PRO B 358 22.05 -19.95 -18.14
CA PRO B 358 21.90 -20.45 -16.76
C PRO B 358 21.91 -19.30 -15.77
N ASP B 359 21.11 -19.41 -14.72
CA ASP B 359 20.96 -18.34 -13.75
C ASP B 359 22.28 -18.13 -13.02
N PRO B 360 22.71 -16.88 -12.71
CA PRO B 360 23.90 -16.67 -11.90
C PRO B 360 23.61 -17.25 -10.52
N THR B 361 24.48 -18.15 -10.04
CA THR B 361 24.25 -18.78 -8.77
C THR B 361 25.58 -18.93 -8.02
N LEU B 362 25.98 -17.82 -7.40
CA LEU B 362 27.31 -17.62 -6.85
C LEU B 362 27.22 -17.59 -5.33
N TRP B 363 28.34 -17.91 -4.66
CA TRP B 363 28.47 -17.55 -3.27
C TRP B 363 29.88 -17.08 -2.93
N ILE B 364 29.89 -16.23 -1.92
CA ILE B 364 31.05 -15.94 -1.12
C ILE B 364 30.84 -16.66 0.21
N PRO B 365 31.72 -17.62 0.56
CA PRO B 365 31.69 -18.23 1.89
C PRO B 365 31.76 -17.31 3.10
N VAL B 366 31.56 -17.93 4.28
CA VAL B 366 32.06 -17.36 5.51
C VAL B 366 33.56 -17.65 5.54
N GLN B 367 34.32 -16.69 6.07
CA GLN B 367 35.77 -16.64 6.01
C GLN B 367 36.31 -15.83 7.17
N LYS B 368 37.63 -15.69 7.26
CA LYS B 368 38.25 -14.75 8.19
C LYS B 368 37.65 -13.37 7.99
N ASP B 369 37.32 -12.69 9.10
CA ASP B 369 36.84 -11.30 9.11
C ASP B 369 35.47 -11.12 8.48
N ARG B 370 34.82 -12.23 8.09
CA ARG B 370 33.58 -12.19 7.33
C ARG B 370 32.62 -13.27 7.84
N PRO B 371 32.13 -13.16 9.10
CA PRO B 371 31.17 -14.13 9.65
C PRO B 371 29.78 -13.95 9.04
N TRP B 372 29.72 -14.16 7.71
CA TRP B 372 28.47 -14.13 6.98
C TRP B 372 28.64 -14.67 5.56
N HIS B 373 27.53 -15.22 5.10
CA HIS B 373 27.45 -16.12 3.97
C HIS B 373 26.62 -15.42 2.91
N CYS B 374 27.25 -15.09 1.78
CA CYS B 374 26.60 -14.33 0.73
C CYS B 374 26.16 -15.27 -0.39
N GLN B 375 24.96 -15.01 -0.92
CA GLN B 375 24.48 -15.66 -2.13
C GLN B 375 24.09 -14.58 -3.13
N ILE B 376 24.72 -14.63 -4.32
CA ILE B 376 24.31 -13.82 -5.45
C ILE B 376 23.61 -14.74 -6.45
N HIS B 377 22.28 -14.73 -6.45
CA HIS B 377 21.52 -15.71 -7.21
C HIS B 377 20.13 -15.20 -7.54
N LYS B 378 19.31 -16.11 -8.07
CA LYS B 378 17.90 -15.87 -8.28
C LYS B 378 17.11 -17.13 -7.89
N ASP B 379 16.42 -17.09 -6.74
CA ASP B 379 15.53 -18.19 -6.42
C ASP B 379 14.29 -17.64 -5.72
N ASN B 380 13.43 -18.59 -5.33
CA ASN B 380 12.02 -18.39 -5.10
C ASN B 380 11.73 -18.53 -3.61
N PHE B 381 11.25 -17.41 -3.05
CA PHE B 381 10.96 -17.27 -1.63
C PHE B 381 9.69 -16.44 -1.50
N SER B 382 9.15 -16.38 -0.29
CA SER B 382 7.95 -15.60 0.02
C SER B 382 8.16 -14.11 -0.31
N TYR B 383 9.40 -13.62 -0.22
CA TYR B 383 9.66 -12.20 -0.30
C TYR B 383 10.41 -11.91 -1.60
N GLY B 384 10.44 -10.63 -1.96
CA GLY B 384 11.15 -10.20 -3.15
C GLY B 384 10.82 -11.09 -4.35
N ILE B 385 9.52 -11.23 -4.62
CA ILE B 385 9.10 -11.85 -5.86
C ILE B 385 9.12 -10.75 -6.91
N VAL B 386 9.70 -11.06 -8.06
CA VAL B 386 9.77 -10.08 -9.12
C VAL B 386 8.40 -9.95 -9.75
N PRO B 387 7.88 -8.72 -9.97
CA PRO B 387 6.62 -8.50 -10.69
C PRO B 387 6.41 -9.32 -11.97
N ASP B 388 5.13 -9.65 -12.22
CA ASP B 388 4.75 -10.52 -13.33
C ASP B 388 5.00 -9.83 -14.68
N ASN B 389 5.05 -8.48 -14.70
CA ASN B 389 5.22 -7.69 -15.92
C ASN B 389 6.67 -7.29 -16.15
N ILE B 390 7.61 -7.94 -15.43
CA ILE B 390 9.04 -7.65 -15.61
C ILE B 390 9.81 -8.93 -15.87
N ASP B 391 10.58 -8.89 -16.97
CA ASP B 391 11.38 -10.04 -17.37
C ASP B 391 12.47 -10.25 -16.32
N ASP B 392 12.45 -11.38 -15.62
CA ASP B 392 13.25 -11.55 -14.42
C ASP B 392 14.72 -11.81 -14.75
N ARG B 393 15.07 -11.84 -16.04
CA ARG B 393 16.47 -11.86 -16.45
C ARG B 393 17.18 -10.57 -16.05
N LEU B 394 16.40 -9.49 -15.86
CA LEU B 394 16.95 -8.19 -15.52
C LEU B 394 17.50 -8.15 -14.09
N VAL B 395 17.13 -9.12 -13.25
CA VAL B 395 17.28 -8.96 -11.82
C VAL B 395 18.22 -10.03 -11.25
N VAL B 396 18.91 -9.68 -10.17
CA VAL B 396 19.55 -10.69 -9.35
C VAL B 396 19.26 -10.38 -7.87
N ASP B 397 19.02 -11.47 -7.14
CA ASP B 397 18.68 -11.45 -5.72
C ASP B 397 19.97 -11.56 -4.94
N LEU B 398 20.03 -10.89 -3.78
CA LEU B 398 21.17 -10.98 -2.86
C LEU B 398 20.66 -11.41 -1.49
N ARG B 399 21.31 -12.41 -0.90
CA ARG B 399 20.92 -12.88 0.41
C ARG B 399 22.16 -13.17 1.25
N TRP B 400 22.40 -12.30 2.24
CA TRP B 400 23.47 -12.48 3.19
C TRP B 400 22.88 -13.04 4.49
N PHE B 401 23.61 -13.99 5.07
CA PHE B 401 23.18 -14.71 6.25
C PHE B 401 24.26 -14.55 7.32
N GLY B 402 23.87 -14.00 8.47
CA GLY B 402 24.81 -13.63 9.53
C GLY B 402 24.72 -14.53 10.75
N PHE B 403 25.74 -14.45 11.60
CA PHE B 403 25.84 -15.30 12.77
C PHE B 403 24.82 -14.86 13.81
N VAL B 404 24.07 -15.83 14.33
CA VAL B 404 23.19 -15.58 15.47
C VAL B 404 23.71 -16.41 16.63
N ASP B 405 24.09 -15.70 17.69
CA ASP B 405 24.69 -16.34 18.84
C ASP B 405 23.61 -17.06 19.65
N GLN B 406 23.94 -18.28 20.07
CA GLN B 406 22.98 -19.16 20.71
C GLN B 406 22.94 -18.88 22.20
N MET B 407 21.79 -18.44 22.71
CA MET B 407 21.70 -17.93 24.06
C MET B 407 20.45 -18.48 24.72
N PRO B 408 20.49 -18.77 26.05
CA PRO B 408 19.38 -19.45 26.71
C PRO B 408 18.20 -18.53 27.00
N THR B 409 18.42 -17.21 26.94
CA THR B 409 17.38 -16.21 27.14
C THR B 409 16.54 -16.03 25.87
N ASN B 410 16.98 -16.62 24.75
CA ASN B 410 16.19 -16.81 23.54
C ASN B 410 15.63 -18.23 23.50
N TYR B 411 14.31 -18.34 23.31
CA TYR B 411 13.67 -19.63 23.36
C TYR B 411 12.29 -19.61 22.72
N VAL B 412 11.84 -20.80 22.35
CA VAL B 412 10.43 -21.11 22.16
C VAL B 412 9.97 -21.88 23.39
N THR B 413 8.79 -21.54 23.92
CA THR B 413 8.16 -22.36 24.96
C THR B 413 6.79 -22.80 24.45
N PHE B 414 6.04 -23.51 25.29
CA PHE B 414 4.82 -24.16 24.85
C PHE B 414 3.73 -23.99 25.90
N GLU B 415 2.62 -23.34 25.53
CA GLU B 415 1.55 -23.04 26.47
C GLU B 415 0.92 -24.37 26.89
N GLU B 416 0.41 -24.41 28.12
CA GLU B 416 -0.26 -25.60 28.63
C GLU B 416 -1.75 -25.57 28.31
N GLU B 417 -2.32 -24.37 28.12
CA GLU B 417 -3.76 -24.20 27.96
C GLU B 417 -4.14 -23.67 26.57
N ILE B 418 -3.19 -23.68 25.61
CA ILE B 418 -3.50 -23.27 24.25
C ILE B 418 -2.89 -24.32 23.32
N PHE B 419 -3.52 -24.54 22.17
CA PHE B 419 -3.05 -25.55 21.23
C PHE B 419 -3.08 -24.99 19.82
N ASP B 420 -2.31 -25.64 18.96
CA ASP B 420 -2.08 -25.16 17.61
C ASP B 420 -3.05 -25.90 16.70
N ILE B 421 -2.74 -25.91 15.41
CA ILE B 421 -3.61 -26.49 14.42
C ILE B 421 -3.62 -28.01 14.48
N HIS B 422 -2.59 -28.62 15.08
CA HIS B 422 -2.51 -30.06 15.24
C HIS B 422 -3.00 -30.47 16.63
N GLY B 423 -3.50 -29.48 17.37
CA GLY B 423 -3.98 -29.69 18.72
C GLY B 423 -2.84 -30.04 19.68
N MET B 424 -1.68 -29.44 19.46
CA MET B 424 -0.54 -29.68 20.30
C MET B 424 -0.12 -28.36 20.95
N PRO B 425 0.60 -28.37 22.09
CA PRO B 425 0.91 -27.13 22.81
C PRO B 425 1.32 -25.99 21.90
N GLN B 426 0.59 -24.87 22.01
CA GLN B 426 0.85 -23.69 21.21
C GLN B 426 2.24 -23.19 21.53
N PRO B 427 3.14 -23.07 20.52
CA PRO B 427 4.43 -22.41 20.71
C PRO B 427 4.35 -20.90 20.95
N THR B 428 5.24 -20.43 21.81
CA THR B 428 5.38 -19.01 22.13
C THR B 428 6.87 -18.68 22.07
N PHE B 429 7.23 -17.62 21.34
CA PHE B 429 8.63 -17.24 21.16
C PHE B 429 9.01 -16.14 22.15
N HIS B 430 10.25 -16.21 22.66
CA HIS B 430 10.92 -15.06 23.22
C HIS B 430 12.30 -14.97 22.58
N PHE B 431 12.43 -14.06 21.61
CA PHE B 431 13.63 -14.02 20.78
C PHE B 431 14.05 -12.58 20.48
N GLN B 432 15.34 -12.31 20.62
CA GLN B 432 15.95 -11.08 20.14
C GLN B 432 17.36 -11.37 19.66
N TYR B 433 17.76 -10.68 18.58
CA TYR B 433 19.12 -10.78 18.08
C TYR B 433 20.10 -10.29 19.15
N PRO B 434 21.07 -11.13 19.56
CA PRO B 434 22.11 -10.74 20.52
C PRO B 434 22.93 -9.49 20.18
N GLU B 435 23.10 -8.58 21.15
CA GLU B 435 23.79 -7.31 20.93
C GLU B 435 25.17 -7.50 20.28
N GLN B 436 25.85 -8.60 20.62
CA GLN B 436 27.21 -8.86 20.13
C GLN B 436 27.23 -8.98 18.61
N ASP B 437 26.19 -9.59 18.00
CA ASP B 437 26.20 -9.88 16.58
C ASP B 437 25.78 -8.64 15.78
N ALA B 438 25.48 -7.55 16.49
CA ALA B 438 24.94 -6.35 15.89
C ALA B 438 25.94 -5.70 14.95
N GLU B 439 27.19 -5.56 15.41
CA GLU B 439 28.23 -4.86 14.68
C GLU B 439 28.43 -5.56 13.33
N ASN B 440 28.50 -6.90 13.38
CA ASN B 440 28.77 -7.73 12.21
C ASN B 440 27.60 -7.73 11.24
N ALA B 441 26.38 -7.69 11.80
CA ALA B 441 25.20 -7.65 10.96
C ALA B 441 25.26 -6.41 10.07
N HIS B 442 25.61 -5.27 10.68
CA HIS B 442 25.66 -4.00 9.96
C HIS B 442 26.74 -4.07 8.89
N ARG B 443 27.86 -4.71 9.22
CA ARG B 443 28.93 -4.93 8.25
C ARG B 443 28.40 -5.80 7.12
N MET B 444 27.55 -6.76 7.44
CA MET B 444 26.93 -7.58 6.41
C MET B 444 26.26 -6.72 5.36
N MET B 445 25.50 -5.72 5.84
CA MET B 445 24.74 -4.82 4.97
C MET B 445 25.65 -3.99 4.08
N GLN B 446 26.60 -3.30 4.70
CA GLN B 446 27.56 -2.50 3.97
C GLN B 446 28.15 -3.34 2.85
N ASP B 447 28.47 -4.60 3.17
CA ASP B 447 29.01 -5.53 2.20
C ASP B 447 28.01 -5.76 1.08
N MET B 448 26.81 -6.21 1.45
CA MET B 448 25.80 -6.61 0.49
C MET B 448 25.52 -5.49 -0.49
N THR B 449 25.41 -4.25 0.00
CA THR B 449 25.08 -3.10 -0.84
C THR B 449 26.20 -2.84 -1.86
N GLU B 450 27.42 -2.66 -1.35
CA GLU B 450 28.56 -2.36 -2.21
C GLU B 450 28.58 -3.34 -3.36
N VAL B 451 28.40 -4.65 -3.04
CA VAL B 451 28.40 -5.73 -4.00
C VAL B 451 27.30 -5.54 -5.04
N GLY B 452 26.07 -5.29 -4.56
CA GLY B 452 24.96 -5.01 -5.44
C GLY B 452 25.27 -3.85 -6.38
N LEU B 453 25.69 -2.71 -5.83
CA LEU B 453 25.88 -1.51 -6.61
C LEU B 453 27.07 -1.64 -7.53
N SER B 454 27.86 -2.70 -7.37
CA SER B 454 28.96 -2.94 -8.30
C SER B 454 28.48 -3.66 -9.56
N ILE B 455 27.29 -4.28 -9.52
CA ILE B 455 26.83 -5.06 -10.66
C ILE B 455 25.58 -4.45 -11.27
N GLY B 456 25.18 -3.27 -10.79
CA GLY B 456 24.05 -2.54 -11.33
C GLY B 456 23.42 -1.67 -10.25
N GLY B 457 22.18 -1.22 -10.49
CA GLY B 457 21.43 -0.39 -9.57
C GLY B 457 20.33 -1.20 -8.90
N PHE B 458 19.75 -0.66 -7.83
CA PHE B 458 18.74 -1.43 -7.11
C PHE B 458 17.45 -1.42 -7.90
N LEU B 459 16.75 -2.56 -7.86
CA LEU B 459 15.36 -2.62 -8.27
C LEU B 459 14.57 -1.72 -7.33
N PRO B 460 14.04 -0.58 -7.84
CA PRO B 460 13.50 0.48 -6.97
C PRO B 460 12.07 0.27 -6.45
N THR B 461 11.59 -0.98 -6.49
CA THR B 461 10.34 -1.33 -5.82
C THR B 461 10.57 -1.28 -4.31
N PRO B 462 9.53 -0.97 -3.51
CA PRO B 462 9.64 -1.19 -2.07
C PRO B 462 10.10 -2.61 -1.73
N GLU B 463 9.53 -3.61 -2.40
CA GLU B 463 9.71 -5.02 -2.07
C GLU B 463 11.15 -5.50 -2.23
N ALA B 464 11.91 -4.82 -3.11
CA ALA B 464 13.26 -5.25 -3.47
C ALA B 464 14.32 -4.33 -2.87
N ARG B 465 13.90 -3.35 -2.05
CA ARG B 465 14.85 -2.47 -1.41
C ARG B 465 15.78 -3.30 -0.54
N PRO B 466 16.99 -2.79 -0.25
CA PRO B 466 17.90 -3.48 0.66
C PRO B 466 17.43 -3.29 2.10
N GLN B 467 17.51 -4.34 2.92
CA GLN B 467 16.75 -4.37 4.15
C GLN B 467 17.11 -5.59 4.98
N PHE B 468 16.88 -5.49 6.29
CA PHE B 468 16.97 -6.65 7.16
C PHE B 468 15.62 -7.35 7.17
N MET B 469 15.64 -8.67 7.15
CA MET B 469 14.41 -9.43 7.25
C MET B 469 13.97 -9.50 8.69
N ALA B 470 12.65 -9.61 8.88
CA ALA B 470 12.11 -9.83 10.21
C ALA B 470 12.54 -11.22 10.67
N PRO B 471 12.71 -11.42 11.98
CA PRO B 471 13.15 -12.71 12.50
C PRO B 471 12.25 -13.84 11.99
N GLY B 472 12.89 -14.92 11.53
CA GLY B 472 12.21 -16.13 11.08
C GLY B 472 12.42 -16.33 9.59
N SER B 473 12.76 -15.24 8.89
CA SER B 473 12.70 -15.17 7.45
C SER B 473 13.72 -16.11 6.82
N SER B 474 14.77 -16.40 7.59
CA SER B 474 15.88 -17.20 7.09
C SER B 474 15.41 -18.62 6.83
N LEU B 475 14.43 -19.06 7.62
CA LEU B 475 14.00 -20.45 7.71
C LEU B 475 15.16 -21.35 8.12
N HIS B 476 16.17 -20.76 8.76
CA HIS B 476 17.36 -21.51 9.15
C HIS B 476 17.40 -21.51 10.69
N SER B 477 16.36 -22.05 11.32
CA SER B 477 16.29 -22.09 12.77
C SER B 477 17.15 -23.24 13.30
N MET B 478 17.81 -23.00 14.46
CA MET B 478 18.81 -23.90 15.04
C MET B 478 18.87 -23.77 16.57
N GLY B 479 19.46 -24.77 17.23
CA GLY B 479 19.85 -24.67 18.63
C GLY B 479 18.77 -25.14 19.62
N THR B 480 17.54 -25.33 19.13
CA THR B 480 16.40 -25.64 19.98
C THR B 480 16.59 -26.99 20.67
N TYR B 481 17.10 -27.98 19.96
CA TYR B 481 17.42 -29.26 20.56
C TYR B 481 18.90 -29.60 20.38
N ARG B 482 19.76 -28.64 20.77
CA ARG B 482 21.18 -28.65 20.43
C ARG B 482 21.94 -29.79 21.09
N MET B 483 23.11 -30.12 20.53
CA MET B 483 23.95 -31.18 21.05
C MET B 483 25.06 -30.60 21.92
N GLY B 484 25.61 -31.46 22.77
CA GLY B 484 26.81 -31.12 23.52
C GLY B 484 27.61 -32.38 23.81
N GLU B 485 28.64 -32.20 24.64
CA GLU B 485 29.52 -33.29 25.02
C GLU B 485 29.02 -33.98 26.29
N SER B 486 28.26 -33.27 27.15
CA SER B 486 27.80 -33.87 28.39
C SER B 486 26.40 -33.39 28.77
N ASP B 487 25.76 -34.16 29.66
CA ASP B 487 24.42 -33.82 30.15
C ASP B 487 24.57 -32.66 31.12
N ASP B 488 24.93 -31.55 30.50
CA ASP B 488 25.47 -30.39 31.15
C ASP B 488 24.30 -29.53 31.60
N GLY B 489 23.10 -29.76 31.04
CA GLY B 489 22.00 -28.81 31.13
C GLY B 489 22.01 -27.77 30.01
N THR B 490 23.05 -27.80 29.18
CA THR B 490 23.21 -26.86 28.08
C THR B 490 22.81 -27.49 26.75
N SER B 491 22.49 -28.80 26.75
CA SER B 491 22.22 -29.52 25.52
C SER B 491 21.10 -30.53 25.74
N VAL B 492 20.42 -30.90 24.64
CA VAL B 492 19.39 -31.91 24.66
C VAL B 492 19.95 -33.25 24.20
N VAL B 493 20.80 -33.23 23.15
CA VAL B 493 21.35 -34.45 22.59
C VAL B 493 22.86 -34.47 22.76
N ASP B 494 23.43 -35.69 22.64
CA ASP B 494 24.87 -35.90 22.60
C ASP B 494 25.32 -35.78 21.16
N ALA B 495 26.63 -36.02 20.92
CA ALA B 495 27.23 -35.88 19.59
C ALA B 495 26.78 -36.98 18.64
N HIS B 496 26.08 -38.01 19.14
CA HIS B 496 25.44 -38.99 18.27
C HIS B 496 23.97 -38.66 18.08
N SER B 497 23.62 -37.40 18.37
CA SER B 497 22.26 -36.86 18.18
C SER B 497 21.24 -37.66 19.00
N LYS B 498 21.65 -38.13 20.18
CA LYS B 498 20.80 -38.96 21.01
C LYS B 498 20.45 -38.22 22.29
N VAL B 499 19.20 -38.38 22.73
CA VAL B 499 18.67 -37.54 23.78
C VAL B 499 19.22 -38.00 25.13
N TRP B 500 19.70 -37.04 25.91
CA TRP B 500 20.24 -37.31 27.24
C TRP B 500 19.21 -38.06 28.08
N GLY B 501 19.64 -39.22 28.58
CA GLY B 501 18.88 -40.01 29.52
C GLY B 501 17.98 -41.04 28.82
N PHE B 502 18.19 -41.26 27.51
CA PHE B 502 17.35 -42.17 26.75
C PHE B 502 18.20 -43.13 25.94
N ASP B 503 17.78 -44.40 25.94
CA ASP B 503 18.50 -45.46 25.25
C ASP B 503 18.34 -45.30 23.73
N ASN B 504 17.12 -45.03 23.25
CA ASN B 504 16.77 -45.30 21.87
C ASN B 504 15.99 -44.16 21.21
N LEU B 505 16.22 -42.92 21.65
CA LEU B 505 15.56 -41.76 21.04
C LEU B 505 16.59 -40.78 20.49
N TYR B 506 16.42 -40.44 19.21
CA TYR B 506 17.35 -39.57 18.49
C TYR B 506 16.59 -38.40 17.87
N LEU B 507 17.28 -37.28 17.68
CA LEU B 507 16.74 -36.15 16.96
C LEU B 507 17.57 -35.84 15.70
N GLY B 508 16.93 -35.14 14.76
CA GLY B 508 17.63 -34.69 13.57
C GLY B 508 17.15 -33.29 13.20
N GLY B 509 18.05 -32.52 12.58
CA GLY B 509 17.66 -31.24 12.03
C GLY B 509 18.54 -30.10 12.52
N PRO B 510 18.47 -28.92 11.90
CA PRO B 510 19.25 -27.76 12.35
C PRO B 510 19.15 -27.46 13.84
N GLY B 511 18.03 -27.84 14.46
CA GLY B 511 17.85 -27.71 15.89
C GLY B 511 19.00 -28.28 16.71
N VAL B 512 19.67 -29.31 16.16
CA VAL B 512 20.79 -29.99 16.79
C VAL B 512 22.05 -29.10 16.83
N ILE B 513 22.21 -28.21 15.85
CA ILE B 513 23.45 -27.44 15.72
C ILE B 513 23.61 -26.57 16.96
N PRO B 514 24.74 -26.66 17.70
CA PRO B 514 24.99 -25.79 18.86
C PRO B 514 25.89 -24.57 18.64
N LYS B 515 26.25 -24.29 17.38
CA LYS B 515 27.38 -23.42 17.07
C LYS B 515 26.97 -22.37 16.02
N PRO B 516 26.95 -21.08 16.42
CA PRO B 516 26.59 -19.98 15.53
C PRO B 516 27.28 -20.12 14.18
N ASN B 517 26.51 -19.94 13.10
CA ASN B 517 27.07 -19.99 11.75
C ASN B 517 26.25 -19.10 10.83
N GLY B 518 26.68 -19.01 9.57
CA GLY B 518 26.03 -18.21 8.54
C GLY B 518 25.48 -19.03 7.37
N ALA B 519 25.95 -20.27 7.22
CA ALA B 519 25.70 -21.04 6.02
C ALA B 519 24.34 -21.73 6.09
N ASN B 520 23.88 -22.18 4.92
CA ASN B 520 22.67 -22.95 4.79
C ASN B 520 22.85 -24.32 5.44
N PRO B 521 22.10 -24.56 6.54
CA PRO B 521 22.40 -25.67 7.45
C PRO B 521 21.94 -27.07 7.08
N THR B 522 21.14 -27.19 6.02
CA THR B 522 20.48 -28.47 5.80
C THR B 522 21.52 -29.58 5.57
N LEU B 523 22.55 -29.30 4.76
CA LEU B 523 23.52 -30.33 4.41
C LEU B 523 24.20 -30.83 5.68
N THR B 524 24.64 -29.86 6.48
CA THR B 524 25.22 -30.08 7.80
C THR B 524 24.33 -31.02 8.60
N ALA B 525 23.04 -30.71 8.68
CA ALA B 525 22.15 -31.49 9.52
C ALA B 525 22.13 -32.93 9.06
N ALA B 526 22.15 -33.13 7.73
CA ALA B 526 22.12 -34.45 7.14
C ALA B 526 23.38 -35.24 7.49
N ALA B 527 24.50 -34.52 7.61
CA ALA B 527 25.73 -35.14 8.06
C ALA B 527 25.52 -35.78 9.44
N LEU B 528 25.04 -34.98 10.39
CA LEU B 528 24.99 -35.37 11.78
C LEU B 528 24.01 -36.54 11.94
N ALA B 529 23.04 -36.58 11.03
CA ALA B 529 22.07 -37.66 10.98
C ALA B 529 22.76 -38.97 10.60
N ILE B 530 23.51 -38.94 9.49
CA ILE B 530 24.26 -40.11 9.04
C ILE B 530 25.09 -40.62 10.22
N ARG B 531 25.69 -39.68 10.97
CA ARG B 531 26.51 -40.00 12.12
C ARG B 531 25.67 -40.77 13.13
N ALA B 532 24.55 -40.17 13.54
CA ALA B 532 23.65 -40.81 14.46
C ALA B 532 23.23 -42.17 13.91
N ALA B 533 22.99 -42.24 12.61
CA ALA B 533 22.53 -43.48 11.99
C ALA B 533 23.58 -44.57 12.14
N ASN B 534 24.85 -44.22 11.91
CA ASN B 534 25.93 -45.19 12.09
C ASN B 534 25.96 -45.61 13.55
N HIS B 535 25.80 -44.67 14.47
CA HIS B 535 25.81 -45.01 15.89
C HIS B 535 24.72 -46.03 16.17
N ILE B 536 23.61 -45.93 15.45
CA ILE B 536 22.51 -46.85 15.63
C ILE B 536 22.84 -48.21 15.02
N LEU B 537 23.46 -48.19 13.85
CA LEU B 537 23.81 -49.44 13.18
C LEU B 537 24.87 -50.18 13.98
N ARG B 538 25.86 -49.44 14.50
CA ARG B 538 27.09 -50.01 15.02
C ARG B 538 26.92 -50.21 16.52
N ASN B 539 25.69 -50.01 17.01
CA ASN B 539 25.29 -50.34 18.37
C ASN B 539 23.99 -51.16 18.26
N CYS C 9 4.34 43.06 27.65
CA CYS C 9 4.73 42.50 28.98
C CYS C 9 3.51 42.38 29.91
N LYS C 10 2.90 43.53 30.26
CA LYS C 10 1.70 43.60 31.09
C LYS C 10 0.67 44.52 30.45
N ILE C 11 -0.54 44.03 30.16
CA ILE C 11 -1.44 44.70 29.22
C ILE C 11 -2.87 44.17 29.38
N SER C 12 -3.89 44.99 29.11
CA SER C 12 -5.24 44.73 29.57
C SER C 12 -6.32 45.26 28.62
N ALA C 13 -7.49 44.63 28.67
CA ALA C 13 -8.71 45.14 28.03
C ALA C 13 -9.92 44.77 28.89
N GLU C 14 -11.11 45.26 28.50
CA GLU C 14 -12.31 44.88 29.22
C GLU C 14 -12.43 43.37 29.18
N VAL C 15 -12.36 42.78 27.97
CA VAL C 15 -12.63 41.37 27.79
C VAL C 15 -11.45 40.74 27.05
N VAL C 16 -11.17 39.48 27.37
CA VAL C 16 -10.14 38.70 26.71
C VAL C 16 -10.74 37.40 26.21
N ILE C 17 -10.41 37.08 24.95
CA ILE C 17 -10.95 35.91 24.29
C ILE C 17 -9.79 35.03 23.83
N ILE C 18 -9.70 33.83 24.42
CA ILE C 18 -8.68 32.87 24.06
C ILE C 18 -9.22 32.00 22.95
N GLY C 19 -8.59 32.18 21.78
CA GLY C 19 -8.92 31.42 20.59
C GLY C 19 -9.69 32.29 19.62
N SER C 20 -9.15 32.44 18.41
CA SER C 20 -9.77 33.22 17.36
C SER C 20 -10.46 32.30 16.35
N GLY C 21 -10.96 31.17 16.84
CA GLY C 21 -11.80 30.31 16.02
C GLY C 21 -13.08 31.04 15.63
N PRO C 22 -13.98 30.37 14.89
CA PRO C 22 -15.30 30.93 14.63
C PRO C 22 -15.99 31.42 15.91
N VAL C 23 -15.86 30.62 16.98
CA VAL C 23 -16.63 30.91 18.17
C VAL C 23 -16.02 32.11 18.90
N GLY C 24 -14.69 32.12 19.04
CA GLY C 24 -14.01 33.28 19.56
C GLY C 24 -14.47 34.56 18.88
N ALA C 25 -14.48 34.55 17.55
CA ALA C 25 -14.76 35.75 16.76
C ALA C 25 -16.21 36.16 16.93
N THR C 26 -17.08 35.18 17.12
CA THR C 26 -18.49 35.46 17.34
C THR C 26 -18.62 36.33 18.59
N PHE C 27 -17.96 35.92 19.67
CA PHE C 27 -17.98 36.69 20.91
C PHE C 27 -17.50 38.12 20.60
N ALA C 28 -16.33 38.21 19.95
CA ALA C 28 -15.75 39.51 19.68
C ALA C 28 -16.73 40.35 18.88
N ARG C 29 -17.33 39.75 17.85
CA ARG C 29 -18.23 40.51 17.01
C ARG C 29 -19.31 41.13 17.89
N HIS C 30 -20.07 40.28 18.58
CA HIS C 30 -21.20 40.71 19.39
C HIS C 30 -20.74 41.69 20.46
N LEU C 31 -19.64 41.39 21.16
CA LEU C 31 -19.24 42.16 22.33
C LEU C 31 -18.75 43.55 21.93
N VAL C 32 -17.92 43.60 20.89
CA VAL C 32 -17.37 44.87 20.43
C VAL C 32 -18.49 45.71 19.84
N GLU C 33 -19.34 45.07 19.02
CA GLU C 33 -20.42 45.76 18.35
C GLU C 33 -21.36 46.40 19.36
N ASN C 34 -21.44 45.85 20.57
CA ASN C 34 -22.23 46.42 21.65
C ASN C 34 -21.33 47.13 22.66
N GLY C 35 -20.23 47.76 22.18
CA GLY C 35 -19.54 48.79 22.92
C GLY C 35 -18.44 48.30 23.86
N LYS C 36 -18.16 47.00 23.89
CA LYS C 36 -17.12 46.49 24.78
C LYS C 36 -15.77 46.54 24.06
N SER C 37 -14.66 46.38 24.81
CA SER C 37 -13.32 46.36 24.23
C SER C 37 -12.63 45.03 24.53
N VAL C 38 -11.97 44.44 23.52
CA VAL C 38 -11.65 43.02 23.49
C VAL C 38 -10.21 42.80 23.03
N ILE C 39 -9.56 41.76 23.57
CA ILE C 39 -8.31 41.26 23.03
C ILE C 39 -8.53 39.82 22.60
N LEU C 40 -8.32 39.56 21.32
CA LEU C 40 -8.45 38.22 20.79
C LEU C 40 -7.06 37.59 20.68
N VAL C 41 -6.85 36.46 21.37
CA VAL C 41 -5.54 35.83 21.48
C VAL C 41 -5.60 34.48 20.76
N ASP C 42 -4.54 34.14 20.02
CA ASP C 42 -4.42 32.81 19.46
C ASP C 42 -2.97 32.34 19.46
N ALA C 43 -2.81 31.04 19.70
CA ALA C 43 -1.53 30.38 19.76
C ALA C 43 -0.96 30.17 18.37
N GLY C 44 -1.74 30.48 17.34
CA GLY C 44 -1.32 30.19 15.97
C GLY C 44 -0.83 31.44 15.25
N PRO C 45 -0.32 31.28 14.03
CA PRO C 45 0.03 32.42 13.20
C PRO C 45 -1.13 32.78 12.29
N GLN C 46 -1.07 33.96 11.69
CA GLN C 46 -2.09 34.47 10.80
C GLN C 46 -1.72 34.09 9.36
N ARG C 47 -2.64 33.48 8.60
CA ARG C 47 -2.24 32.83 7.36
C ARG C 47 -2.73 33.58 6.11
N SER C 48 -2.90 34.90 6.27
CA SER C 48 -3.50 35.78 5.28
C SER C 48 -3.22 37.23 5.68
N PRO C 49 -3.17 38.19 4.72
CA PRO C 49 -2.99 39.62 5.02
C PRO C 49 -3.85 40.11 6.17
N GLN C 50 -5.10 39.66 6.18
CA GLN C 50 -6.05 40.02 7.22
C GLN C 50 -6.30 38.78 8.06
N PRO C 51 -6.68 38.95 9.34
CA PRO C 51 -6.75 37.83 10.29
C PRO C 51 -7.89 36.83 10.08
N GLY C 52 -7.56 35.55 9.90
CA GLY C 52 -8.57 34.51 9.80
C GLY C 52 -9.39 34.59 8.52
N GLU C 53 -8.75 34.98 7.41
CA GLU C 53 -9.39 34.88 6.11
C GLU C 53 -9.48 33.40 5.76
N HIS C 54 -10.54 33.05 5.03
CA HIS C 54 -10.69 31.67 4.58
C HIS C 54 -9.79 31.42 3.37
N LEU C 55 -8.99 30.36 3.47
CA LEU C 55 -7.95 30.07 2.49
C LEU C 55 -8.53 29.41 1.25
N LYS C 56 -9.80 28.98 1.28
CA LYS C 56 -10.41 28.34 0.14
C LYS C 56 -10.85 29.40 -0.88
N ASN C 57 -10.83 30.68 -0.48
CA ASN C 57 -11.24 31.79 -1.35
C ASN C 57 -10.24 32.07 -2.47
N ALA C 58 -9.01 31.59 -2.34
CA ALA C 58 -7.99 31.84 -3.35
C ALA C 58 -8.45 31.28 -4.69
N TYR C 59 -8.10 32.01 -5.75
CA TYR C 59 -8.48 31.64 -7.10
C TYR C 59 -8.26 30.15 -7.34
N LEU C 60 -7.09 29.61 -7.01
CA LEU C 60 -6.77 28.26 -7.42
C LEU C 60 -7.77 27.25 -6.83
N TYR C 61 -8.22 27.48 -5.60
CA TYR C 61 -9.11 26.53 -4.93
C TYR C 61 -10.50 26.61 -5.55
N GLN C 62 -10.81 27.79 -6.08
CA GLN C 62 -12.03 27.97 -6.83
C GLN C 62 -11.99 27.10 -8.09
N LYS C 63 -10.80 26.78 -8.58
CA LYS C 63 -10.70 26.09 -9.85
C LYS C 63 -10.50 24.60 -9.63
N ASP C 64 -9.66 24.26 -8.65
CA ASP C 64 -9.45 22.88 -8.23
C ASP C 64 -9.86 22.78 -6.76
N ARG C 65 -11.02 22.17 -6.53
CA ARG C 65 -11.45 21.91 -5.17
C ARG C 65 -10.52 20.90 -4.51
N THR C 66 -10.27 19.74 -5.15
CA THR C 66 -9.62 18.61 -4.45
C THR C 66 -8.26 19.01 -3.88
N ASN C 67 -7.64 20.06 -4.43
CA ASN C 67 -6.33 20.47 -3.98
C ASN C 67 -6.33 21.07 -2.58
N PHE C 68 -7.46 21.64 -2.17
CA PHE C 68 -7.58 22.33 -0.89
C PHE C 68 -7.42 21.36 0.28
N SER C 69 -7.61 20.07 0.03
CA SER C 69 -7.32 19.06 1.05
C SER C 69 -5.89 19.18 1.56
N GLN C 70 -4.99 19.75 0.77
CA GLN C 70 -3.59 19.84 1.15
C GLN C 70 -3.44 20.93 2.19
N ILE C 71 -4.31 21.95 2.11
CA ILE C 71 -4.30 22.98 3.14
C ILE C 71 -4.87 22.39 4.42
N VAL C 72 -5.89 21.54 4.26
CA VAL C 72 -6.50 20.90 5.42
C VAL C 72 -5.42 20.11 6.14
N ASN C 73 -4.73 19.24 5.40
CA ASN C 73 -3.75 18.38 6.03
C ASN C 73 -2.73 19.22 6.77
N SER C 74 -2.45 20.43 6.23
CA SER C 74 -1.49 21.34 6.82
C SER C 74 -2.05 22.01 8.07
N GLU C 75 -3.36 21.98 8.25
CA GLU C 75 -3.95 22.70 9.38
C GLU C 75 -4.18 21.79 10.57
N LEU C 76 -4.33 20.49 10.31
CA LEU C 76 -4.78 19.56 11.32
C LEU C 76 -3.59 18.92 12.02
N TYR C 77 -3.62 18.94 13.36
CA TYR C 77 -2.53 18.41 14.15
C TYR C 77 -3.10 17.45 15.18
N LYS C 78 -2.70 16.18 15.14
CA LYS C 78 -3.15 15.17 16.09
C LYS C 78 -2.77 15.58 17.51
N LEU C 79 -3.61 15.19 18.48
CA LEU C 79 -3.49 15.62 19.86
C LEU C 79 -2.81 14.58 20.75
N SER C 80 -3.05 13.29 20.52
CA SER C 80 -2.40 12.26 21.32
C SER C 80 -1.93 11.15 20.40
N ILE C 81 -0.63 11.07 20.15
CA ILE C 81 -0.11 10.04 19.25
C ILE C 81 0.53 8.93 20.09
N PRO C 82 -0.04 7.70 20.11
CA PRO C 82 0.50 6.63 20.93
C PRO C 82 1.90 6.28 20.41
N THR C 83 2.86 6.19 21.34
CA THR C 83 4.25 5.88 21.05
C THR C 83 4.71 4.65 21.84
N SER C 84 3.79 4.06 22.61
CA SER C 84 4.16 3.27 23.77
C SER C 84 5.00 2.08 23.40
N ASN C 85 4.66 1.39 22.30
CA ASN C 85 5.25 0.09 22.01
C ASN C 85 5.81 -0.02 20.59
N VAL C 86 5.95 1.10 19.89
CA VAL C 86 6.38 1.10 18.49
C VAL C 86 7.74 0.39 18.40
N LYS C 87 7.79 -0.69 17.60
CA LYS C 87 9.01 -1.44 17.36
C LYS C 87 9.02 -1.95 15.92
N LEU C 88 10.10 -1.66 15.20
CA LEU C 88 10.23 -2.01 13.80
C LEU C 88 10.92 -3.36 13.72
N PRO C 89 10.30 -4.38 13.08
CA PRO C 89 10.82 -5.74 13.15
C PRO C 89 12.05 -6.03 12.28
N ASN C 90 12.50 -5.01 11.53
CA ASN C 90 13.42 -5.20 10.42
C ASN C 90 14.44 -4.06 10.36
N LEU C 91 14.89 -3.61 11.54
CA LEU C 91 15.84 -2.51 11.64
C LEU C 91 17.22 -3.07 11.99
N ASP C 92 18.22 -2.59 11.24
CA ASP C 92 19.62 -2.77 11.53
C ASP C 92 19.82 -2.74 13.05
N PRO C 93 20.33 -3.82 13.68
CA PRO C 93 20.52 -3.79 15.13
C PRO C 93 21.63 -2.85 15.62
N SER C 94 22.50 -2.37 14.70
CA SER C 94 23.50 -1.36 15.04
C SER C 94 22.83 -0.04 15.38
N ALA C 95 21.62 0.17 14.84
CA ALA C 95 20.95 1.45 14.88
C ALA C 95 20.16 1.60 16.19
N TYR C 96 20.04 2.85 16.65
CA TYR C 96 19.48 3.14 17.96
C TYR C 96 17.95 3.17 17.92
N TRP C 97 17.33 2.64 18.99
CA TRP C 97 15.89 2.62 19.13
C TRP C 97 15.47 2.75 20.60
N ALA C 98 14.35 3.45 20.84
CA ALA C 98 13.69 3.48 22.13
C ALA C 98 12.23 3.88 21.93
N ALA C 99 11.31 3.08 22.48
CA ALA C 99 9.89 3.28 22.27
C ALA C 99 9.35 4.25 23.33
N GLY C 100 8.20 4.86 23.01
CA GLY C 100 7.50 5.70 23.97
C GLY C 100 8.07 7.11 24.01
N ALA C 101 8.39 7.67 22.84
CA ALA C 101 8.82 9.07 22.81
C ALA C 101 7.68 9.93 23.35
N VAL C 102 8.05 11.13 23.80
CA VAL C 102 7.15 12.01 24.52
C VAL C 102 7.11 13.39 23.86
N ARG C 103 7.81 13.49 22.74
CA ARG C 103 8.06 14.78 22.12
C ARG C 103 6.81 15.27 21.41
N ASN C 104 6.51 16.56 21.59
CA ASN C 104 5.31 17.17 21.05
C ASN C 104 4.09 16.41 21.58
N ASN C 105 3.19 16.02 20.69
CA ASN C 105 1.92 15.42 21.08
C ASN C 105 2.06 13.89 21.03
N MET C 106 3.31 13.41 21.13
CA MET C 106 3.56 12.01 21.38
C MET C 106 3.29 11.70 22.84
N ASN C 107 2.67 10.53 23.07
CA ASN C 107 2.07 10.19 24.34
C ASN C 107 2.21 8.68 24.59
N PRO C 108 3.15 8.26 25.48
CA PRO C 108 3.35 6.84 25.74
C PRO C 108 2.27 6.22 26.63
N LYS C 109 1.47 7.10 27.27
CA LYS C 109 0.44 6.66 28.20
C LYS C 109 -0.87 6.48 27.46
N GLN C 110 -0.86 6.77 26.16
CA GLN C 110 -2.06 6.62 25.34
C GLN C 110 -2.18 5.18 24.85
N ASP C 111 -3.22 4.49 25.34
CA ASP C 111 -3.65 3.25 24.73
C ASP C 111 -4.28 3.61 23.40
N PRO C 112 -3.75 3.04 22.29
CA PRO C 112 -4.34 3.24 20.96
C PRO C 112 -5.81 2.88 20.82
N ASN C 113 -6.22 1.85 21.57
CA ASN C 113 -7.51 1.21 21.42
C ASN C 113 -8.62 1.97 22.14
N THR C 114 -8.26 2.86 23.08
CA THR C 114 -9.24 3.76 23.67
C THR C 114 -8.94 5.18 23.21
N ASN C 115 -8.08 5.31 22.19
CA ASN C 115 -7.70 6.62 21.74
C ASN C 115 -8.83 7.22 20.92
N MET C 116 -8.70 8.51 20.63
CA MET C 116 -9.46 9.15 19.58
C MET C 116 -8.45 9.59 18.52
N PRO C 117 -8.02 8.69 17.60
CA PRO C 117 -6.87 8.95 16.73
C PRO C 117 -6.87 10.29 15.99
N TYR C 118 -8.02 10.70 15.44
CA TYR C 118 -8.08 11.89 14.62
C TYR C 118 -8.68 13.05 15.42
N ALA C 119 -8.62 12.96 16.75
CA ALA C 119 -8.81 14.15 17.53
C ALA C 119 -7.66 15.07 17.15
N GLN C 120 -7.98 16.17 16.46
CA GLN C 120 -6.98 17.10 16.00
C GLN C 120 -7.41 18.53 16.34
N ALA C 121 -6.45 19.45 16.33
CA ALA C 121 -6.77 20.86 16.34
C ALA C 121 -5.95 21.57 15.28
N ALA C 122 -6.34 22.82 15.06
CA ALA C 122 -5.58 23.72 14.23
C ALA C 122 -5.18 24.89 15.10
N PHE C 123 -3.96 25.38 14.88
CA PHE C 123 -3.47 26.51 15.63
C PHE C 123 -3.13 27.60 14.64
N ALA C 124 -4.10 28.49 14.46
CA ALA C 124 -4.01 29.54 13.46
C ALA C 124 -4.96 30.66 13.86
N VAL C 125 -4.63 31.90 13.51
CA VAL C 125 -5.64 32.94 13.61
C VAL C 125 -6.74 32.52 12.64
N GLY C 126 -7.85 32.04 13.25
CA GLY C 126 -9.03 31.56 12.54
C GLY C 126 -9.41 30.14 12.94
N GLY C 127 -8.46 29.42 13.56
CA GLY C 127 -8.68 28.04 13.92
C GLY C 127 -9.00 27.19 12.70
N MET C 128 -10.07 26.40 12.81
CA MET C 128 -10.46 25.52 11.75
C MET C 128 -11.31 26.30 10.75
N GLY C 129 -11.70 27.52 11.16
CA GLY C 129 -12.63 28.36 10.41
C GLY C 129 -12.00 29.00 9.16
N ILE C 130 -10.73 28.68 8.90
CA ILE C 130 -10.06 29.15 7.70
C ILE C 130 -9.83 27.99 6.74
N HIS C 131 -10.33 26.79 7.10
CA HIS C 131 -10.26 25.63 6.20
C HIS C 131 -11.60 24.89 6.09
N TRP C 132 -12.49 25.11 7.07
CA TRP C 132 -13.72 24.33 7.18
C TRP C 132 -14.61 24.48 5.95
N THR C 133 -15.55 23.53 5.82
CA THR C 133 -16.39 23.40 4.63
C THR C 133 -17.67 24.22 4.79
N CYS C 134 -17.82 24.89 5.94
CA CYS C 134 -18.74 26.01 6.13
C CYS C 134 -20.21 25.57 6.18
N ALA C 135 -20.50 24.33 6.59
CA ALA C 135 -21.88 23.87 6.67
C ALA C 135 -22.48 24.34 8.00
N THR C 136 -23.60 25.09 7.93
CA THR C 136 -24.21 25.71 9.10
C THR C 136 -25.70 25.34 9.20
N PRO C 137 -26.05 24.07 9.49
CA PRO C 137 -27.42 23.70 9.82
C PRO C 137 -27.76 24.03 11.27
N ARG C 138 -29.08 24.14 11.52
CA ARG C 138 -29.66 24.31 12.85
C ARG C 138 -30.09 22.95 13.42
N LEU C 139 -30.12 22.86 14.75
CA LEU C 139 -30.49 21.62 15.44
C LEU C 139 -31.98 21.39 15.33
N HIS C 140 -32.36 20.10 15.23
CA HIS C 140 -33.76 19.69 15.20
C HIS C 140 -34.44 20.10 16.51
N PRO C 141 -35.54 20.88 16.45
CA PRO C 141 -36.25 21.33 17.64
C PRO C 141 -36.45 20.27 18.71
N GLU C 142 -36.97 19.10 18.33
CA GLU C 142 -37.31 18.07 19.29
C GLU C 142 -36.10 17.18 19.58
N LEU C 143 -35.37 16.78 18.53
CA LEU C 143 -34.45 15.65 18.67
C LEU C 143 -33.05 16.09 19.08
N GLU C 144 -32.72 17.37 18.90
CA GLU C 144 -31.35 17.83 19.05
C GLU C 144 -31.25 18.96 20.08
N ARG C 145 -32.23 19.88 20.11
CA ARG C 145 -32.12 21.02 20.99
C ARG C 145 -32.47 20.59 22.39
N TRP C 146 -32.06 21.39 23.37
CA TRP C 146 -32.53 21.23 24.74
C TRP C 146 -33.29 22.49 25.15
N HIS C 147 -34.10 22.32 26.19
CA HIS C 147 -35.24 23.17 26.46
C HIS C 147 -34.86 24.34 27.36
N TYR C 148 -33.78 24.25 28.14
CA TYR C 148 -33.43 25.30 29.10
C TYR C 148 -32.87 26.55 28.39
N ILE C 149 -32.60 26.44 27.08
CA ILE C 149 -32.36 27.59 26.23
C ILE C 149 -33.70 27.96 25.58
N THR C 150 -34.11 29.21 25.80
CA THR C 150 -35.47 29.64 25.53
C THR C 150 -35.59 30.29 24.15
N GLU C 151 -34.50 30.90 23.68
CA GLU C 151 -34.55 31.87 22.59
C GLU C 151 -33.75 31.41 21.37
N TRP C 152 -33.84 30.11 21.06
CA TRP C 152 -33.08 29.51 19.98
C TRP C 152 -33.13 30.32 18.69
N ASP C 153 -34.35 30.53 18.17
CA ASP C 153 -34.49 30.99 16.79
C ASP C 153 -34.00 32.41 16.64
N GLU C 154 -33.99 33.19 17.75
CA GLU C 154 -33.42 34.54 17.78
C GLU C 154 -31.90 34.48 17.62
N LEU C 155 -31.27 33.61 18.44
CA LEU C 155 -29.82 33.45 18.46
C LEU C 155 -29.35 32.92 17.12
N TYR C 156 -29.97 31.82 16.67
CA TYR C 156 -29.63 31.24 15.38
C TYR C 156 -29.72 32.30 14.28
N ALA C 157 -30.78 33.12 14.29
CA ALA C 157 -30.93 34.16 13.29
C ALA C 157 -29.73 35.11 13.34
N GLN C 158 -29.37 35.55 14.55
CA GLN C 158 -28.27 36.48 14.72
C GLN C 158 -26.95 35.83 14.31
N ALA C 159 -26.80 34.53 14.59
CA ALA C 159 -25.58 33.81 14.23
C ALA C 159 -25.44 33.70 12.72
N GLU C 160 -26.55 33.37 12.03
CA GLU C 160 -26.57 33.17 10.59
C GLU C 160 -26.21 34.45 9.85
N LYS C 161 -26.65 35.58 10.38
CA LYS C 161 -26.29 36.87 9.85
C LYS C 161 -24.76 37.06 9.93
N TYR C 162 -24.17 36.79 11.09
CA TYR C 162 -22.74 36.98 11.28
C TYR C 162 -21.95 36.03 10.37
N PHE C 163 -22.45 34.80 10.17
CA PHE C 163 -21.76 33.80 9.38
C PHE C 163 -22.07 33.96 7.89
N ASN C 164 -23.05 34.80 7.57
CA ASN C 164 -23.40 34.98 6.18
C ASN C 164 -23.94 33.65 5.65
N THR C 165 -24.76 32.97 6.46
CA THR C 165 -25.35 31.71 6.05
C THR C 165 -26.18 31.96 4.80
N HIS C 166 -26.25 30.96 3.91
CA HIS C 166 -27.00 31.05 2.66
C HIS C 166 -27.35 29.65 2.17
N THR C 167 -28.52 29.52 1.54
CA THR C 167 -28.97 28.24 1.01
C THR C 167 -28.96 28.27 -0.52
N ASN C 168 -28.83 29.48 -1.06
CA ASN C 168 -29.01 29.74 -2.48
C ASN C 168 -27.69 29.64 -3.22
N VAL C 169 -26.64 29.07 -2.61
CA VAL C 169 -25.33 29.15 -3.24
C VAL C 169 -25.27 28.10 -4.34
N PHE C 170 -25.83 26.90 -4.11
CA PHE C 170 -25.73 25.79 -5.04
C PHE C 170 -27.09 25.47 -5.64
N GLU C 171 -27.99 26.45 -5.52
CA GLU C 171 -29.39 26.28 -5.84
C GLU C 171 -29.49 25.81 -7.29
N ARG C 172 -28.73 26.45 -8.18
CA ARG C 172 -28.90 26.22 -9.61
C ARG C 172 -27.93 25.14 -10.08
N SER C 173 -27.59 24.18 -9.20
CA SER C 173 -26.82 23.02 -9.59
C SER C 173 -27.67 22.03 -10.41
N LEU C 174 -27.12 21.67 -11.58
CA LEU C 174 -27.77 20.73 -12.49
C LEU C 174 -27.64 19.30 -11.95
N ARG C 175 -26.46 18.96 -11.44
CA ARG C 175 -26.32 17.66 -10.85
C ARG C 175 -27.06 17.63 -9.51
N GLY C 176 -27.15 18.78 -8.82
CA GLY C 176 -27.96 18.89 -7.63
C GLY C 176 -29.42 18.50 -7.88
N ALA C 177 -29.97 18.98 -8.99
CA ALA C 177 -31.30 18.58 -9.39
C ALA C 177 -31.37 17.08 -9.67
N ALA C 178 -30.52 16.62 -10.61
CA ALA C 178 -30.54 15.24 -11.09
C ALA C 178 -30.52 14.24 -9.92
N ILE C 179 -29.74 14.56 -8.89
CA ILE C 179 -29.64 13.74 -7.69
C ILE C 179 -30.94 13.84 -6.88
N LYS C 180 -31.34 15.08 -6.57
CA LYS C 180 -32.51 15.29 -5.74
C LYS C 180 -33.69 14.51 -6.29
N ARG C 181 -33.84 14.52 -7.64
CA ARG C 181 -34.90 13.77 -8.31
C ARG C 181 -34.82 12.28 -7.94
N ARG C 182 -33.62 11.69 -8.07
CA ARG C 182 -33.45 10.27 -7.83
C ARG C 182 -33.67 9.92 -6.37
N LEU C 183 -33.29 10.83 -5.47
CA LEU C 183 -33.40 10.56 -4.03
C LEU C 183 -34.84 10.69 -3.58
N GLU C 184 -35.54 11.71 -4.08
CA GLU C 184 -36.96 11.88 -3.76
C GLU C 184 -37.71 10.61 -4.15
N ALA C 185 -37.33 10.04 -5.31
CA ALA C 185 -37.93 8.83 -5.85
C ALA C 185 -37.56 7.61 -5.00
N HIS C 186 -36.35 7.59 -4.46
CA HIS C 186 -35.87 6.50 -3.64
C HIS C 186 -36.66 6.44 -2.34
N TYR C 187 -36.76 7.59 -1.67
CA TYR C 187 -37.37 7.71 -0.34
C TYR C 187 -38.89 7.56 -0.43
N ASN C 188 -39.48 8.14 -1.49
CA ASN C 188 -40.88 7.89 -1.78
C ASN C 188 -41.71 8.50 -0.66
N ASN C 189 -41.50 9.80 -0.44
CA ASN C 189 -42.09 10.53 0.66
C ASN C 189 -42.26 9.67 1.90
N GLN C 190 -41.15 9.12 2.40
CA GLN C 190 -41.12 8.48 3.71
C GLN C 190 -40.62 9.50 4.74
N LEU C 191 -39.95 10.54 4.25
CA LEU C 191 -39.36 11.56 5.09
C LEU C 191 -40.46 12.49 5.59
N ASP C 192 -40.22 13.04 6.79
CA ASP C 192 -41.04 14.12 7.32
C ASP C 192 -40.98 15.25 6.31
N PRO C 193 -42.12 15.75 5.78
CA PRO C 193 -42.10 16.88 4.84
C PRO C 193 -41.60 18.21 5.40
N ASN C 194 -41.41 18.30 6.72
CA ASN C 194 -40.76 19.46 7.32
C ASN C 194 -39.24 19.41 7.15
N TYR C 195 -38.71 18.21 6.91
CA TYR C 195 -37.29 18.04 6.74
C TYR C 195 -37.05 17.27 5.44
N PRO C 196 -37.35 17.88 4.26
CA PRO C 196 -37.13 17.19 2.98
C PRO C 196 -35.67 17.17 2.56
N ILE C 197 -35.39 16.47 1.46
CA ILE C 197 -34.13 16.66 0.77
C ILE C 197 -34.12 18.13 0.34
N GLN C 198 -33.00 18.83 0.60
CA GLN C 198 -32.95 20.28 0.39
C GLN C 198 -31.50 20.76 0.33
N ASN C 199 -31.35 22.04 -0.03
CA ASN C 199 -30.05 22.68 -0.20
C ASN C 199 -29.41 22.88 1.17
N LEU C 200 -28.17 22.37 1.33
CA LEU C 200 -27.45 22.48 2.58
C LEU C 200 -27.04 23.93 2.78
N PRO C 201 -27.37 24.52 3.95
CA PRO C 201 -27.08 25.91 4.25
C PRO C 201 -25.61 26.05 4.58
N VAL C 202 -24.97 27.08 4.03
CA VAL C 202 -23.54 27.23 4.15
C VAL C 202 -23.20 28.67 4.51
N ALA C 203 -22.21 28.83 5.38
CA ALA C 203 -21.61 30.13 5.61
C ALA C 203 -20.76 30.45 4.39
N ALA C 204 -21.41 31.04 3.38
CA ALA C 204 -20.79 31.34 2.09
C ALA C 204 -21.78 32.12 1.23
N GLN C 205 -21.29 32.62 0.10
CA GLN C 205 -22.12 33.41 -0.80
C GLN C 205 -21.41 33.54 -2.15
N ARG C 206 -22.21 33.45 -3.22
CA ARG C 206 -21.66 33.59 -4.56
C ARG C 206 -21.22 35.02 -4.77
N ARG C 207 -20.11 35.18 -5.49
CA ARG C 207 -19.53 36.50 -5.67
C ARG C 207 -20.35 37.23 -6.71
N GLU C 208 -20.16 38.55 -6.77
CA GLU C 208 -20.89 39.41 -7.67
C GLU C 208 -19.91 40.12 -8.60
N ASP C 209 -18.62 39.83 -8.44
CA ASP C 209 -17.56 40.62 -9.03
C ASP C 209 -17.37 40.19 -10.48
N GLY C 210 -18.09 40.84 -11.41
CA GLY C 210 -18.06 40.43 -12.81
C GLY C 210 -18.22 38.91 -12.93
N GLU C 211 -17.38 38.29 -13.77
CA GLU C 211 -17.49 36.88 -14.09
C GLU C 211 -17.10 35.98 -12.92
N GLY C 212 -16.57 36.59 -11.85
CA GLY C 212 -16.22 35.90 -10.62
C GLY C 212 -17.45 35.51 -9.81
N GLU C 213 -18.63 35.81 -10.33
CA GLU C 213 -19.84 35.18 -9.87
C GLU C 213 -19.75 33.66 -10.04
N ALA C 214 -18.82 33.15 -10.85
CA ALA C 214 -18.67 31.71 -10.98
C ALA C 214 -18.04 31.13 -9.72
N PHE C 215 -17.63 32.01 -8.81
CA PHE C 215 -16.83 31.65 -7.64
C PHE C 215 -17.50 32.13 -6.37
N ILE C 216 -16.93 31.72 -5.24
CA ILE C 216 -17.63 31.76 -3.96
C ILE C 216 -16.73 32.43 -2.93
N HIS C 217 -17.36 33.20 -2.05
CA HIS C 217 -16.72 33.77 -0.88
C HIS C 217 -17.16 32.98 0.34
N TRP C 218 -16.37 31.99 0.72
CA TRP C 218 -16.61 31.23 1.93
C TRP C 218 -16.31 32.12 3.14
N THR C 219 -16.97 31.81 4.26
CA THR C 219 -16.91 32.63 5.45
C THR C 219 -15.76 32.16 6.32
N GLY C 220 -14.87 33.09 6.61
CA GLY C 220 -13.85 32.87 7.62
C GLY C 220 -14.13 33.78 8.80
N PRO C 221 -13.53 33.49 9.96
CA PRO C 221 -13.66 34.39 11.12
C PRO C 221 -13.42 35.86 10.77
N TYR C 222 -12.54 36.09 9.81
CA TYR C 222 -12.31 37.42 9.27
C TYR C 222 -13.65 38.08 8.95
N ASP C 223 -14.43 37.38 8.12
CA ASP C 223 -15.68 37.91 7.59
C ASP C 223 -16.55 38.35 8.75
N ILE C 224 -16.45 37.60 9.85
CA ILE C 224 -17.20 37.87 11.07
C ILE C 224 -16.69 39.12 11.77
N LEU C 225 -15.35 39.26 11.84
CA LEU C 225 -14.72 40.39 12.51
C LEU C 225 -14.82 41.68 11.68
N LYS C 226 -14.91 41.54 10.33
CA LYS C 226 -14.61 42.65 9.44
C LYS C 226 -15.36 43.90 9.91
N PRO C 227 -16.68 43.84 10.14
CA PRO C 227 -17.47 45.02 10.51
C PRO C 227 -17.04 45.81 11.74
N VAL C 228 -16.24 45.22 12.65
CA VAL C 228 -15.87 45.90 13.87
C VAL C 228 -14.36 46.20 13.89
N LEU C 229 -13.65 45.92 12.79
CA LEU C 229 -12.19 46.04 12.79
C LEU C 229 -11.74 47.48 12.50
N THR C 230 -12.58 48.26 11.83
CA THR C 230 -12.35 49.68 11.65
C THR C 230 -13.58 50.45 12.14
N THR C 231 -13.36 51.70 12.57
CA THR C 231 -14.43 52.59 12.98
C THR C 231 -15.17 53.07 11.74
N GLU C 232 -16.17 53.94 11.90
CA GLU C 232 -16.75 54.60 10.73
C GLU C 232 -15.86 55.78 10.33
N GLU C 233 -14.54 55.53 10.27
CA GLU C 233 -13.58 56.49 9.77
C GLU C 233 -12.38 55.78 9.15
N ASN C 234 -12.52 54.47 8.90
CA ASN C 234 -11.47 53.63 8.36
C ASN C 234 -10.16 53.66 9.17
N LEU C 235 -10.15 54.31 10.35
CA LEU C 235 -9.08 54.07 11.30
C LEU C 235 -9.40 52.74 11.99
N PRO C 236 -8.38 51.91 12.32
CA PRO C 236 -8.60 50.67 13.07
C PRO C 236 -9.26 50.92 14.42
N ASN C 237 -10.13 49.99 14.82
CA ASN C 237 -10.95 50.12 16.01
C ASN C 237 -10.12 49.80 17.25
N PRO C 238 -9.89 50.77 18.18
CA PRO C 238 -9.11 50.48 19.39
C PRO C 238 -9.73 49.38 20.23
N ASN C 239 -11.07 49.23 20.15
CA ASN C 239 -11.77 48.30 21.01
C ASN C 239 -11.45 46.85 20.65
N ILE C 240 -10.66 46.59 19.60
CA ILE C 240 -10.26 45.22 19.31
C ILE C 240 -8.77 45.19 18.97
N ARG C 241 -8.08 44.15 19.46
CA ARG C 241 -6.71 43.87 19.05
C ARG C 241 -6.58 42.36 18.87
N VAL C 242 -5.70 41.94 17.98
CA VAL C 242 -5.49 40.53 17.69
C VAL C 242 -4.02 40.16 17.97
N LEU C 243 -3.80 39.08 18.72
CA LEU C 243 -2.46 38.62 19.09
C LEU C 243 -2.24 37.19 18.60
N PRO C 244 -1.68 37.02 17.40
CA PRO C 244 -1.20 35.72 16.96
C PRO C 244 -0.03 35.26 17.82
N ASN C 245 0.24 33.95 17.83
CA ASN C 245 1.48 33.40 18.35
C ASN C 245 1.65 33.75 19.82
N HIS C 246 0.53 33.62 20.55
CA HIS C 246 0.52 33.81 21.98
C HIS C 246 -0.18 32.61 22.59
N ILE C 247 0.63 31.69 23.17
CA ILE C 247 0.13 30.49 23.84
C ILE C 247 -0.35 30.89 25.24
N VAL C 248 -1.67 30.84 25.47
CA VAL C 248 -2.18 31.07 26.80
C VAL C 248 -2.04 29.77 27.58
N GLN C 249 -1.27 29.84 28.66
CA GLN C 249 -0.87 28.65 29.40
C GLN C 249 -1.59 28.49 30.73
N LYS C 250 -1.93 29.60 31.40
CA LYS C 250 -2.48 29.52 32.74
C LYS C 250 -3.42 30.70 32.95
N LEU C 251 -4.58 30.45 33.55
CA LEU C 251 -5.42 31.51 34.07
C LEU C 251 -5.21 31.58 35.57
N HIS C 252 -4.88 32.78 36.07
CA HIS C 252 -4.62 32.96 37.48
C HIS C 252 -5.87 33.56 38.12
N HIS C 253 -6.33 32.95 39.21
CA HIS C 253 -7.65 33.20 39.79
C HIS C 253 -7.65 32.98 41.30
N LYS C 254 -8.39 33.86 42.00
CA LYS C 254 -8.58 33.80 43.45
C LYS C 254 -10.06 33.84 43.74
N GLY C 255 -10.57 32.79 44.42
CA GLY C 255 -11.94 32.74 44.90
C GLY C 255 -12.94 33.05 43.79
N GLY C 256 -12.82 32.39 42.64
CA GLY C 256 -13.83 32.46 41.60
C GLY C 256 -13.85 33.76 40.78
N LYS C 257 -12.79 34.57 40.91
CA LYS C 257 -12.61 35.75 40.07
C LYS C 257 -11.26 35.60 39.37
N VAL C 258 -11.23 35.68 38.03
CA VAL C 258 -9.99 35.48 37.27
C VAL C 258 -9.32 36.84 37.08
N GLU C 259 -8.02 36.90 37.38
CA GLU C 259 -7.30 38.16 37.52
C GLU C 259 -6.56 38.42 36.20
N TYR C 260 -5.88 37.39 35.68
CA TYR C 260 -5.02 37.58 34.52
C TYR C 260 -4.69 36.23 33.89
N ALA C 261 -4.09 36.33 32.69
CA ALA C 261 -3.71 35.18 31.89
C ALA C 261 -2.20 35.18 31.65
N GLU C 262 -1.59 34.02 31.88
CA GLU C 262 -0.17 33.83 31.70
C GLU C 262 -0.01 33.29 30.28
N VAL C 263 0.75 34.02 29.46
CA VAL C 263 0.80 33.77 28.02
C VAL C 263 2.25 33.76 27.56
N GLN C 264 2.56 32.82 26.65
CA GLN C 264 3.88 32.74 26.07
C GLN C 264 3.82 33.36 24.67
N SER C 265 4.40 34.54 24.53
CA SER C 265 4.74 35.06 23.22
C SER C 265 5.82 34.15 22.63
N THR C 266 5.63 33.69 21.39
CA THR C 266 6.60 32.78 20.78
C THR C 266 7.57 33.56 19.90
N GLU C 267 7.23 34.80 19.57
CA GLU C 267 8.17 35.69 18.92
C GLU C 267 7.70 37.13 19.06
N PRO C 268 8.42 38.01 19.80
CA PRO C 268 9.62 37.64 20.55
C PRO C 268 9.25 36.77 21.73
N TRP C 269 10.12 35.82 22.05
CA TRP C 269 9.83 34.82 23.07
C TRP C 269 9.93 35.45 24.45
N GLU C 270 8.78 35.79 25.01
CA GLU C 270 8.76 36.48 26.30
C GLU C 270 7.43 36.15 26.94
N LYS C 271 7.43 36.10 28.28
CA LYS C 271 6.21 35.95 29.06
C LYS C 271 5.40 37.25 29.03
N VAL C 272 4.08 37.09 28.98
CA VAL C 272 3.17 38.24 28.95
C VAL C 272 1.98 37.96 29.88
N GLU C 273 1.59 38.98 30.65
CA GLU C 273 0.45 38.91 31.54
C GLU C 273 -0.68 39.76 30.96
N ILE C 274 -1.88 39.19 30.90
CA ILE C 274 -3.02 39.83 30.26
C ILE C 274 -4.18 39.93 31.27
N TYR C 275 -4.44 41.16 31.73
CA TYR C 275 -5.46 41.44 32.73
C TYR C 275 -6.77 41.84 32.04
N ALA C 276 -7.91 41.39 32.59
CA ALA C 276 -9.20 41.71 31.99
C ALA C 276 -10.33 41.57 32.99
N ASP C 277 -11.43 42.27 32.71
CA ASP C 277 -12.63 42.22 33.53
C ASP C 277 -13.35 40.88 33.29
N ILE C 278 -13.25 40.33 32.06
CA ILE C 278 -13.93 39.10 31.67
C ILE C 278 -13.00 38.23 30.83
N PHE C 279 -13.04 36.90 31.06
CA PHE C 279 -12.24 35.96 30.29
C PHE C 279 -13.12 34.92 29.61
N ILE C 280 -12.75 34.60 28.36
CA ILE C 280 -13.50 33.67 27.54
C ILE C 280 -12.53 32.70 26.88
N VAL C 281 -12.77 31.41 27.05
CA VAL C 281 -11.94 30.40 26.43
C VAL C 281 -12.74 29.71 25.32
N ALA C 282 -12.28 29.94 24.08
CA ALA C 282 -12.81 29.31 22.89
C ALA C 282 -11.67 28.62 22.18
N ALA C 283 -10.98 27.75 22.92
CA ALA C 283 -9.84 27.03 22.39
C ALA C 283 -10.26 25.63 21.92
N ALA C 284 -11.58 25.42 21.79
CA ALA C 284 -12.14 24.23 21.16
C ALA C 284 -12.07 23.06 22.13
N ALA C 285 -12.44 21.87 21.63
CA ALA C 285 -12.97 20.82 22.48
C ALA C 285 -11.97 20.37 23.55
N ILE C 286 -10.70 20.29 23.19
CA ILE C 286 -9.72 19.64 24.06
C ILE C 286 -8.78 20.66 24.69
N LYS C 287 -8.39 21.69 23.95
CA LYS C 287 -7.42 22.67 24.43
C LYS C 287 -8.02 23.58 25.48
N THR C 288 -9.36 23.78 25.40
CA THR C 288 -10.08 24.59 26.36
C THR C 288 -9.97 23.93 27.73
N PRO C 289 -10.46 22.67 27.94
CA PRO C 289 -10.28 21.98 29.21
C PRO C 289 -8.82 21.90 29.63
N GLN C 290 -7.92 21.73 28.67
CA GLN C 290 -6.51 21.68 28.97
C GLN C 290 -6.10 22.93 29.73
N LEU C 291 -6.54 24.11 29.25
CA LEU C 291 -6.13 25.35 29.85
C LEU C 291 -6.65 25.45 31.29
N LEU C 292 -7.88 24.96 31.51
CA LEU C 292 -8.49 24.97 32.82
C LEU C 292 -7.72 24.01 33.72
N TRP C 293 -7.55 22.77 33.25
CA TRP C 293 -6.86 21.74 34.00
C TRP C 293 -5.53 22.29 34.54
N ASN C 294 -4.89 23.09 33.72
CA ASN C 294 -3.56 23.62 33.99
C ASN C 294 -3.65 24.89 34.84
N SER C 295 -4.87 25.41 34.98
CA SER C 295 -5.13 26.58 35.82
C SER C 295 -5.71 26.15 37.16
N GLN C 296 -5.68 24.84 37.45
CA GLN C 296 -6.20 24.27 38.68
C GLN C 296 -7.72 24.39 38.75
N ILE C 297 -8.40 24.39 37.60
CA ILE C 297 -9.85 24.44 37.57
C ILE C 297 -10.35 23.13 37.00
N ARG C 298 -10.81 22.23 37.86
CA ARG C 298 -11.17 20.89 37.42
C ARG C 298 -12.50 20.50 38.04
N PRO C 299 -13.63 21.05 37.56
CA PRO C 299 -14.94 20.47 37.87
C PRO C 299 -14.93 18.99 37.51
N LYS C 300 -15.80 18.23 38.18
CA LYS C 300 -15.88 16.80 38.03
C LYS C 300 -16.15 16.42 36.57
N ALA C 301 -16.83 17.30 35.81
CA ALA C 301 -17.33 16.96 34.49
C ALA C 301 -16.35 17.32 33.38
N LEU C 302 -15.19 17.85 33.75
CA LEU C 302 -14.27 18.43 32.78
C LEU C 302 -13.72 17.32 31.89
N GLY C 303 -13.82 17.51 30.57
CA GLY C 303 -13.31 16.54 29.62
C GLY C 303 -14.03 15.20 29.73
N CYS C 304 -15.16 15.16 30.43
CA CYS C 304 -15.98 13.97 30.45
C CYS C 304 -17.15 14.23 29.54
N TYR C 305 -17.92 13.18 29.28
CA TYR C 305 -19.04 13.26 28.34
C TYR C 305 -18.43 13.69 27.02
N LEU C 306 -17.29 13.08 26.69
CA LEU C 306 -16.66 13.25 25.40
C LEU C 306 -17.55 12.55 24.37
N SER C 307 -17.75 13.25 23.26
CA SER C 307 -18.79 12.95 22.29
C SER C 307 -18.40 13.59 20.96
N GLU C 308 -18.77 12.95 19.87
CA GLU C 308 -18.63 13.56 18.55
C GLU C 308 -19.78 13.09 17.68
N HIS C 309 -19.50 12.82 16.40
CA HIS C 309 -20.39 12.05 15.56
C HIS C 309 -19.64 10.84 15.06
N ILE C 310 -20.25 9.67 15.23
CA ILE C 310 -19.84 8.52 14.43
C ILE C 310 -20.25 8.83 13.00
N MET C 311 -19.35 8.54 12.05
CA MET C 311 -19.53 8.96 10.67
C MET C 311 -19.44 7.77 9.72
N THR C 312 -20.32 7.78 8.71
CA THR C 312 -20.04 7.00 7.52
C THR C 312 -19.68 7.97 6.41
N PHE C 313 -18.84 7.48 5.51
CA PHE C 313 -18.44 8.25 4.35
C PHE C 313 -18.24 7.32 3.17
N GLY C 314 -18.41 7.87 1.98
CA GLY C 314 -18.14 7.15 0.75
C GLY C 314 -18.24 8.11 -0.43
N GLN C 315 -17.67 7.72 -1.56
CA GLN C 315 -17.76 8.53 -2.75
C GLN C 315 -18.30 7.66 -3.88
N ILE C 316 -19.00 8.31 -4.82
CA ILE C 316 -19.58 7.60 -5.93
C ILE C 316 -19.28 8.36 -7.21
N VAL C 317 -19.22 7.60 -8.31
CA VAL C 317 -19.16 8.12 -9.67
C VAL C 317 -20.59 8.17 -10.21
N LEU C 318 -20.98 9.32 -10.78
CA LEU C 318 -22.35 9.51 -11.24
C LEU C 318 -22.76 8.45 -12.25
N SER C 319 -24.02 8.02 -12.14
CA SER C 319 -24.65 7.13 -13.10
C SER C 319 -24.52 7.72 -14.50
N LYS C 320 -24.43 6.86 -15.52
CA LYS C 320 -24.44 7.35 -16.90
C LYS C 320 -25.79 8.01 -17.18
N GLU C 321 -26.85 7.45 -16.58
CA GLU C 321 -28.17 7.96 -16.86
C GLU C 321 -28.25 9.40 -16.35
N ILE C 322 -27.70 9.73 -15.18
CA ILE C 322 -27.71 11.10 -14.67
C ILE C 322 -26.96 12.01 -15.63
N VAL C 323 -25.77 11.60 -16.07
CA VAL C 323 -24.96 12.45 -16.93
C VAL C 323 -25.75 12.74 -18.22
N ALA C 324 -26.32 11.70 -18.81
CA ALA C 324 -27.17 11.86 -19.97
C ALA C 324 -28.21 12.96 -19.77
N GLU C 325 -28.83 13.02 -18.58
CA GLU C 325 -29.93 13.94 -18.26
C GLU C 325 -29.49 15.42 -18.19
N ILE C 326 -28.21 15.71 -18.39
CA ILE C 326 -27.71 17.06 -18.19
C ILE C 326 -26.88 17.46 -19.43
N PRO C 332 -24.62 28.98 -19.33
CA PRO C 332 -23.21 29.23 -19.04
C PRO C 332 -22.80 30.04 -17.80
N TYR C 333 -21.48 29.98 -17.50
CA TYR C 333 -20.64 31.03 -16.89
C TYR C 333 -19.37 31.22 -17.76
N PHE C 334 -18.72 32.39 -17.62
CA PHE C 334 -17.47 32.73 -18.30
C PHE C 334 -17.66 32.70 -19.82
N LYS C 335 -18.69 33.40 -20.32
CA LYS C 335 -18.93 33.43 -21.75
C LYS C 335 -17.98 34.44 -22.42
N GLU C 336 -17.48 35.41 -21.63
CA GLU C 336 -16.54 36.41 -22.13
C GLU C 336 -15.08 35.96 -21.87
N SER C 337 -14.88 34.68 -21.50
CA SER C 337 -13.55 34.13 -21.32
C SER C 337 -13.54 32.67 -21.75
N PRO C 338 -13.46 32.38 -23.08
CA PRO C 338 -13.05 31.05 -23.55
C PRO C 338 -11.72 30.62 -22.94
N LYS C 339 -11.47 29.31 -22.85
CA LYS C 339 -10.20 28.79 -22.34
C LYS C 339 -10.09 29.00 -20.82
N MET C 340 -11.14 29.53 -20.20
CA MET C 340 -11.45 29.17 -18.81
C MET C 340 -11.93 27.71 -18.75
N PHE C 341 -12.39 27.19 -19.91
CA PHE C 341 -12.81 25.81 -20.10
C PHE C 341 -11.64 24.91 -20.48
N HIS C 342 -10.44 25.49 -20.56
CA HIS C 342 -9.18 24.79 -20.79
C HIS C 342 -9.06 24.19 -22.18
N VAL C 343 -9.85 24.66 -23.15
CA VAL C 343 -9.88 24.03 -24.46
C VAL C 343 -10.32 25.06 -25.50
N ALA C 344 -9.90 24.86 -26.75
CA ALA C 344 -10.21 25.78 -27.85
C ALA C 344 -10.01 25.04 -29.18
N GLY C 345 -10.68 25.55 -30.22
CA GLY C 345 -10.66 24.92 -31.53
C GLY C 345 -11.11 23.46 -31.47
N ASN C 346 -10.27 22.58 -32.00
CA ASN C 346 -10.66 21.21 -32.30
C ASN C 346 -10.68 20.33 -31.05
N GLN C 347 -9.99 20.77 -29.99
CA GLN C 347 -9.94 20.02 -28.75
C GLN C 347 -11.22 20.29 -27.99
N LYS C 348 -11.83 19.20 -27.50
CA LYS C 348 -13.03 19.22 -26.70
C LYS C 348 -12.68 18.66 -25.31
N ASP C 349 -13.45 19.07 -24.29
CA ASP C 349 -13.36 18.45 -22.97
C ASP C 349 -14.20 17.17 -22.99
N PRO C 350 -13.59 15.96 -22.84
CA PRO C 350 -14.35 14.73 -22.99
C PRO C 350 -15.29 14.46 -21.82
N ILE C 351 -15.18 15.27 -20.75
CA ILE C 351 -16.11 15.18 -19.62
C ILE C 351 -17.37 15.96 -19.94
N ASP C 352 -18.51 15.27 -19.91
CA ASP C 352 -19.78 15.82 -20.34
C ASP C 352 -20.49 16.46 -19.16
N ILE C 353 -19.80 17.29 -18.39
CA ILE C 353 -20.45 17.89 -17.25
C ILE C 353 -20.05 19.35 -17.18
N PRO C 354 -20.99 20.30 -17.40
CA PRO C 354 -20.65 21.72 -17.46
C PRO C 354 -19.62 22.05 -16.39
N LEU C 355 -18.53 22.67 -16.84
CA LEU C 355 -17.38 22.87 -16.00
C LEU C 355 -17.74 23.81 -14.86
N TYR C 356 -18.74 24.68 -15.04
CA TYR C 356 -19.05 25.64 -14.00
C TYR C 356 -20.40 25.30 -13.38
N ASP C 357 -20.87 24.06 -13.61
CA ASP C 357 -22.04 23.58 -12.92
C ASP C 357 -21.78 23.68 -11.43
N PRO C 358 -22.54 24.51 -10.67
CA PRO C 358 -22.36 24.59 -9.22
C PRO C 358 -22.37 23.19 -8.61
N ASP C 359 -21.56 22.99 -7.58
CA ASP C 359 -21.39 21.66 -6.99
C ASP C 359 -22.70 21.25 -6.33
N PRO C 360 -23.12 19.96 -6.41
CA PRO C 360 -24.30 19.49 -5.67
C PRO C 360 -23.97 19.63 -4.20
N THR C 361 -24.84 20.33 -3.45
CA THR C 361 -24.59 20.54 -2.03
C THR C 361 -25.90 20.43 -1.26
N LEU C 362 -26.30 19.18 -1.01
CA LEU C 362 -27.63 18.83 -0.52
C LEU C 362 -27.51 18.31 0.90
N TRP C 363 -28.60 18.40 1.67
CA TRP C 363 -28.69 17.61 2.89
C TRP C 363 -30.08 17.06 3.13
N ILE C 364 -30.07 15.93 3.84
CA ILE C 364 -31.22 15.40 4.54
C ILE C 364 -30.97 15.67 6.01
N PRO C 365 -31.84 16.47 6.67
CA PRO C 365 -31.76 16.65 8.12
C PRO C 365 -31.82 15.41 9.00
N VAL C 366 -31.60 15.66 10.30
CA VAL C 366 -32.06 14.75 11.32
C VAL C 366 -33.55 15.02 11.48
N GLN C 367 -34.30 13.94 11.74
CA GLN C 367 -35.76 13.89 11.70
C GLN C 367 -36.23 12.73 12.57
N LYS C 368 -37.55 12.53 12.68
CA LYS C 368 -38.10 11.32 13.26
C LYS C 368 -37.51 10.09 12.56
N ASP C 369 -37.16 9.06 13.36
CA ASP C 369 -36.66 7.78 12.89
C ASP C 369 -35.27 7.86 12.25
N ARG C 370 -34.66 9.04 12.23
CA ARG C 370 -33.43 9.28 11.49
C ARG C 370 -32.48 10.13 12.31
N PRO C 371 -31.94 9.59 13.43
CA PRO C 371 -30.97 10.33 14.25
C PRO C 371 -29.61 10.38 13.58
N TRP C 372 -29.60 11.01 12.39
CA TRP C 372 -28.38 11.24 11.64
C TRP C 372 -28.62 12.19 10.48
N HIS C 373 -27.51 12.87 10.18
CA HIS C 373 -27.46 14.05 9.37
C HIS C 373 -26.69 13.70 8.11
N CYS C 374 -27.36 13.73 6.96
CA CYS C 374 -26.73 13.34 5.70
C CYS C 374 -26.30 14.59 4.92
N GLN C 375 -25.12 14.52 4.30
CA GLN C 375 -24.67 15.52 3.33
C GLN C 375 -24.30 14.81 2.04
N ILE C 376 -24.95 15.20 0.94
CA ILE C 376 -24.58 14.77 -0.41
C ILE C 376 -23.92 15.95 -1.11
N HIS C 377 -22.59 15.94 -1.18
CA HIS C 377 -21.84 17.11 -1.60
C HIS C 377 -20.45 16.74 -2.10
N LYS C 378 -19.63 17.77 -2.32
CA LYS C 378 -18.21 17.61 -2.62
C LYS C 378 -17.41 18.66 -1.87
N ASP C 379 -16.66 18.26 -0.84
CA ASP C 379 -15.78 19.20 -0.17
C ASP C 379 -14.49 18.49 0.22
N ASN C 380 -13.62 19.29 0.85
CA ASN C 380 -12.19 19.03 0.95
C ASN C 380 -11.84 18.73 2.41
N PHE C 381 -11.36 17.50 2.60
CA PHE C 381 -11.05 16.92 3.89
C PHE C 381 -9.76 16.12 3.74
N SER C 382 -9.22 15.67 4.87
CA SER C 382 -8.02 14.85 4.92
C SER C 382 -8.22 13.55 4.16
N TYR C 383 -9.45 13.04 4.11
CA TYR C 383 -9.72 11.71 3.61
C TYR C 383 -10.48 11.83 2.30
N GLY C 384 -10.52 10.73 1.56
CA GLY C 384 -11.25 10.68 0.30
C GLY C 384 -10.91 11.87 -0.59
N ILE C 385 -9.62 12.08 -0.82
CA ILE C 385 -9.21 13.07 -1.81
C ILE C 385 -9.25 12.36 -3.15
N VAL C 386 -9.85 12.99 -4.14
CA VAL C 386 -9.93 12.38 -5.44
C VAL C 386 -8.57 12.48 -6.12
N PRO C 387 -8.04 11.39 -6.73
CA PRO C 387 -6.81 11.43 -7.51
C PRO C 387 -6.62 12.59 -8.49
N ASP C 388 -5.34 12.98 -8.69
CA ASP C 388 -4.99 14.16 -9.47
C ASP C 388 -5.32 13.98 -10.96
N ASN C 389 -5.40 12.72 -11.42
CA ASN C 389 -5.62 12.38 -12.83
C ASN C 389 -7.08 12.05 -13.12
N ILE C 390 -7.99 12.42 -12.20
CA ILE C 390 -9.40 12.17 -12.39
C ILE C 390 -10.20 13.45 -12.18
N ASP C 391 -11.02 13.75 -13.20
CA ASP C 391 -11.83 14.95 -13.19
C ASP C 391 -12.86 14.84 -12.09
N ASP C 392 -12.79 15.71 -11.07
CA ASP C 392 -13.56 15.50 -9.84
C ASP C 392 -15.04 15.85 -10.02
N ARG C 393 -15.43 16.30 -11.22
CA ARG C 393 -16.84 16.45 -11.55
C ARG C 393 -17.54 15.08 -11.59
N LEU C 394 -16.77 14.00 -11.78
CA LEU C 394 -17.31 12.64 -11.87
C LEU C 394 -17.81 12.13 -10.52
N VAL C 395 -17.43 12.80 -9.42
CA VAL C 395 -17.54 12.18 -8.11
C VAL C 395 -18.46 13.00 -7.22
N VAL C 396 -19.11 12.30 -6.28
CA VAL C 396 -19.86 12.94 -5.23
C VAL C 396 -19.52 12.26 -3.91
N ASP C 397 -19.31 13.08 -2.88
CA ASP C 397 -18.94 12.63 -1.55
C ASP C 397 -20.23 12.49 -0.74
N LEU C 398 -20.26 11.50 0.16
CA LEU C 398 -21.36 11.31 1.09
C LEU C 398 -20.83 11.32 2.52
N ARG C 399 -21.47 12.07 3.41
CA ARG C 399 -21.04 12.09 4.80
C ARG C 399 -22.25 12.10 5.71
N TRP C 400 -22.47 10.97 6.40
CA TRP C 400 -23.52 10.84 7.39
C TRP C 400 -22.89 10.98 8.79
N PHE C 401 -23.60 11.69 9.67
CA PHE C 401 -23.14 12.00 11.01
C PHE C 401 -24.18 11.51 12.00
N GLY C 402 -23.77 10.61 12.91
CA GLY C 402 -24.67 9.92 13.82
C GLY C 402 -24.55 10.38 15.27
N PHE C 403 -25.55 10.03 16.08
CA PHE C 403 -25.62 10.47 17.46
C PHE C 403 -24.57 9.71 18.29
N VAL C 404 -23.79 10.48 19.07
CA VAL C 404 -22.88 9.90 20.04
C VAL C 404 -23.35 10.32 21.43
N ASP C 405 -23.72 9.33 22.23
CA ASP C 405 -24.29 9.56 23.54
C ASP C 405 -23.18 10.02 24.48
N GLN C 406 -23.49 11.05 25.28
CA GLN C 406 -22.51 11.69 26.14
C GLN C 406 -22.45 10.94 27.48
N MET C 407 -21.26 10.40 27.78
CA MET C 407 -21.14 9.50 28.91
C MET C 407 -19.88 9.85 29.69
N PRO C 408 -19.90 9.74 31.04
CA PRO C 408 -18.77 10.16 31.86
C PRO C 408 -17.58 9.20 31.81
N THR C 409 -17.80 7.96 31.35
CA THR C 409 -16.73 6.98 31.20
C THR C 409 -15.94 7.19 29.90
N ASN C 410 -16.43 8.09 29.03
CA ASN C 410 -15.67 8.66 27.92
C ASN C 410 -15.11 10.03 28.30
N TYR C 411 -13.79 10.21 28.13
CA TYR C 411 -13.16 11.44 28.54
C TYR C 411 -11.80 11.62 27.90
N VAL C 412 -11.36 12.88 27.89
CA VAL C 412 -9.96 13.24 27.80
C VAL C 412 -9.47 13.58 29.19
N THR C 413 -8.27 13.12 29.56
CA THR C 413 -7.60 13.58 30.77
C THR C 413 -6.26 14.16 30.38
N PHE C 414 -5.49 14.59 31.38
CA PHE C 414 -4.25 15.34 31.13
C PHE C 414 -3.16 14.82 32.07
N GLU C 415 -2.06 14.31 31.50
CA GLU C 415 -0.95 13.78 32.27
C GLU C 415 -0.32 14.92 33.05
N GLU C 416 0.22 14.60 34.24
CA GLU C 416 0.89 15.58 35.07
C GLU C 416 2.38 15.66 34.71
N GLU C 417 2.95 14.57 34.17
CA GLU C 417 4.38 14.50 33.93
C GLU C 417 4.72 14.39 32.43
N ILE C 418 3.78 14.69 31.54
CA ILE C 418 4.05 14.71 30.11
C ILE C 418 3.41 15.99 29.55
N PHE C 419 4.00 16.56 28.50
CA PHE C 419 3.49 17.80 27.94
C PHE C 419 3.46 17.69 26.42
N ASP C 420 2.65 18.58 25.83
CA ASP C 420 2.39 18.55 24.40
C ASP C 420 3.34 19.54 23.74
N ILE C 421 2.99 19.95 22.52
CA ILE C 421 3.86 20.80 21.73
C ILE C 421 3.89 22.24 22.27
N HIS C 422 2.88 22.62 23.06
CA HIS C 422 2.81 23.95 23.65
C HIS C 422 3.35 23.91 25.07
N GLY C 423 3.86 22.74 25.46
CA GLY C 423 4.37 22.51 26.79
C GLY C 423 3.27 22.55 27.84
N MET C 424 2.09 22.05 27.48
CA MET C 424 0.96 22.03 28.40
C MET C 424 0.57 20.57 28.62
N PRO C 425 -0.13 20.23 29.72
CA PRO C 425 -0.41 18.82 30.04
C PRO C 425 -0.86 18.00 28.83
N GLN C 426 -0.11 16.92 28.58
CA GLN C 426 -0.38 16.03 27.46
C GLN C 426 -1.78 15.45 27.64
N PRO C 427 -2.70 15.64 26.66
CA PRO C 427 -3.99 14.95 26.66
C PRO C 427 -3.91 13.46 26.43
N THR C 428 -4.80 12.73 27.11
CA THR C 428 -4.94 11.30 26.98
C THR C 428 -6.41 10.98 26.85
N PHE C 429 -6.80 10.20 25.84
CA PHE C 429 -8.20 9.90 25.60
C PHE C 429 -8.55 8.53 26.18
N HIS C 430 -9.77 8.43 26.72
CA HIS C 430 -10.41 7.14 26.92
C HIS C 430 -11.81 7.24 26.33
N PHE C 431 -11.98 6.68 25.13
CA PHE C 431 -13.20 6.86 24.37
C PHE C 431 -13.60 5.57 23.66
N GLN C 432 -14.91 5.27 23.74
CA GLN C 432 -15.53 4.25 22.90
C GLN C 432 -16.95 4.66 22.57
N TYR C 433 -17.40 4.31 21.36
CA TYR C 433 -18.76 4.55 20.94
C TYR C 433 -19.69 3.76 21.85
N PRO C 434 -20.65 4.42 22.53
CA PRO C 434 -21.64 3.71 23.36
C PRO C 434 -22.49 2.66 22.65
N GLU C 435 -22.63 1.46 23.26
CA GLU C 435 -23.33 0.35 22.60
C GLU C 435 -24.75 0.72 22.18
N GLN C 436 -25.39 1.66 22.87
CA GLN C 436 -26.75 2.06 22.53
C GLN C 436 -26.84 2.64 21.12
N ASP C 437 -25.81 3.40 20.70
CA ASP C 437 -25.84 4.11 19.43
C ASP C 437 -25.47 3.18 18.28
N ALA C 438 -25.17 1.92 18.61
CA ALA C 438 -24.66 0.97 17.64
C ALA C 438 -25.68 0.65 16.56
N GLU C 439 -26.91 0.35 16.98
CA GLU C 439 -27.95 -0.08 16.07
C GLU C 439 -28.22 1.02 15.04
N ASN C 440 -28.28 2.28 15.53
CA ASN C 440 -28.56 3.44 14.70
C ASN C 440 -27.44 3.76 13.74
N ALA C 441 -26.21 3.54 14.20
CA ALA C 441 -25.05 3.76 13.35
C ALA C 441 -25.17 2.88 12.13
N HIS C 442 -25.51 1.60 12.36
CA HIS C 442 -25.60 0.62 11.30
C HIS C 442 -26.68 1.01 10.32
N ARG C 443 -27.78 1.54 10.85
CA ARG C 443 -28.87 2.04 10.02
C ARG C 443 -28.36 3.22 9.20
N MET C 444 -27.50 4.04 9.79
CA MET C 444 -26.91 5.15 9.07
C MET C 444 -26.26 4.65 7.78
N MET C 445 -25.52 3.56 7.90
CA MET C 445 -24.76 2.98 6.80
C MET C 445 -25.69 2.46 5.71
N GLN C 446 -26.62 1.59 6.10
CA GLN C 446 -27.60 1.04 5.18
C GLN C 446 -28.19 2.20 4.38
N ASP C 447 -28.51 3.30 5.08
CA ASP C 447 -29.06 4.49 4.44
C ASP C 447 -28.08 5.05 3.43
N MET C 448 -26.86 5.37 3.90
CA MET C 448 -25.87 6.06 3.09
C MET C 448 -25.61 5.29 1.80
N THR C 449 -25.48 3.96 1.90
CA THR C 449 -25.17 3.13 0.74
C THR C 449 -26.29 3.19 -0.30
N GLU C 450 -27.52 2.87 0.14
CA GLU C 450 -28.68 2.83 -0.74
C GLU C 450 -28.71 4.13 -1.54
N VAL C 451 -28.51 5.27 -0.85
CA VAL C 451 -28.53 6.60 -1.42
C VAL C 451 -27.43 6.75 -2.47
N GLY C 452 -26.20 6.36 -2.12
CA GLY C 452 -25.10 6.36 -3.07
C GLY C 452 -25.45 5.58 -4.34
N LEU C 453 -25.85 4.33 -4.15
CA LEU C 453 -26.06 3.44 -5.26
C LEU C 453 -27.29 3.84 -6.07
N SER C 454 -28.07 4.79 -5.57
CA SER C 454 -29.18 5.31 -6.35
C SER C 454 -28.72 6.40 -7.33
N ILE C 455 -27.52 6.97 -7.12
CA ILE C 455 -27.08 8.06 -7.97
C ILE C 455 -25.83 7.69 -8.76
N GLY C 456 -25.43 6.41 -8.68
CA GLY C 456 -24.33 5.89 -9.47
C GLY C 456 -23.69 4.72 -8.74
N GLY C 457 -22.46 4.38 -9.16
CA GLY C 457 -21.68 3.30 -8.56
C GLY C 457 -20.56 3.88 -7.70
N PHE C 458 -19.92 3.05 -6.88
CA PHE C 458 -18.91 3.56 -5.99
C PHE C 458 -17.63 3.84 -6.78
N LEU C 459 -16.94 4.90 -6.38
CA LEU C 459 -15.56 5.11 -6.76
C LEU C 459 -14.75 3.95 -6.16
N PRO C 460 -14.22 3.02 -7.00
CA PRO C 460 -13.69 1.75 -6.51
C PRO C 460 -12.28 1.76 -5.94
N THR C 461 -11.79 2.95 -5.58
CA THR C 461 -10.53 3.08 -4.87
C THR C 461 -10.77 2.59 -3.44
N PRO C 462 -9.74 2.03 -2.77
CA PRO C 462 -9.83 1.80 -1.34
C PRO C 462 -10.29 3.05 -0.59
N GLU C 463 -9.72 4.22 -0.93
CA GLU C 463 -9.89 5.45 -0.16
C GLU C 463 -11.34 5.96 -0.17
N ALA C 464 -12.11 5.58 -1.19
CA ALA C 464 -13.45 6.10 -1.40
C ALA C 464 -14.51 5.03 -1.11
N ARG C 465 -14.09 3.85 -0.65
CA ARG C 465 -15.04 2.80 -0.31
C ARG C 465 -15.96 3.33 0.79
N PRO C 466 -17.16 2.75 0.95
CA PRO C 466 -18.04 3.11 2.05
C PRO C 466 -17.54 2.51 3.35
N GLN C 467 -17.60 3.27 4.45
CA GLN C 467 -16.82 2.90 5.62
C GLN C 467 -17.14 3.81 6.80
N PHE C 468 -16.89 3.30 8.01
CA PHE C 468 -16.93 4.13 9.19
C PHE C 468 -15.56 4.78 9.36
N MET C 469 -15.56 6.05 9.76
CA MET C 469 -14.31 6.74 10.07
C MET C 469 -13.81 6.32 11.46
N ALA C 470 -12.50 6.38 11.64
CA ALA C 470 -11.94 6.20 12.97
C ALA C 470 -12.38 7.36 13.86
N PRO C 471 -12.52 7.13 15.17
CA PRO C 471 -12.95 8.20 16.06
C PRO C 471 -12.07 9.44 15.90
N GLY C 472 -12.72 10.60 15.80
CA GLY C 472 -12.05 11.89 15.73
C GLY C 472 -12.28 12.56 14.38
N SER C 473 -12.62 11.72 13.39
CA SER C 473 -12.59 12.11 11.99
C SER C 473 -13.64 13.19 11.71
N SER C 474 -14.67 13.23 12.55
CA SER C 474 -15.79 14.14 12.35
C SER C 474 -15.32 15.58 12.55
N LEU C 475 -14.33 15.74 13.43
CA LEU C 475 -13.89 17.03 13.96
C LEU C 475 -15.05 17.76 14.63
N HIS C 476 -16.05 16.99 15.08
CA HIS C 476 -17.22 17.57 15.71
C HIS C 476 -17.24 17.09 17.16
N SER C 477 -16.18 17.40 17.92
CA SER C 477 -16.08 17.00 19.31
C SER C 477 -16.93 17.91 20.20
N MET C 478 -17.56 17.33 21.24
CA MET C 478 -18.55 18.00 22.09
C MET C 478 -18.56 17.40 23.50
N GLY C 479 -19.13 18.15 24.46
CA GLY C 479 -19.47 17.62 25.78
C GLY C 479 -18.36 17.76 26.83
N THR C 480 -17.14 18.10 26.39
CA THR C 480 -15.99 18.13 27.28
C THR C 480 -16.17 19.20 28.36
N TYR C 481 -16.69 20.38 28.00
CA TYR C 481 -16.99 21.40 28.99
C TYR C 481 -18.48 21.75 28.95
N ARG C 482 -19.34 20.72 29.04
CA ARG C 482 -20.75 20.82 28.76
C ARG C 482 -21.50 21.71 29.76
N MET C 483 -22.68 22.18 29.34
CA MET C 483 -23.50 23.03 30.18
C MET C 483 -24.61 22.22 30.86
N GLY C 484 -25.14 22.79 31.95
CA GLY C 484 -26.32 22.23 32.58
C GLY C 484 -27.12 23.32 33.28
N GLU C 485 -28.14 22.88 34.00
CA GLU C 485 -29.03 23.79 34.71
C GLU C 485 -28.52 24.06 36.13
N SER C 486 -27.75 23.13 36.72
CA SER C 486 -27.27 23.29 38.08
C SER C 486 -25.87 22.73 38.23
N ASP C 487 -25.20 23.16 39.31
CA ASP C 487 -23.87 22.71 39.64
C ASP C 487 -23.98 21.29 40.16
N ASP C 488 -24.32 20.45 39.21
CA ASP C 488 -24.86 19.13 39.43
C ASP C 488 -23.69 18.16 39.57
N GLY C 489 -22.49 18.59 39.14
CA GLY C 489 -21.35 17.69 38.97
C GLY C 489 -21.33 17.02 37.59
N THR C 490 -22.42 17.21 36.81
CA THR C 490 -22.52 16.68 35.47
C THR C 490 -22.21 17.75 34.43
N SER C 491 -21.92 19.00 34.84
CA SER C 491 -21.68 20.07 33.89
C SER C 491 -20.58 20.99 34.40
N VAL C 492 -19.91 21.67 33.46
CA VAL C 492 -18.87 22.63 33.77
C VAL C 492 -19.44 24.04 33.75
N VAL C 493 -20.28 24.35 32.76
CA VAL C 493 -20.83 25.68 32.60
C VAL C 493 -22.35 25.63 32.79
N ASP C 494 -22.92 26.81 33.07
CA ASP C 494 -24.36 27.01 33.12
C ASP C 494 -24.85 27.34 31.70
N ALA C 495 -26.16 27.65 31.58
CA ALA C 495 -26.78 27.91 30.30
C ALA C 495 -26.34 29.25 29.70
N HIS C 496 -25.62 30.07 30.47
CA HIS C 496 -25.01 31.27 29.94
C HIS C 496 -23.53 31.01 29.64
N SER C 497 -23.19 29.71 29.52
CA SER C 497 -21.84 29.29 29.13
C SER C 497 -20.80 29.79 30.14
N LYS C 498 -21.19 29.89 31.41
CA LYS C 498 -20.32 30.43 32.45
C LYS C 498 -19.95 29.35 33.43
N VAL C 499 -18.69 29.37 33.88
CA VAL C 499 -18.17 28.25 34.64
C VAL C 499 -18.70 28.30 36.08
N TRP C 500 -19.19 27.14 36.54
CA TRP C 500 -19.74 27.01 37.89
C TRP C 500 -18.71 27.51 38.90
N GLY C 501 -19.13 28.49 39.71
CA GLY C 501 -18.37 28.98 40.85
C GLY C 501 -17.41 30.11 40.48
N PHE C 502 -17.62 30.71 39.30
CA PHE C 502 -16.78 31.80 38.84
C PHE C 502 -17.66 32.97 38.41
N ASP C 503 -17.19 34.19 38.73
CA ASP C 503 -17.86 35.42 38.36
C ASP C 503 -17.78 35.64 36.85
N ASN C 504 -16.57 35.51 36.30
CA ASN C 504 -16.21 36.21 35.07
C ASN C 504 -15.43 35.32 34.12
N LEU C 505 -15.66 34.01 34.16
CA LEU C 505 -15.05 33.08 33.23
C LEU C 505 -16.12 32.34 32.43
N TYR C 506 -15.98 32.41 31.09
CA TYR C 506 -16.92 31.79 30.18
C TYR C 506 -16.17 30.90 29.20
N LEU C 507 -16.88 29.87 28.69
CA LEU C 507 -16.35 29.01 27.64
C LEU C 507 -17.22 29.10 26.40
N GLY C 508 -16.63 28.75 25.26
CA GLY C 508 -17.34 28.69 23.99
C GLY C 508 -16.87 27.49 23.19
N GLY C 509 -17.79 26.94 22.39
CA GLY C 509 -17.41 25.89 21.47
C GLY C 509 -18.29 24.66 21.62
N PRO C 510 -18.23 23.73 20.66
CA PRO C 510 -19.02 22.49 20.75
C PRO C 510 -18.89 21.74 22.07
N GLY C 511 -17.74 21.91 22.74
CA GLY C 511 -17.52 21.34 24.06
C GLY C 511 -18.65 21.64 25.05
N VAL C 512 -19.34 22.76 24.86
CA VAL C 512 -20.44 23.20 25.71
C VAL C 512 -21.69 22.34 25.52
N ILE C 513 -21.89 21.78 24.32
CA ILE C 513 -23.13 21.09 24.00
C ILE C 513 -23.26 19.88 24.92
N PRO C 514 -24.37 19.73 25.67
CA PRO C 514 -24.61 18.54 26.51
C PRO C 514 -25.48 17.44 25.93
N LYS C 515 -25.86 17.56 24.65
CA LYS C 515 -26.97 16.83 24.08
C LYS C 515 -26.53 16.15 22.78
N PRO C 516 -26.54 14.78 22.74
CA PRO C 516 -26.24 14.04 21.52
C PRO C 516 -27.00 14.60 20.33
N ASN C 517 -26.29 14.78 19.21
CA ASN C 517 -26.88 15.26 17.98
C ASN C 517 -26.08 14.72 16.80
N GLY C 518 -26.55 15.04 15.58
CA GLY C 518 -25.93 14.59 14.34
C GLY C 518 -25.40 15.74 13.46
N ALA C 519 -25.87 16.96 13.72
CA ALA C 519 -25.64 18.07 12.81
C ALA C 519 -24.26 18.70 13.04
N ASN C 520 -23.83 19.48 12.05
CA ASN C 520 -22.61 20.26 12.13
C ASN C 520 -22.77 21.35 13.18
N PRO C 521 -22.00 21.25 14.28
CA PRO C 521 -22.30 22.00 15.50
C PRO C 521 -21.84 23.45 15.59
N THR C 522 -21.05 23.90 14.63
CA THR C 522 -20.40 25.19 14.77
C THR C 522 -21.45 26.30 14.91
N LEU C 523 -22.50 26.27 14.07
CA LEU C 523 -23.46 27.36 14.07
C LEU C 523 -24.14 27.42 15.44
N THR C 524 -24.56 26.24 15.91
CA THR C 524 -25.10 26.05 17.24
C THR C 524 -24.21 26.71 18.29
N ALA C 525 -22.91 26.39 18.25
CA ALA C 525 -21.99 26.87 19.26
C ALA C 525 -22.00 28.40 19.26
N ALA C 526 -22.05 28.99 18.06
CA ALA C 526 -22.04 30.43 17.90
C ALA C 526 -23.29 31.06 18.51
N ALA C 527 -24.41 30.33 18.42
CA ALA C 527 -25.63 30.76 19.08
C ALA C 527 -25.39 30.95 20.58
N LEU C 528 -24.89 29.88 21.23
CA LEU C 528 -24.78 29.83 22.68
C LEU C 528 -23.81 30.90 23.16
N ALA C 529 -22.86 31.23 22.29
CA ALA C 529 -21.88 32.26 22.55
C ALA C 529 -22.57 33.62 22.61
N ILE C 530 -23.34 33.93 21.56
CA ILE C 530 -24.10 35.18 21.52
C ILE C 530 -24.90 35.31 22.82
N ARG C 531 -25.48 34.18 23.26
CA ARG C 531 -26.27 34.13 24.48
C ARG C 531 -25.39 34.55 25.65
N ALA C 532 -24.26 33.86 25.82
CA ALA C 532 -23.33 34.20 26.88
C ALA C 532 -22.91 35.66 26.75
N ALA C 533 -22.72 36.13 25.52
CA ALA C 533 -22.29 37.50 25.30
C ALA C 533 -23.33 38.50 25.82
N ASN C 534 -24.61 38.21 25.55
CA ASN C 534 -25.68 39.05 26.06
C ASN C 534 -25.64 39.02 27.58
N HIS C 535 -25.43 37.83 28.15
CA HIS C 535 -25.37 37.71 29.60
C HIS C 535 -24.26 38.60 30.14
N ILE C 536 -23.19 38.75 29.37
CA ILE C 536 -22.08 39.58 29.79
C ILE C 536 -22.42 41.05 29.64
N LEU C 537 -23.11 41.42 28.56
CA LEU C 537 -23.49 42.79 28.33
C LEU C 537 -24.48 43.25 29.41
N ARG C 538 -25.42 42.37 29.75
CA ARG C 538 -26.61 42.73 30.51
C ARG C 538 -26.18 43.18 31.89
N ASN C 539 -25.08 42.60 32.40
CA ASN C 539 -24.55 43.00 33.70
C ASN C 539 -23.10 43.46 33.50
N SER D 8 -9.01 49.10 -10.01
CA SER D 8 -8.34 49.87 -11.10
C SER D 8 -8.03 48.92 -12.25
N CYS D 9 -7.62 49.49 -13.41
CA CYS D 9 -7.61 48.87 -14.73
C CYS D 9 -6.28 49.13 -15.46
N LYS D 10 -5.76 50.37 -15.39
CA LYS D 10 -4.44 50.73 -15.90
C LYS D 10 -3.54 51.33 -14.82
N ILE D 11 -2.34 50.75 -14.67
CA ILE D 11 -1.33 51.22 -13.71
C ILE D 11 0.08 51.04 -14.30
N SER D 12 1.03 51.87 -13.82
CA SER D 12 2.39 51.86 -14.34
C SER D 12 3.43 52.14 -13.25
N ALA D 13 4.63 51.62 -13.48
CA ALA D 13 5.82 51.94 -12.70
C ALA D 13 7.04 51.90 -13.60
N GLU D 14 8.21 52.30 -13.07
CA GLU D 14 9.43 52.23 -13.83
C GLU D 14 9.63 50.78 -14.27
N VAL D 15 9.58 49.85 -13.31
CA VAL D 15 9.91 48.46 -13.56
C VAL D 15 8.77 47.57 -13.10
N VAL D 16 8.59 46.44 -13.81
CA VAL D 16 7.61 45.42 -13.43
C VAL D 16 8.32 44.08 -13.34
N ILE D 17 8.01 43.36 -12.26
CA ILE D 17 8.62 42.07 -11.99
C ILE D 17 7.52 41.04 -11.82
N ILE D 18 7.50 40.07 -12.75
CA ILE D 18 6.54 38.98 -12.71
C ILE D 18 7.15 37.85 -11.89
N GLY D 19 6.50 37.63 -10.74
CA GLY D 19 6.87 36.56 -9.83
C GLY D 19 7.59 37.15 -8.63
N SER D 20 7.04 36.88 -7.43
CA SER D 20 7.62 37.35 -6.18
C SER D 20 8.38 36.20 -5.50
N GLY D 21 8.92 35.29 -6.31
CA GLY D 21 9.82 34.28 -5.79
C GLY D 21 11.07 34.92 -5.18
N PRO D 22 12.01 34.12 -4.66
CA PRO D 22 13.28 34.67 -4.22
C PRO D 22 13.93 35.55 -5.29
N VAL D 23 13.85 35.11 -6.55
CA VAL D 23 14.58 35.79 -7.60
C VAL D 23 13.89 37.11 -7.94
N GLY D 24 12.57 37.07 -8.07
CA GLY D 24 11.81 38.31 -8.23
C GLY D 24 12.19 39.35 -7.17
N ALA D 25 12.21 38.94 -5.91
CA ALA D 25 12.42 39.85 -4.80
C ALA D 25 13.87 40.39 -4.82
N THR D 26 14.79 39.55 -5.28
CA THR D 26 16.18 39.97 -5.39
C THR D 26 16.24 41.19 -6.31
N PHE D 27 15.59 41.10 -7.48
CA PHE D 27 15.56 42.22 -8.41
C PHE D 27 14.99 43.44 -7.69
N ALA D 28 13.83 43.27 -7.06
CA ALA D 28 13.18 44.39 -6.39
C ALA D 28 14.14 44.98 -5.36
N ARG D 29 14.76 44.13 -4.57
CA ARG D 29 15.63 44.63 -3.52
C ARG D 29 16.67 45.55 -4.15
N HIS D 30 17.46 45.01 -5.08
CA HIS D 30 18.57 45.73 -5.70
C HIS D 30 18.05 46.97 -6.41
N LEU D 31 16.97 46.83 -7.18
CA LEU D 31 16.50 47.90 -8.04
C LEU D 31 15.93 49.06 -7.23
N VAL D 32 15.10 48.75 -6.24
CA VAL D 32 14.48 49.77 -5.41
C VAL D 32 15.56 50.45 -4.57
N GLU D 33 16.45 49.64 -4.00
CA GLU D 33 17.47 50.15 -3.12
C GLU D 33 18.37 51.13 -3.86
N ASN D 34 18.49 50.99 -5.18
CA ASN D 34 19.24 51.91 -6.02
C ASN D 34 18.29 52.84 -6.78
N GLY D 35 17.17 53.21 -6.17
CA GLY D 35 16.41 54.38 -6.57
C GLY D 35 15.34 54.14 -7.65
N LYS D 36 15.12 52.89 -8.07
CA LYS D 36 14.09 52.61 -9.05
C LYS D 36 12.75 52.38 -8.34
N SER D 37 11.65 52.37 -9.10
CA SER D 37 10.32 52.10 -8.57
C SER D 37 9.74 50.90 -9.30
N VAL D 38 9.12 49.99 -8.52
CA VAL D 38 8.89 48.61 -8.96
C VAL D 38 7.47 48.17 -8.60
N ILE D 39 6.89 47.32 -9.47
CA ILE D 39 5.66 46.61 -9.15
C ILE D 39 5.97 45.12 -9.21
N LEU D 40 5.76 44.46 -8.07
CA LEU D 40 6.00 43.04 -7.96
C LEU D 40 4.67 42.30 -8.05
N VAL D 41 4.52 41.44 -9.05
CA VAL D 41 3.24 40.82 -9.34
C VAL D 41 3.38 39.33 -9.09
N ASP D 42 2.34 38.73 -8.48
CA ASP D 42 2.30 37.28 -8.37
C ASP D 42 0.87 36.75 -8.53
N ALA D 43 0.80 35.57 -9.16
CA ALA D 43 -0.47 34.91 -9.42
C ALA D 43 -1.04 34.27 -8.16
N GLY D 44 -0.26 34.27 -7.07
CA GLY D 44 -0.65 33.55 -5.88
C GLY D 44 -1.18 34.49 -4.80
N PRO D 45 -1.67 33.96 -3.67
CA PRO D 45 -2.07 34.78 -2.55
C PRO D 45 -0.91 34.94 -1.56
N GLN D 46 -1.06 35.88 -0.63
CA GLN D 46 -0.06 36.16 0.39
C GLN D 46 -0.46 35.36 1.63
N ARG D 47 0.47 34.58 2.20
CA ARG D 47 0.08 33.61 3.22
C ARG D 47 0.61 33.99 4.61
N SER D 48 0.76 35.30 4.83
CA SER D 48 1.32 35.87 6.05
C SER D 48 0.98 37.36 6.11
N PRO D 49 0.89 38.00 7.31
CA PRO D 49 0.65 39.43 7.44
C PRO D 49 1.49 40.29 6.50
N GLN D 50 2.75 39.90 6.38
CA GLN D 50 3.70 40.58 5.53
C GLN D 50 3.98 39.67 4.34
N PRO D 51 4.35 40.22 3.17
CA PRO D 51 4.47 39.44 1.93
C PRO D 51 5.66 38.50 1.86
N GLY D 52 5.39 37.20 1.63
CA GLY D 52 6.45 36.24 1.39
C GLY D 52 7.28 35.96 2.65
N GLU D 53 6.63 35.97 3.83
CA GLU D 53 7.28 35.51 5.04
C GLU D 53 7.46 34.01 4.90
N HIS D 54 8.54 33.49 5.48
CA HIS D 54 8.75 32.05 5.51
C HIS D 54 7.86 31.42 6.58
N LEU D 55 7.11 30.39 6.15
CA LEU D 55 6.08 29.80 6.99
C LEU D 55 6.67 28.82 7.99
N LYS D 56 7.96 28.49 7.85
CA LYS D 56 8.61 27.57 8.77
C LYS D 56 8.99 28.28 10.05
N ASN D 57 8.89 29.62 10.08
CA ASN D 57 9.29 30.42 11.24
C ASN D 57 8.32 30.28 12.41
N ALA D 58 7.11 29.83 12.14
CA ALA D 58 6.11 29.69 13.19
C ALA D 58 6.62 28.76 14.28
N TYR D 59 6.27 29.11 15.51
CA TYR D 59 6.64 28.32 16.68
C TYR D 59 6.46 26.83 16.43
N LEU D 60 5.31 26.40 15.93
CA LEU D 60 5.03 24.97 15.87
C LEU D 60 6.05 24.24 15.00
N TYR D 61 6.50 24.88 13.90
CA TYR D 61 7.41 24.22 12.98
C TYR D 61 8.80 24.15 13.60
N GLN D 62 9.10 25.11 14.49
CA GLN D 62 10.31 25.07 15.28
C GLN D 62 10.29 23.86 16.20
N LYS D 63 9.11 23.36 16.55
CA LYS D 63 8.99 22.28 17.52
C LYS D 63 8.90 20.94 16.81
N ASP D 64 8.07 20.91 15.76
CA ASP D 64 7.92 19.74 14.92
C ASP D 64 8.34 20.12 13.52
N ARG D 65 9.52 19.66 13.11
CA ARG D 65 9.99 19.88 11.77
C ARG D 65 9.15 19.03 10.82
N THR D 66 8.99 17.73 11.10
CA THR D 66 8.33 16.76 10.20
C THR D 66 7.01 17.31 9.65
N ASN D 67 6.33 18.12 10.45
CA ASN D 67 4.99 18.58 10.13
C ASN D 67 4.97 19.59 8.99
N PHE D 68 6.07 20.32 8.79
CA PHE D 68 6.12 21.38 7.79
C PHE D 68 6.05 20.80 6.38
N SER D 69 6.31 19.49 6.23
CA SER D 69 6.11 18.82 4.96
C SER D 69 4.67 18.99 4.47
N GLN D 70 3.73 19.23 5.38
CA GLN D 70 2.33 19.35 5.02
C GLN D 70 2.10 20.70 4.35
N ILE D 71 2.88 21.70 4.76
CA ILE D 71 2.83 22.99 4.11
C ILE D 71 3.41 22.85 2.71
N VAL D 72 4.49 22.08 2.60
CA VAL D 72 5.14 21.88 1.32
C VAL D 72 4.12 21.26 0.36
N ASN D 73 3.48 20.17 0.79
CA ASN D 73 2.56 19.47 -0.08
C ASN D 73 1.49 20.44 -0.55
N SER D 74 1.12 21.39 0.33
CA SER D 74 0.10 22.38 0.04
C SER D 74 0.62 23.44 -0.92
N GLU D 75 1.93 23.55 -1.10
CA GLU D 75 2.47 24.61 -1.91
C GLU D 75 2.74 24.12 -3.33
N LEU D 76 3.00 22.83 -3.48
CA LEU D 76 3.52 22.30 -4.73
C LEU D 76 2.37 21.80 -5.61
N TYR D 77 2.36 22.23 -6.86
CA TYR D 77 1.29 21.89 -7.78
C TYR D 77 1.89 21.33 -9.07
N LYS D 78 1.56 20.06 -9.39
CA LYS D 78 2.06 19.41 -10.59
C LYS D 78 1.61 20.19 -11.83
N LEU D 79 2.44 20.19 -12.89
CA LEU D 79 2.29 21.05 -14.04
C LEU D 79 1.69 20.34 -15.25
N SER D 80 1.99 19.06 -15.43
CA SER D 80 1.40 18.29 -16.50
C SER D 80 0.99 16.92 -15.96
N ILE D 81 -0.31 16.69 -15.78
CA ILE D 81 -0.76 15.40 -15.26
C ILE D 81 -1.33 14.58 -16.43
N PRO D 82 -0.69 13.45 -16.81
CA PRO D 82 -1.16 12.66 -17.94
C PRO D 82 -2.52 12.08 -17.58
N THR D 83 -3.48 12.23 -18.50
CA THR D 83 -4.86 11.80 -18.32
C THR D 83 -5.28 10.87 -19.44
N SER D 84 -4.37 10.63 -20.38
CA SER D 84 -4.74 10.17 -21.70
C SER D 84 -5.49 8.84 -21.63
N ASN D 85 -5.06 7.93 -20.75
CA ASN D 85 -5.50 6.55 -20.82
C ASN D 85 -6.04 6.00 -19.49
N VAL D 86 -6.38 6.88 -18.55
CA VAL D 86 -6.85 6.48 -17.23
C VAL D 86 -8.10 5.61 -17.42
N LYS D 87 -8.04 4.37 -16.93
CA LYS D 87 -9.17 3.46 -16.99
C LYS D 87 -9.16 2.60 -15.73
N LEU D 88 -10.28 2.60 -14.99
CA LEU D 88 -10.40 1.80 -13.80
C LEU D 88 -11.01 0.46 -14.16
N PRO D 89 -10.33 -0.65 -13.85
CA PRO D 89 -10.80 -1.96 -14.32
C PRO D 89 -12.01 -2.53 -13.56
N ASN D 90 -12.48 -1.80 -12.54
CA ASN D 90 -13.35 -2.35 -11.52
C ASN D 90 -14.41 -1.33 -11.10
N LEU D 91 -14.90 -0.56 -12.07
CA LEU D 91 -15.93 0.43 -11.85
C LEU D 91 -17.28 -0.10 -12.38
N ASP D 92 -18.31 0.05 -11.54
CA ASP D 92 -19.70 -0.14 -11.92
C ASP D 92 -19.90 0.31 -13.36
N PRO D 93 -20.32 -0.57 -14.30
CA PRO D 93 -20.51 -0.14 -15.69
C PRO D 93 -21.67 0.83 -15.91
N SER D 94 -22.59 0.94 -14.93
CA SER D 94 -23.67 1.90 -14.99
C SER D 94 -23.12 3.32 -14.87
N ALA D 95 -21.92 3.46 -14.28
CA ALA D 95 -21.35 4.74 -13.90
C ALA D 95 -20.60 5.33 -15.08
N TYR D 96 -20.54 6.67 -15.09
CA TYR D 96 -20.00 7.45 -16.19
C TYR D 96 -18.49 7.56 -16.06
N TRP D 97 -17.80 7.45 -17.21
CA TRP D 97 -16.35 7.56 -17.28
C TRP D 97 -15.94 8.19 -18.61
N ALA D 98 -14.86 8.98 -18.59
CA ALA D 98 -14.23 9.49 -19.79
C ALA D 98 -12.76 9.84 -19.49
N ALA D 99 -11.86 9.28 -20.30
CA ALA D 99 -10.42 9.46 -20.11
C ALA D 99 -9.98 10.71 -20.84
N GLY D 100 -8.83 11.23 -20.43
CA GLY D 100 -8.19 12.34 -21.12
C GLY D 100 -8.80 13.68 -20.73
N ALA D 101 -9.12 13.84 -19.44
CA ALA D 101 -9.63 15.12 -18.98
C ALA D 101 -8.56 16.17 -19.25
N VAL D 102 -9.01 17.42 -19.30
CA VAL D 102 -8.18 18.54 -19.70
C VAL D 102 -8.22 19.63 -18.63
N ARG D 103 -8.92 19.32 -17.54
CA ARG D 103 -9.20 20.31 -16.53
C ARG D 103 -7.96 20.63 -15.70
N ASN D 104 -7.73 21.94 -15.46
CA ASN D 104 -6.56 22.41 -14.76
C ASN D 104 -5.32 21.93 -15.50
N ASN D 105 -4.38 21.32 -14.78
CA ASN D 105 -3.09 20.95 -15.34
C ASN D 105 -3.15 19.50 -15.81
N MET D 106 -4.37 19.01 -16.07
CA MET D 106 -4.55 17.74 -16.74
C MET D 106 -4.28 17.93 -18.23
N ASN D 107 -3.58 16.93 -18.78
CA ASN D 107 -2.97 17.02 -20.09
C ASN D 107 -3.02 15.66 -20.78
N PRO D 108 -3.93 15.46 -21.77
CA PRO D 108 -4.04 14.17 -22.44
C PRO D 108 -2.95 13.95 -23.48
N LYS D 109 -2.22 15.03 -23.81
CA LYS D 109 -1.18 14.97 -24.81
C LYS D 109 0.15 14.67 -24.15
N GLN D 110 0.15 14.54 -22.82
CA GLN D 110 1.34 14.18 -22.08
C GLN D 110 1.55 12.66 -22.08
N ASP D 111 2.61 12.24 -22.76
CA ASP D 111 3.13 10.89 -22.59
C ASP D 111 3.76 10.83 -21.21
N PRO D 112 3.29 9.91 -20.34
CA PRO D 112 3.89 9.71 -19.01
C PRO D 112 5.38 9.38 -19.00
N ASN D 113 5.84 8.69 -20.06
CA ASN D 113 7.17 8.13 -20.13
C ASN D 113 8.21 9.15 -20.57
N THR D 114 7.78 10.27 -21.14
CA THR D 114 8.69 11.37 -21.38
C THR D 114 8.31 12.52 -20.46
N ASN D 115 7.46 12.27 -19.48
CA ASN D 115 7.01 13.34 -18.63
C ASN D 115 8.11 13.70 -17.63
N MET D 116 7.91 14.83 -16.95
CA MET D 116 8.64 15.16 -15.75
C MET D 116 7.62 15.21 -14.61
N PRO D 117 7.26 14.04 -14.01
CA PRO D 117 6.11 13.96 -13.11
C PRO D 117 6.04 15.00 -12.00
N TYR D 118 7.18 15.29 -11.35
CA TYR D 118 7.19 16.16 -10.19
C TYR D 118 7.71 17.54 -10.60
N ALA D 119 7.66 17.86 -11.88
CA ALA D 119 7.73 19.25 -12.29
C ALA D 119 6.53 19.92 -11.64
N GLN D 120 6.78 20.78 -10.66
CA GLN D 120 5.74 21.47 -9.94
C GLN D 120 6.10 22.95 -9.83
N ALA D 121 5.09 23.78 -9.54
CA ALA D 121 5.36 25.14 -9.11
C ALA D 121 4.51 25.44 -7.87
N ALA D 122 4.84 26.59 -7.27
CA ALA D 122 4.06 27.13 -6.19
C ALA D 122 3.53 28.48 -6.62
N PHE D 123 2.28 28.77 -6.25
CA PHE D 123 1.71 30.05 -6.61
C PHE D 123 1.33 30.79 -5.33
N ALA D 124 2.24 31.65 -4.89
CA ALA D 124 2.12 32.36 -3.63
C ALA D 124 3.01 33.59 -3.67
N VAL D 125 2.62 34.66 -2.99
CA VAL D 125 3.58 35.72 -2.73
C VAL D 125 4.71 35.09 -1.93
N GLY D 126 5.83 34.88 -2.63
CA GLY D 126 7.03 34.26 -2.10
C GLY D 126 7.48 33.05 -2.93
N GLY D 127 6.59 32.53 -3.78
CA GLY D 127 6.87 31.32 -4.51
C GLY D 127 7.22 30.15 -3.59
N MET D 128 8.32 29.49 -3.92
CA MET D 128 8.78 28.35 -3.18
C MET D 128 9.61 28.84 -1.99
N GLY D 129 9.93 30.14 -2.00
CA GLY D 129 10.80 30.75 -1.01
C GLY D 129 10.15 30.96 0.35
N ILE D 130 8.90 30.51 0.48
CA ILE D 130 8.22 30.55 1.76
C ILE D 130 8.05 29.14 2.31
N HIS D 131 8.60 28.13 1.62
CA HIS D 131 8.61 26.76 2.11
C HIS D 131 10.00 26.10 2.02
N TRP D 132 10.87 26.65 1.18
CA TRP D 132 12.14 26.01 0.85
C TRP D 132 13.03 25.83 2.09
N THR D 133 14.01 24.93 1.94
CA THR D 133 14.89 24.49 3.01
C THR D 133 16.12 25.38 3.11
N CYS D 134 16.23 26.38 2.22
CA CYS D 134 17.09 27.55 2.40
C CYS D 134 18.58 27.23 2.22
N ALA D 135 18.93 26.19 1.45
CA ALA D 135 20.33 25.86 1.23
C ALA D 135 20.93 26.73 0.13
N THR D 136 22.01 27.47 0.43
CA THR D 136 22.57 28.46 -0.49
C THR D 136 24.08 28.23 -0.68
N PRO D 137 24.50 27.13 -1.35
CA PRO D 137 25.89 26.94 -1.74
C PRO D 137 26.21 27.74 -3.00
N ARG D 138 27.53 27.98 -3.19
CA ARG D 138 28.09 28.54 -4.41
C ARG D 138 28.55 27.42 -5.37
N LEU D 139 28.57 27.77 -6.66
CA LEU D 139 29.00 26.83 -7.69
C LEU D 139 30.50 26.66 -7.65
N HIS D 140 30.96 25.42 -7.95
CA HIS D 140 32.39 25.11 -8.06
C HIS D 140 33.01 25.94 -9.18
N PRO D 141 34.05 26.73 -8.89
CA PRO D 141 34.73 27.54 -9.90
C PRO D 141 34.95 26.87 -11.25
N GLU D 142 35.55 25.68 -11.23
CA GLU D 142 35.96 25.01 -12.45
C GLU D 142 34.80 24.17 -13.00
N LEU D 143 34.09 23.43 -12.13
CA LEU D 143 33.24 22.36 -12.59
C LEU D 143 31.81 22.84 -12.86
N GLU D 144 31.41 23.99 -12.31
CA GLU D 144 30.01 24.39 -12.30
C GLU D 144 29.80 25.78 -12.88
N ARG D 145 30.72 26.71 -12.63
CA ARG D 145 30.55 28.07 -13.12
C ARG D 145 30.91 28.07 -14.60
N TRP D 146 30.45 29.13 -15.28
CA TRP D 146 30.92 29.43 -16.62
C TRP D 146 31.62 30.78 -16.58
N HIS D 147 32.44 30.97 -17.59
CA HIS D 147 33.56 31.89 -17.58
C HIS D 147 33.15 33.28 -18.08
N TYR D 148 32.08 33.39 -18.87
CA TYR D 148 31.69 34.67 -19.46
C TYR D 148 31.08 35.61 -18.42
N ILE D 149 30.81 35.11 -17.20
CA ILE D 149 30.52 35.94 -16.06
C ILE D 149 31.81 36.18 -15.31
N THR D 150 32.15 37.46 -15.12
CA THR D 150 33.50 37.85 -14.74
C THR D 150 33.63 38.05 -13.22
N GLU D 151 32.54 38.44 -12.57
CA GLU D 151 32.59 39.00 -11.23
C GLU D 151 31.75 38.15 -10.28
N TRP D 152 31.91 36.83 -10.37
CA TRP D 152 31.16 35.89 -9.54
C TRP D 152 31.18 36.26 -8.07
N ASP D 153 32.39 36.39 -7.51
CA ASP D 153 32.54 36.42 -6.08
C ASP D 153 31.93 37.70 -5.50
N GLU D 154 31.86 38.76 -6.32
CA GLU D 154 31.21 40.02 -5.93
C GLU D 154 29.70 39.83 -5.83
N LEU D 155 29.13 39.22 -6.88
CA LEU D 155 27.70 38.97 -6.97
C LEU D 155 27.25 38.02 -5.86
N TYR D 156 27.94 36.88 -5.76
CA TYR D 156 27.67 35.91 -4.70
C TYR D 156 27.69 36.59 -3.34
N ALA D 157 28.70 37.44 -3.08
CA ALA D 157 28.79 38.14 -1.81
C ALA D 157 27.53 38.97 -1.58
N GLN D 158 27.13 39.73 -2.61
CA GLN D 158 25.99 40.61 -2.50
C GLN D 158 24.71 39.79 -2.32
N ALA D 159 24.63 38.62 -2.97
CA ALA D 159 23.47 37.76 -2.88
C ALA D 159 23.34 37.19 -1.47
N GLU D 160 24.47 36.74 -0.91
CA GLU D 160 24.51 36.10 0.40
C GLU D 160 24.05 37.07 1.48
N LYS D 161 24.43 38.33 1.32
CA LYS D 161 24.00 39.39 2.21
C LYS D 161 22.47 39.49 2.19
N TYR D 162 21.88 39.56 0.99
CA TYR D 162 20.44 39.70 0.86
C TYR D 162 19.70 38.50 1.44
N PHE D 163 20.28 37.29 1.24
CA PHE D 163 19.65 36.06 1.69
C PHE D 163 19.96 35.77 3.15
N ASN D 164 20.90 36.53 3.73
CA ASN D 164 21.26 36.29 5.10
C ASN D 164 21.87 34.89 5.20
N THR D 165 22.71 34.54 4.22
CA THR D 165 23.40 33.24 4.25
C THR D 165 24.22 33.18 5.52
N HIS D 166 24.37 31.95 6.07
CA HIS D 166 25.12 31.69 7.28
C HIS D 166 25.58 30.23 7.29
N THR D 167 26.73 29.95 7.91
CA THR D 167 27.17 28.57 8.09
C THR D 167 27.09 28.17 9.56
N ASN D 168 26.92 29.19 10.42
CA ASN D 168 27.09 29.05 11.84
C ASN D 168 25.78 28.67 12.53
N VAL D 169 24.78 28.23 11.77
CA VAL D 169 23.48 28.02 12.39
C VAL D 169 23.50 26.68 13.12
N PHE D 170 24.14 25.66 12.51
CA PHE D 170 24.13 24.31 13.06
C PHE D 170 25.53 23.91 13.50
N GLU D 171 26.36 24.94 13.69
CA GLU D 171 27.77 24.79 14.00
C GLU D 171 27.90 23.90 15.22
N ARG D 172 27.06 24.18 16.23
CA ARG D 172 27.12 23.60 17.56
C ARG D 172 26.41 22.25 17.63
N SER D 173 26.15 21.61 16.48
CA SER D 173 25.43 20.35 16.49
C SER D 173 26.33 19.19 16.95
N LEU D 174 25.81 18.44 17.94
CA LEU D 174 26.48 17.28 18.50
C LEU D 174 26.42 16.11 17.52
N ARG D 175 25.25 15.92 16.91
CA ARG D 175 25.11 14.91 15.86
C ARG D 175 25.98 15.31 14.66
N GLY D 176 26.03 16.62 14.39
CA GLY D 176 26.84 17.14 13.31
C GLY D 176 28.30 16.75 13.46
N ALA D 177 28.82 16.90 14.68
CA ALA D 177 30.18 16.47 14.97
C ALA D 177 30.32 14.95 14.78
N ALA D 178 29.49 14.18 15.50
CA ALA D 178 29.58 12.73 15.56
C ALA D 178 29.63 12.11 14.16
N ILE D 179 28.83 12.69 13.26
CA ILE D 179 28.78 12.26 11.86
C ILE D 179 30.06 12.67 11.15
N LYS D 180 30.39 13.96 11.22
CA LYS D 180 31.54 14.46 10.51
C LYS D 180 32.77 13.62 10.83
N ARG D 181 32.94 13.24 12.10
CA ARG D 181 34.04 12.39 12.52
C ARG D 181 34.04 11.07 11.75
N ARG D 182 32.89 10.40 11.69
CA ARG D 182 32.82 9.10 11.04
C ARG D 182 33.02 9.23 9.53
N LEU D 183 32.56 10.33 8.94
CA LEU D 183 32.67 10.53 7.51
C LEU D 183 34.09 10.87 7.12
N GLU D 184 34.76 11.73 7.90
CA GLU D 184 36.16 12.05 7.65
C GLU D 184 36.97 10.76 7.64
N ALA D 185 36.64 9.84 8.56
CA ALA D 185 37.29 8.54 8.70
C ALA D 185 36.96 7.63 7.52
N HIS D 186 35.73 7.73 7.00
CA HIS D 186 35.29 6.91 5.89
C HIS D 186 36.07 7.29 4.62
N TYR D 187 36.12 8.60 4.34
CA TYR D 187 36.71 9.14 3.12
C TYR D 187 38.24 9.04 3.16
N ASN D 188 38.81 9.30 4.34
CA ASN D 188 40.22 8.99 4.54
C ASN D 188 41.05 9.91 3.67
N ASN D 189 40.83 11.21 3.85
CA ASN D 189 41.50 12.24 3.06
C ASN D 189 41.59 11.82 1.59
N GLN D 190 40.47 11.44 0.97
CA GLN D 190 40.41 11.25 -0.47
C GLN D 190 39.86 12.52 -1.11
N LEU D 191 39.20 13.36 -0.32
CA LEU D 191 38.54 14.55 -0.83
C LEU D 191 39.58 15.64 -1.06
N ASP D 192 39.30 16.49 -2.04
CA ASP D 192 40.04 17.72 -2.23
C ASP D 192 39.95 18.51 -0.94
N PRO D 193 41.08 18.89 -0.30
CA PRO D 193 41.03 19.68 0.93
C PRO D 193 40.44 21.09 0.80
N ASN D 194 40.21 21.55 -0.43
CA ASN D 194 39.55 22.83 -0.64
C ASN D 194 38.03 22.66 -0.48
N TYR D 195 37.54 21.43 -0.61
CA TYR D 195 36.13 21.16 -0.49
C TYR D 195 35.94 20.03 0.51
N PRO D 196 36.22 20.24 1.82
CA PRO D 196 36.03 19.19 2.82
C PRO D 196 34.58 18.96 3.21
N ILE D 197 34.33 17.93 4.03
CA ILE D 197 33.08 17.85 4.76
C ILE D 197 33.01 19.11 5.62
N GLN D 198 31.86 19.80 5.60
CA GLN D 198 31.72 21.10 6.23
C GLN D 198 30.24 21.47 6.42
N ASN D 199 30.02 22.57 7.15
CA ASN D 199 28.68 23.05 7.48
C ASN D 199 28.04 23.63 6.23
N LEU D 200 26.83 23.15 5.91
CA LEU D 200 26.09 23.60 4.76
C LEU D 200 25.60 25.02 5.01
N PRO D 201 25.90 25.96 4.09
CA PRO D 201 25.49 27.36 4.22
C PRO D 201 24.01 27.48 3.92
N VAL D 202 23.30 28.26 4.74
CA VAL D 202 21.86 28.34 4.67
C VAL D 202 21.42 29.81 4.79
N ALA D 203 20.40 30.17 3.98
CA ALA D 203 19.71 31.44 4.16
C ALA D 203 18.86 31.31 5.42
N ALA D 204 19.49 31.57 6.59
CA ALA D 204 18.85 31.44 7.89
C ALA D 204 19.79 32.00 8.96
N GLN D 205 19.28 32.11 10.20
CA GLN D 205 20.06 32.64 11.29
C GLN D 205 19.39 32.34 12.63
N ARG D 206 20.21 31.97 13.62
CA ARG D 206 19.70 31.67 14.95
C ARG D 206 19.17 32.97 15.56
N ARG D 207 18.07 32.83 16.30
CA ARG D 207 17.41 34.00 16.88
C ARG D 207 18.22 34.42 18.09
N GLU D 208 17.97 35.64 18.56
CA GLU D 208 18.68 36.21 19.68
C GLU D 208 17.72 36.53 20.81
N ASP D 209 16.44 36.24 20.59
CA ASP D 209 15.37 36.77 21.43
C ASP D 209 15.22 35.87 22.67
N GLY D 210 15.95 36.19 23.73
CA GLY D 210 15.92 35.36 24.93
C GLY D 210 16.15 33.89 24.58
N GLU D 211 15.34 33.02 25.19
CA GLU D 211 15.49 31.58 25.05
C GLU D 211 15.14 31.10 23.64
N GLY D 212 14.55 32.00 22.83
CA GLY D 212 14.20 31.73 21.44
C GLY D 212 15.43 31.65 20.53
N GLU D 213 16.61 31.84 21.10
CA GLU D 213 17.83 31.45 20.42
C GLU D 213 17.82 29.95 20.12
N ALA D 214 16.94 29.17 20.76
CA ALA D 214 16.85 27.75 20.43
C ALA D 214 16.21 27.55 19.06
N PHE D 215 15.74 28.65 18.46
CA PHE D 215 14.95 28.62 17.24
C PHE D 215 15.59 29.51 16.18
N ILE D 216 15.03 29.39 14.97
CA ILE D 216 15.70 29.86 13.77
C ILE D 216 14.77 30.77 12.99
N HIS D 217 15.35 31.81 12.40
CA HIS D 217 14.67 32.66 11.45
C HIS D 217 15.15 32.31 10.05
N TRP D 218 14.39 31.44 9.38
CA TRP D 218 14.66 31.09 7.99
C TRP D 218 14.33 32.28 7.11
N THR D 219 15.00 32.35 5.95
CA THR D 219 14.89 33.49 5.07
C THR D 219 13.74 33.26 4.09
N GLY D 220 12.81 34.20 4.09
CA GLY D 220 11.81 34.26 3.05
C GLY D 220 12.05 35.49 2.19
N PRO D 221 11.46 35.53 0.99
CA PRO D 221 11.54 36.75 0.16
C PRO D 221 11.25 38.03 0.93
N TYR D 222 10.37 37.91 1.92
CA TYR D 222 10.09 39.00 2.85
C TYR D 222 11.40 39.58 3.36
N ASP D 223 12.22 38.70 3.94
CA ASP D 223 13.45 39.09 4.61
C ASP D 223 14.28 39.91 3.64
N ILE D 224 14.21 39.54 2.36
CA ILE D 224 14.93 40.21 1.28
C ILE D 224 14.33 41.58 1.01
N LEU D 225 13.00 41.67 1.00
CA LEU D 225 12.32 42.93 0.70
C LEU D 225 12.35 43.87 1.89
N LYS D 226 12.47 43.33 3.10
CA LYS D 226 12.11 44.08 4.31
C LYS D 226 12.75 45.47 4.27
N PRO D 227 14.07 45.57 4.00
CA PRO D 227 14.75 46.87 4.03
C PRO D 227 14.23 47.98 3.11
N VAL D 228 13.46 47.63 2.08
CA VAL D 228 12.99 48.62 1.12
C VAL D 228 11.48 48.80 1.23
N LEU D 229 10.82 48.16 2.19
CA LEU D 229 9.36 48.14 2.22
C LEU D 229 8.79 49.36 2.92
N THR D 230 9.55 49.97 3.83
CA THR D 230 9.11 51.20 4.49
C THR D 230 10.23 52.24 4.36
N THR D 231 9.84 53.53 4.37
CA THR D 231 10.80 54.63 4.29
C THR D 231 11.48 54.78 5.65
N GLU D 232 12.33 55.82 5.78
CA GLU D 232 12.80 56.28 7.08
C GLU D 232 11.68 57.05 7.78
N GLU D 233 10.46 56.50 7.81
CA GLU D 233 9.35 57.07 8.56
C GLU D 233 8.34 55.98 8.90
N ASN D 234 8.72 54.72 8.71
CA ASN D 234 7.84 53.56 8.91
C ASN D 234 6.56 53.61 8.05
N LEU D 235 6.38 54.63 7.21
CA LEU D 235 5.29 54.58 6.25
C LEU D 235 5.79 53.78 5.05
N PRO D 236 4.91 52.98 4.40
CA PRO D 236 5.29 52.15 3.26
C PRO D 236 5.92 52.94 2.12
N ASN D 237 6.91 52.31 1.48
CA ASN D 237 7.71 52.89 0.42
C ASN D 237 6.91 52.91 -0.89
N PRO D 238 6.59 54.09 -1.46
CA PRO D 238 5.85 54.15 -2.72
C PRO D 238 6.57 53.43 -3.86
N ASN D 239 7.91 53.37 -3.79
CA ASN D 239 8.68 52.82 -4.90
C ASN D 239 8.50 51.31 -5.02
N ILE D 240 7.75 50.67 -4.11
CA ILE D 240 7.46 49.26 -4.28
C ILE D 240 5.98 49.01 -3.97
N ARG D 241 5.35 48.18 -4.81
CA ARG D 241 3.97 47.78 -4.61
C ARG D 241 3.90 46.28 -4.91
N VAL D 242 3.09 45.54 -4.14
CA VAL D 242 2.94 44.12 -4.33
C VAL D 242 1.49 43.80 -4.73
N LEU D 243 1.33 42.98 -5.78
CA LEU D 243 0.04 42.58 -6.27
C LEU D 243 -0.10 41.07 -6.24
N PRO D 244 -0.62 40.50 -5.14
CA PRO D 244 -1.03 39.10 -5.13
C PRO D 244 -2.19 38.88 -6.09
N ASN D 245 -2.39 37.62 -6.50
CA ASN D 245 -3.62 37.20 -7.17
C ASN D 245 -3.80 37.98 -8.47
N HIS D 246 -2.71 38.13 -9.19
CA HIS D 246 -2.72 38.78 -10.49
C HIS D 246 -1.95 37.85 -11.44
N ILE D 247 -2.70 37.13 -12.28
CA ILE D 247 -2.13 36.23 -13.29
C ILE D 247 -1.68 37.06 -14.48
N VAL D 248 -0.37 37.17 -14.70
CA VAL D 248 0.12 37.83 -15.89
C VAL D 248 0.08 36.82 -17.02
N GLN D 249 -0.70 37.16 -18.05
CA GLN D 249 -1.02 36.23 -19.12
C GLN D 249 -0.28 36.53 -20.42
N LYS D 250 -0.01 37.81 -20.70
CA LYS D 250 0.51 38.18 -22.00
C LYS D 250 1.35 39.43 -21.85
N LEU D 251 2.52 39.44 -22.49
CA LEU D 251 3.28 40.66 -22.67
C LEU D 251 3.02 41.16 -24.08
N HIS D 252 2.63 42.44 -24.19
CA HIS D 252 2.31 43.04 -25.47
C HIS D 252 3.50 43.87 -25.90
N HIS D 253 3.97 43.64 -27.15
CA HIS D 253 5.27 44.12 -27.61
C HIS D 253 5.27 44.38 -29.11
N LYS D 254 5.96 45.45 -29.51
CA LYS D 254 6.13 45.85 -30.90
C LYS D 254 7.61 46.05 -31.17
N GLY D 255 8.14 45.29 -32.14
CA GLY D 255 9.51 45.44 -32.61
C GLY D 255 10.52 45.46 -31.46
N GLY D 256 10.43 44.48 -30.55
CA GLY D 256 11.49 44.28 -29.55
C GLY D 256 11.43 45.27 -28.38
N LYS D 257 10.34 46.04 -28.25
CA LYS D 257 10.10 46.87 -27.08
C LYS D 257 8.78 46.43 -26.45
N VAL D 258 8.77 46.11 -25.14
CA VAL D 258 7.56 45.65 -24.49
C VAL D 258 6.82 46.85 -23.90
N GLU D 259 5.51 46.94 -24.20
CA GLU D 259 4.71 48.12 -23.94
C GLU D 259 3.98 47.93 -22.60
N TYR D 260 3.35 46.76 -22.43
CA TYR D 260 2.51 46.53 -21.26
C TYR D 260 2.26 45.03 -21.06
N ALA D 261 1.67 44.73 -19.89
CA ALA D 261 1.37 43.36 -19.48
C ALA D 261 -0.14 43.20 -19.26
N GLU D 262 -0.69 42.14 -19.85
CA GLU D 262 -2.10 41.81 -19.73
C GLU D 262 -2.21 40.86 -18.55
N VAL D 263 -3.01 41.26 -17.56
CA VAL D 263 -3.03 40.62 -16.26
C VAL D 263 -4.48 40.38 -15.84
N GLN D 264 -4.72 39.21 -15.25
CA GLN D 264 -6.02 38.89 -14.70
C GLN D 264 -5.97 39.05 -13.20
N SER D 265 -6.57 40.12 -12.68
CA SER D 265 -6.93 40.17 -11.27
C SER D 265 -7.97 39.08 -11.00
N THR D 266 -7.76 38.26 -9.95
CA THR D 266 -8.69 37.18 -9.65
C THR D 266 -9.65 37.61 -8.55
N GLU D 267 -9.35 38.70 -7.86
CA GLU D 267 -10.32 39.31 -6.94
C GLU D 267 -9.91 40.75 -6.65
N PRO D 268 -10.67 41.77 -7.08
CA PRO D 268 -11.88 41.58 -7.90
C PRO D 268 -11.48 41.13 -9.29
N TRP D 269 -12.33 40.30 -9.89
CA TRP D 269 -12.02 39.67 -11.17
C TRP D 269 -12.16 40.70 -12.29
N GLU D 270 -11.03 41.26 -12.73
CA GLU D 270 -11.03 42.34 -13.69
C GLU D 270 -9.72 42.27 -14.43
N LYS D 271 -9.75 42.66 -15.71
CA LYS D 271 -8.57 42.84 -16.53
C LYS D 271 -7.76 44.05 -16.04
N VAL D 272 -6.43 43.90 -16.09
CA VAL D 272 -5.53 44.97 -15.70
C VAL D 272 -4.39 45.06 -16.71
N GLU D 273 -4.07 46.29 -17.12
CA GLU D 273 -2.96 46.56 -18.02
C GLU D 273 -1.87 47.27 -17.21
N ILE D 274 -0.63 46.76 -17.32
CA ILE D 274 0.48 47.26 -16.52
C ILE D 274 1.61 47.72 -17.44
N TYR D 275 1.80 49.04 -17.50
CA TYR D 275 2.80 49.68 -18.36
C TYR D 275 4.07 49.92 -17.55
N ALA D 276 5.23 49.71 -18.20
CA ALA D 276 6.50 49.90 -17.50
C ALA D 276 7.63 50.16 -18.49
N ASP D 277 8.70 50.78 -17.99
CA ASP D 277 9.89 51.02 -18.79
C ASP D 277 10.67 49.71 -18.97
N ILE D 278 10.61 48.81 -17.97
CA ILE D 278 11.38 47.57 -17.94
C ILE D 278 10.51 46.43 -17.42
N PHE D 279 10.61 45.25 -18.06
CA PHE D 279 9.86 44.08 -17.64
C PHE D 279 10.81 42.94 -17.30
N ILE D 280 10.46 42.22 -16.23
CA ILE D 280 11.29 41.13 -15.72
C ILE D 280 10.38 39.93 -15.41
N VAL D 281 10.71 38.77 -15.96
CA VAL D 281 9.94 37.57 -15.69
C VAL D 281 10.78 36.63 -14.83
N ALA D 282 10.32 36.45 -13.58
CA ALA D 282 10.91 35.50 -12.64
C ALA D 282 9.82 34.56 -12.18
N ALA D 283 9.17 33.92 -13.16
CA ALA D 283 8.07 33.02 -12.90
C ALA D 283 8.56 31.57 -12.87
N ALA D 284 9.89 31.39 -12.80
CA ALA D 284 10.52 30.10 -12.58
C ALA D 284 10.52 29.29 -13.87
N ALA D 285 10.96 28.04 -13.77
CA ALA D 285 11.53 27.31 -14.87
C ALA D 285 10.54 27.17 -16.03
N ILE D 286 9.26 26.93 -15.73
CA ILE D 286 8.32 26.51 -16.74
C ILE D 286 7.32 27.63 -17.05
N LYS D 287 6.88 28.35 -16.03
CA LYS D 287 5.85 29.36 -16.20
C LYS D 287 6.41 30.59 -16.91
N THR D 288 7.73 30.83 -16.76
CA THR D 288 8.39 31.94 -17.42
C THR D 288 8.30 31.72 -18.93
N PRO D 289 8.86 30.63 -19.51
CA PRO D 289 8.70 30.35 -20.94
C PRO D 289 7.24 30.32 -21.38
N GLN D 290 6.36 29.82 -20.52
CA GLN D 290 4.94 29.79 -20.82
C GLN D 290 4.45 31.20 -21.17
N LEU D 291 4.83 32.18 -20.35
CA LEU D 291 4.37 33.54 -20.53
C LEU D 291 4.86 34.09 -21.88
N LEU D 292 6.11 33.75 -22.23
CA LEU D 292 6.69 34.22 -23.48
C LEU D 292 5.96 33.54 -24.63
N TRP D 293 5.87 32.20 -24.56
CA TRP D 293 5.22 31.43 -25.59
C TRP D 293 3.86 32.03 -25.94
N ASN D 294 3.18 32.51 -24.91
CA ASN D 294 1.83 33.01 -25.01
C ASN D 294 1.84 34.47 -25.42
N SER D 295 3.02 35.09 -25.40
CA SER D 295 3.19 36.47 -25.84
C SER D 295 3.76 36.50 -27.25
N GLN D 296 3.81 35.33 -27.93
CA GLN D 296 4.35 35.20 -29.27
C GLN D 296 5.86 35.49 -29.29
N ILE D 297 6.55 35.17 -28.19
CA ILE D 297 8.00 35.32 -28.13
C ILE D 297 8.59 33.93 -28.00
N ARG D 298 9.13 33.40 -29.10
CA ARG D 298 9.57 32.01 -29.13
C ARG D 298 10.95 31.91 -29.75
N PRO D 299 12.02 32.32 -29.03
CA PRO D 299 13.37 31.96 -29.44
C PRO D 299 13.47 30.45 -29.61
N LYS D 300 14.41 30.03 -30.45
CA LYS D 300 14.51 28.63 -30.82
C LYS D 300 14.79 27.77 -29.59
N ALA D 301 15.46 28.36 -28.59
CA ALA D 301 15.99 27.61 -27.44
C ALA D 301 14.99 27.56 -26.28
N LEU D 302 13.80 28.13 -26.47
CA LEU D 302 12.87 28.34 -25.37
C LEU D 302 12.37 26.98 -24.87
N GLY D 303 12.47 26.76 -23.56
CA GLY D 303 12.01 25.53 -22.96
C GLY D 303 12.79 24.32 -23.47
N CYS D 304 13.92 24.55 -24.14
CA CYS D 304 14.80 23.46 -24.49
C CYS D 304 15.98 23.50 -23.54
N TYR D 305 16.79 22.45 -23.60
CA TYR D 305 17.90 22.32 -22.67
C TYR D 305 17.28 22.29 -21.28
N LEU D 306 16.18 21.57 -21.17
CA LEU D 306 15.56 21.30 -19.88
C LEU D 306 16.47 20.35 -19.11
N SER D 307 16.66 20.70 -17.84
CA SER D 307 17.73 20.17 -17.00
C SER D 307 17.34 20.35 -15.54
N GLU D 308 17.75 19.42 -14.68
CA GLU D 308 17.57 19.56 -13.25
C GLU D 308 18.75 18.92 -12.55
N HIS D 309 18.50 18.24 -11.42
CA HIS D 309 19.44 17.30 -10.85
C HIS D 309 18.78 15.95 -10.75
N ILE D 310 19.46 14.92 -11.25
CA ILE D 310 19.11 13.58 -10.86
C ILE D 310 19.52 13.45 -9.38
N MET D 311 18.65 12.83 -8.58
CA MET D 311 18.82 12.81 -7.14
C MET D 311 18.81 11.39 -6.61
N THR D 312 19.67 11.14 -5.63
CA THR D 312 19.44 10.02 -4.75
C THR D 312 19.05 10.57 -3.39
N PHE D 313 18.25 9.79 -2.69
CA PHE D 313 17.81 10.12 -1.35
C PHE D 313 17.69 8.85 -0.54
N GLY D 314 17.83 9.01 0.77
CA GLY D 314 17.59 7.93 1.72
C GLY D 314 17.68 8.49 3.14
N GLN D 315 17.15 7.74 4.10
CA GLN D 315 17.21 8.16 5.48
C GLN D 315 17.79 7.03 6.30
N ILE D 316 18.46 7.41 7.39
CA ILE D 316 19.08 6.42 8.26
C ILE D 316 18.74 6.73 9.70
N VAL D 317 18.72 5.67 10.52
CA VAL D 317 18.63 5.73 11.96
C VAL D 317 20.05 5.70 12.52
N LEU D 318 20.38 6.64 13.42
CA LEU D 318 21.73 6.81 13.92
C LEU D 318 22.23 5.52 14.58
N SER D 319 23.51 5.22 14.34
CA SER D 319 24.19 4.12 15.00
C SER D 319 24.06 4.29 16.52
N LYS D 320 24.05 3.16 17.25
CA LYS D 320 24.08 3.20 18.71
C LYS D 320 25.39 3.84 19.16
N GLU D 321 26.46 3.60 18.41
CA GLU D 321 27.77 4.13 18.75
C GLU D 321 27.70 5.65 18.86
N ILE D 322 27.12 6.27 17.83
CA ILE D 322 27.01 7.73 17.79
C ILE D 322 26.16 8.22 18.97
N VAL D 323 25.02 7.57 19.22
CA VAL D 323 24.14 8.03 20.28
C VAL D 323 24.87 7.96 21.60
N ALA D 324 25.56 6.85 21.86
CA ALA D 324 26.38 6.70 23.05
C ALA D 324 27.28 7.91 23.25
N GLU D 325 27.90 8.41 22.17
CA GLU D 325 28.89 9.48 22.22
C GLU D 325 28.30 10.85 22.58
N ILE D 326 26.97 10.97 22.78
CA ILE D 326 26.36 12.26 23.07
C ILE D 326 25.39 12.12 24.25
N LYS D 327 25.62 12.80 25.39
CA LYS D 327 24.53 13.02 26.34
C LYS D 327 24.74 14.28 27.19
N ALA D 328 24.37 15.43 26.62
CA ALA D 328 24.67 16.73 27.18
C ALA D 328 23.45 17.66 27.05
N TYR D 333 19.69 24.19 26.09
CA TYR D 333 18.75 25.32 25.87
C TYR D 333 17.49 25.15 26.72
N PHE D 334 16.77 26.25 26.95
CA PHE D 334 15.49 26.26 27.67
C PHE D 334 15.67 25.80 29.11
N LYS D 335 16.62 26.44 29.80
CA LYS D 335 16.94 26.11 31.18
C LYS D 335 15.87 26.70 32.10
N GLU D 336 15.22 27.79 31.66
CA GLU D 336 14.19 28.45 32.47
C GLU D 336 12.79 27.94 32.08
N SER D 337 12.72 26.81 31.35
CA SER D 337 11.46 26.23 30.92
C SER D 337 11.59 24.71 30.89
N PRO D 338 11.55 24.03 32.06
CA PRO D 338 11.56 22.56 32.11
C PRO D 338 10.52 21.86 31.23
N LYS D 339 9.34 22.46 31.08
CA LYS D 339 8.21 21.78 30.44
C LYS D 339 8.38 21.80 28.93
N MET D 340 9.46 22.42 28.44
CA MET D 340 9.72 22.47 27.02
C MET D 340 10.38 21.17 26.57
N PHE D 341 10.79 20.32 27.53
CA PHE D 341 11.34 18.99 27.27
C PHE D 341 10.26 17.91 27.41
N HIS D 342 9.02 18.34 27.70
CA HIS D 342 7.83 17.51 27.69
C HIS D 342 7.79 16.49 28.82
N VAL D 343 8.58 16.69 29.89
CA VAL D 343 8.61 15.76 31.02
C VAL D 343 8.95 16.52 32.30
N ALA D 344 8.56 15.93 33.44
CA ALA D 344 8.95 16.43 34.75
C ALA D 344 8.87 15.29 35.77
N GLY D 345 9.63 15.42 36.87
CA GLY D 345 9.69 14.40 37.91
C GLY D 345 10.09 13.04 37.36
N ASN D 346 9.23 12.03 37.59
CA ASN D 346 9.61 10.64 37.37
C ASN D 346 9.58 10.25 35.89
N GLN D 347 8.87 11.03 35.07
CA GLN D 347 8.83 10.74 33.65
C GLN D 347 10.10 11.28 33.00
N LYS D 348 10.75 10.44 32.18
CA LYS D 348 11.90 10.87 31.41
C LYS D 348 11.60 10.70 29.91
N ASP D 349 12.40 11.39 29.10
CA ASP D 349 12.36 11.20 27.66
C ASP D 349 13.23 10.00 27.31
N PRO D 350 12.68 8.89 26.79
CA PRO D 350 13.50 7.69 26.56
C PRO D 350 14.44 7.84 25.37
N ILE D 351 14.31 8.94 24.60
CA ILE D 351 15.25 9.23 23.51
C ILE D 351 16.48 9.94 24.09
N ASP D 352 17.67 9.37 23.88
CA ASP D 352 18.88 9.90 24.47
C ASP D 352 19.55 10.90 23.55
N ILE D 353 18.80 11.86 23.03
CA ILE D 353 19.41 12.81 22.12
C ILE D 353 18.92 14.21 22.45
N PRO D 354 19.80 15.09 22.97
CA PRO D 354 19.36 16.38 23.49
C PRO D 354 18.31 16.99 22.57
N LEU D 355 17.19 17.36 23.16
CA LEU D 355 16.02 17.75 22.40
C LEU D 355 16.32 19.01 21.61
N TYR D 356 17.27 19.83 22.07
CA TYR D 356 17.53 21.08 21.38
C TYR D 356 18.92 21.03 20.75
N ASP D 357 19.45 19.81 20.59
CA ASP D 357 20.64 19.61 19.79
C ASP D 357 20.36 20.15 18.40
N PRO D 358 21.07 21.21 17.94
CA PRO D 358 20.87 21.72 16.59
C PRO D 358 20.96 20.57 15.56
N ASP D 359 20.14 20.66 14.51
CA ASP D 359 20.05 19.59 13.53
C ASP D 359 21.37 19.46 12.78
N PRO D 360 21.85 18.23 12.46
CA PRO D 360 23.08 18.07 11.67
C PRO D 360 22.78 18.64 10.30
N THR D 361 23.62 19.58 9.85
CA THR D 361 23.38 20.21 8.55
C THR D 361 24.72 20.39 7.82
N LEU D 362 25.16 19.28 7.19
CA LEU D 362 26.48 19.18 6.60
C LEU D 362 26.36 19.12 5.09
N TRP D 363 27.46 19.50 4.39
CA TRP D 363 27.56 19.12 2.99
C TRP D 363 28.99 18.74 2.63
N ILE D 364 29.03 17.90 1.60
CA ILE D 364 30.20 17.66 0.79
C ILE D 364 29.93 18.37 -0.53
N PRO D 365 30.74 19.37 -0.91
CA PRO D 365 30.66 19.98 -2.23
C PRO D 365 30.83 19.05 -3.42
N VAL D 366 30.58 19.66 -4.59
CA VAL D 366 31.06 19.14 -5.85
C VAL D 366 32.54 19.52 -5.90
N GLN D 367 33.33 18.60 -6.47
CA GLN D 367 34.79 18.63 -6.45
C GLN D 367 35.31 17.82 -7.62
N LYS D 368 36.64 17.74 -7.77
CA LYS D 368 37.24 16.84 -8.75
C LYS D 368 36.72 15.41 -8.50
N ASP D 369 36.40 14.68 -9.58
CA ASP D 369 36.00 13.28 -9.54
C ASP D 369 34.66 13.06 -8.86
N ARG D 370 33.97 14.15 -8.48
CA ARG D 370 32.74 14.06 -7.70
C ARG D 370 31.74 15.09 -8.21
N PRO D 371 31.22 14.93 -9.46
CA PRO D 371 30.22 15.84 -10.02
C PRO D 371 28.85 15.60 -9.38
N TRP D 372 28.80 15.82 -8.06
CA TRP D 372 27.57 15.74 -7.30
C TRP D 372 27.74 16.31 -5.89
N HIS D 373 26.61 16.79 -5.41
CA HIS D 373 26.49 17.67 -4.28
C HIS D 373 25.74 16.91 -3.20
N CYS D 374 26.40 16.63 -2.08
CA CYS D 374 25.82 15.84 -1.00
C CYS D 374 25.33 16.75 0.10
N GLN D 375 24.15 16.44 0.67
CA GLN D 375 23.67 17.07 1.89
C GLN D 375 23.35 15.98 2.90
N ILE D 376 23.98 16.06 4.09
CA ILE D 376 23.64 15.22 5.22
C ILE D 376 22.92 16.10 6.24
N HIS D 377 21.58 15.99 6.28
CA HIS D 377 20.77 16.93 7.03
C HIS D 377 19.41 16.35 7.37
N LYS D 378 18.53 17.22 7.91
CA LYS D 378 17.14 16.91 8.12
C LYS D 378 16.27 18.10 7.73
N ASP D 379 15.53 17.99 6.63
CA ASP D 379 14.58 19.04 6.30
C ASP D 379 13.32 18.42 5.71
N ASN D 380 12.40 19.31 5.34
CA ASN D 380 10.99 19.02 5.14
C ASN D 380 10.66 19.11 3.66
N PHE D 381 10.26 17.94 3.12
CA PHE D 381 9.97 17.79 1.70
C PHE D 381 8.72 16.92 1.57
N SER D 382 8.19 16.84 0.34
CA SER D 382 7.06 15.99 0.02
C SER D 382 7.32 14.53 0.34
N TYR D 383 8.58 14.10 0.23
CA TYR D 383 8.92 12.70 0.32
C TYR D 383 9.71 12.47 1.61
N GLY D 384 9.83 11.19 1.98
CA GLY D 384 10.56 10.82 3.17
C GLY D 384 10.19 11.69 4.36
N ILE D 385 8.89 11.77 4.65
CA ILE D 385 8.42 12.35 5.88
C ILE D 385 8.53 11.24 6.91
N VAL D 386 9.09 11.58 8.06
CA VAL D 386 9.18 10.61 9.13
C VAL D 386 7.82 10.46 9.77
N PRO D 387 7.33 9.21 9.99
CA PRO D 387 6.07 9.00 10.71
C PRO D 387 5.85 9.78 12.01
N ASP D 388 4.59 10.08 12.31
CA ASP D 388 4.28 10.97 13.44
C ASP D 388 4.54 10.30 14.80
N ASN D 389 4.60 8.96 14.82
CA ASN D 389 4.85 8.19 16.05
C ASN D 389 6.33 7.84 16.24
N ILE D 390 7.21 8.51 15.50
CA ILE D 390 8.64 8.27 15.63
C ILE D 390 9.37 9.59 15.84
N ASP D 391 10.17 9.61 16.90
CA ASP D 391 10.91 10.80 17.26
C ASP D 391 11.95 11.08 16.18
N ASP D 392 11.84 12.21 15.48
CA ASP D 392 12.62 12.43 14.27
C ASP D 392 14.09 12.74 14.57
N ARG D 393 14.46 12.82 15.86
CA ARG D 393 15.85 12.93 16.24
C ARG D 393 16.61 11.66 15.87
N LEU D 394 15.89 10.53 15.70
CA LEU D 394 16.48 9.23 15.38
C LEU D 394 17.03 9.20 13.96
N VAL D 395 16.63 10.15 13.10
CA VAL D 395 16.80 9.97 11.67
C VAL D 395 17.67 11.08 11.11
N VAL D 396 18.38 10.75 10.03
CA VAL D 396 19.07 11.74 9.22
C VAL D 396 18.77 11.46 7.75
N ASP D 397 18.49 12.56 7.02
CA ASP D 397 18.14 12.51 5.61
C ASP D 397 19.42 12.69 4.80
N LEU D 398 19.50 12.02 3.65
CA LEU D 398 20.61 12.18 2.71
C LEU D 398 20.07 12.59 1.36
N ARG D 399 20.66 13.62 0.74
CA ARG D 399 20.21 14.05 -0.56
C ARG D 399 21.42 14.40 -1.42
N TRP D 400 21.69 13.55 -2.42
CA TRP D 400 22.73 13.79 -3.41
C TRP D 400 22.09 14.33 -4.69
N PHE D 401 22.76 15.31 -5.30
CA PHE D 401 22.28 15.99 -6.49
C PHE D 401 23.33 15.88 -7.58
N GLY D 402 22.96 15.31 -8.73
CA GLY D 402 23.89 14.97 -9.79
C GLY D 402 23.71 15.84 -11.04
N PHE D 403 24.72 15.81 -11.92
CA PHE D 403 24.74 16.67 -13.08
C PHE D 403 23.73 16.17 -14.11
N VAL D 404 22.90 17.10 -14.63
CA VAL D 404 22.01 16.80 -15.74
C VAL D 404 22.43 17.66 -16.92
N ASP D 405 22.85 16.98 -17.98
CA ASP D 405 23.40 17.65 -19.14
C ASP D 405 22.26 18.31 -19.91
N GLN D 406 22.53 19.55 -20.36
CA GLN D 406 21.54 20.37 -21.03
C GLN D 406 21.48 20.01 -22.52
N MET D 407 20.31 19.58 -22.95
CA MET D 407 20.12 18.92 -24.22
C MET D 407 18.92 19.51 -24.93
N PRO D 408 18.98 19.72 -26.26
CA PRO D 408 17.86 20.36 -26.97
C PRO D 408 16.69 19.40 -27.18
N THR D 409 16.97 18.09 -27.08
CA THR D 409 15.98 17.04 -27.28
C THR D 409 15.15 16.85 -26.01
N ASN D 410 15.57 17.48 -24.89
CA ASN D 410 14.78 17.64 -23.67
C ASN D 410 14.17 19.04 -23.64
N TYR D 411 12.85 19.07 -23.44
CA TYR D 411 12.15 20.34 -23.48
C TYR D 411 10.77 20.24 -22.84
N VAL D 412 10.26 21.41 -22.45
CA VAL D 412 8.85 21.65 -22.24
C VAL D 412 8.32 22.39 -23.46
N THR D 413 7.17 21.99 -23.98
CA THR D 413 6.47 22.77 -25.00
C THR D 413 5.07 23.10 -24.48
N PHE D 414 4.26 23.75 -25.31
CA PHE D 414 3.00 24.33 -24.85
C PHE D 414 1.89 24.11 -25.89
N GLU D 415 0.82 23.40 -25.49
CA GLU D 415 -0.27 23.08 -26.39
C GLU D 415 -0.98 24.36 -26.80
N GLU D 416 -1.52 24.38 -28.02
CA GLU D 416 -2.28 25.52 -28.52
C GLU D 416 -3.76 25.40 -28.14
N GLU D 417 -4.24 24.16 -27.96
CA GLU D 417 -5.68 23.92 -27.75
C GLU D 417 -6.00 23.34 -26.37
N ILE D 418 -5.04 23.39 -25.44
CA ILE D 418 -5.29 22.98 -24.06
C ILE D 418 -4.70 24.04 -23.17
N PHE D 419 -5.29 24.24 -21.99
CA PHE D 419 -4.84 25.28 -21.08
C PHE D 419 -4.80 24.71 -19.66
N ASP D 420 -4.04 25.41 -18.82
CA ASP D 420 -3.76 24.95 -17.48
C ASP D 420 -4.75 25.62 -16.55
N ILE D 421 -4.42 25.64 -15.27
CA ILE D 421 -5.31 26.18 -14.26
C ILE D 421 -5.40 27.70 -14.32
N HIS D 422 -4.40 28.35 -14.93
CA HIS D 422 -4.39 29.79 -15.09
C HIS D 422 -4.91 30.17 -16.48
N GLY D 423 -5.38 29.16 -17.21
CA GLY D 423 -5.92 29.35 -18.54
C GLY D 423 -4.82 29.77 -19.53
N MET D 424 -3.62 29.23 -19.34
CA MET D 424 -2.51 29.54 -20.22
C MET D 424 -2.06 28.24 -20.87
N PRO D 425 -1.37 28.29 -22.03
CA PRO D 425 -1.02 27.08 -22.76
C PRO D 425 -0.53 25.95 -21.86
N GLN D 426 -1.20 24.80 -21.96
CA GLN D 426 -0.87 23.64 -21.18
C GLN D 426 0.57 23.23 -21.50
N PRO D 427 1.48 23.16 -20.49
CA PRO D 427 2.81 22.58 -20.69
C PRO D 427 2.82 21.08 -20.94
N THR D 428 3.73 20.66 -21.81
CA THR D 428 3.94 19.26 -22.14
C THR D 428 5.44 19.01 -22.11
N PHE D 429 5.88 17.98 -21.37
CA PHE D 429 7.29 17.67 -21.23
C PHE D 429 7.72 16.58 -22.20
N HIS D 430 8.93 16.73 -22.72
CA HIS D 430 9.65 15.62 -23.32
C HIS D 430 11.05 15.59 -22.70
N PHE D 431 11.27 14.70 -21.74
CA PHE D 431 12.46 14.72 -20.92
C PHE D 431 12.96 13.30 -20.63
N GLN D 432 14.27 13.10 -20.79
CA GLN D 432 14.95 11.90 -20.33
C GLN D 432 16.36 12.26 -19.84
N TYR D 433 16.82 11.56 -18.80
CA TYR D 433 18.16 11.76 -18.28
C TYR D 433 19.16 11.36 -19.36
N PRO D 434 20.09 12.27 -19.76
CA PRO D 434 21.16 11.94 -20.71
C PRO D 434 22.06 10.75 -20.37
N GLU D 435 22.27 9.84 -21.33
CA GLU D 435 23.05 8.63 -21.14
C GLU D 435 24.43 8.92 -20.54
N GLN D 436 25.02 10.08 -20.91
CA GLN D 436 26.37 10.40 -20.49
C GLN D 436 26.45 10.52 -18.96
N ASP D 437 25.40 11.05 -18.31
CA ASP D 437 25.45 11.34 -16.88
C ASP D 437 25.14 10.09 -16.06
N ALA D 438 24.89 8.98 -16.78
CA ALA D 438 24.37 7.76 -16.18
C ALA D 438 25.40 7.15 -15.23
N GLU D 439 26.65 7.03 -15.71
CA GLU D 439 27.67 6.33 -14.95
C GLU D 439 27.91 7.06 -13.62
N ASN D 440 27.94 8.41 -13.68
CA ASN D 440 28.19 9.24 -12.53
C ASN D 440 27.03 9.24 -11.55
N ALA D 441 25.82 9.14 -12.08
CA ALA D 441 24.65 9.05 -11.21
C ALA D 441 24.78 7.82 -10.32
N HIS D 442 25.18 6.69 -10.93
CA HIS D 442 25.32 5.44 -10.21
C HIS D 442 26.40 5.56 -9.14
N ARG D 443 27.48 6.28 -9.48
CA ARG D 443 28.54 6.55 -8.54
C ARG D 443 27.97 7.38 -7.40
N MET D 444 27.08 8.31 -7.73
CA MET D 444 26.44 9.10 -6.70
C MET D 444 25.83 8.20 -5.62
N MET D 445 25.13 7.16 -6.08
CA MET D 445 24.41 6.24 -5.20
C MET D 445 25.38 5.46 -4.32
N GLN D 446 26.35 4.81 -4.95
CA GLN D 446 27.36 4.06 -4.23
C GLN D 446 27.90 4.95 -3.12
N ASP D 447 28.16 6.22 -3.44
CA ASP D 447 28.66 7.20 -2.48
C ASP D 447 27.65 7.38 -1.35
N MET D 448 26.42 7.75 -1.71
CA MET D 448 25.39 8.10 -0.74
C MET D 448 25.18 6.95 0.25
N THR D 449 25.14 5.70 -0.25
CA THR D 449 24.90 4.54 0.60
C THR D 449 26.03 4.35 1.62
N GLU D 450 27.26 4.26 1.11
CA GLU D 450 28.42 4.03 1.94
C GLU D 450 28.38 5.01 3.11
N VAL D 451 28.13 6.29 2.78
CA VAL D 451 28.06 7.39 3.75
C VAL D 451 26.98 7.12 4.79
N GLY D 452 25.77 6.79 4.32
CA GLY D 452 24.68 6.47 5.22
C GLY D 452 25.07 5.35 6.18
N LEU D 453 25.53 4.23 5.62
CA LEU D 453 25.79 3.05 6.41
C LEU D 453 26.99 3.26 7.32
N SER D 454 27.72 4.35 7.14
CA SER D 454 28.80 4.66 8.05
C SER D 454 28.30 5.37 9.32
N ILE D 455 27.07 5.91 9.29
CA ILE D 455 26.58 6.67 10.45
C ILE D 455 25.35 6.00 11.06
N GLY D 456 25.03 4.79 10.57
CA GLY D 456 23.94 4.02 11.14
C GLY D 456 23.35 3.10 10.07
N GLY D 457 22.15 2.58 10.37
CA GLY D 457 21.43 1.67 9.49
C GLY D 457 20.27 2.40 8.83
N PHE D 458 19.69 1.83 7.76
CA PHE D 458 18.65 2.54 7.04
C PHE D 458 17.37 2.46 7.83
N LEU D 459 16.61 3.56 7.78
CA LEU D 459 15.22 3.53 8.20
C LEU D 459 14.47 2.58 7.26
N PRO D 460 14.02 1.40 7.76
CA PRO D 460 13.57 0.31 6.88
C PRO D 460 12.15 0.41 6.36
N THR D 461 11.56 1.61 6.43
CA THR D 461 10.29 1.89 5.79
C THR D 461 10.51 1.90 4.27
N PRO D 462 9.48 1.53 3.48
CA PRO D 462 9.54 1.77 2.04
C PRO D 462 9.91 3.21 1.70
N GLU D 463 9.31 4.18 2.40
CA GLU D 463 9.40 5.60 2.06
C GLU D 463 10.82 6.15 2.20
N ALA D 464 11.63 5.51 3.07
CA ALA D 464 12.95 6.01 3.43
C ALA D 464 14.05 5.16 2.81
N ARG D 465 13.69 4.17 1.99
CA ARG D 465 14.68 3.34 1.33
C ARG D 465 15.55 4.23 0.47
N PRO D 466 16.78 3.79 0.16
CA PRO D 466 17.64 4.54 -0.75
C PRO D 466 17.19 4.32 -2.18
N GLN D 467 17.22 5.36 -3.00
CA GLN D 467 16.46 5.35 -4.23
C GLN D 467 16.74 6.59 -5.06
N PHE D 468 16.52 6.48 -6.36
CA PHE D 468 16.51 7.65 -7.24
C PHE D 468 15.11 8.23 -7.22
N MET D 469 15.02 9.56 -7.21
CA MET D 469 13.74 10.24 -7.31
C MET D 469 13.26 10.24 -8.77
N ALA D 470 11.95 10.27 -8.95
CA ALA D 470 11.39 10.44 -10.27
C ALA D 470 11.72 11.84 -10.76
N PRO D 471 11.88 12.03 -12.08
CA PRO D 471 12.22 13.34 -12.61
C PRO D 471 11.28 14.43 -12.11
N GLY D 472 11.87 15.54 -11.65
CA GLY D 472 11.12 16.71 -11.19
C GLY D 472 11.32 16.93 -9.70
N SER D 473 11.71 15.87 -9.01
CA SER D 473 11.67 15.81 -7.57
C SER D 473 12.67 16.78 -6.96
N SER D 474 13.70 17.12 -7.74
CA SER D 474 14.76 18.00 -7.26
C SER D 474 14.22 19.40 -6.99
N LEU D 475 13.20 19.78 -7.78
CA LEU D 475 12.70 21.14 -7.88
C LEU D 475 13.81 22.10 -8.29
N HIS D 476 14.86 21.57 -8.93
CA HIS D 476 15.98 22.39 -9.35
C HIS D 476 16.04 22.42 -10.88
N SER D 477 14.95 22.87 -11.52
CA SER D 477 14.86 22.93 -12.97
C SER D 477 15.65 24.12 -13.52
N MET D 478 16.29 23.92 -14.69
CA MET D 478 17.24 24.87 -15.28
C MET D 478 17.26 24.74 -16.82
N GLY D 479 17.79 25.77 -17.50
CA GLY D 479 18.15 25.69 -18.91
C GLY D 479 17.04 26.10 -19.89
N THR D 480 15.81 26.23 -19.39
CA THR D 480 14.66 26.46 -20.23
C THR D 480 14.77 27.81 -20.93
N TYR D 481 15.24 28.84 -20.20
CA TYR D 481 15.49 30.14 -20.83
C TYR D 481 16.95 30.55 -20.66
N ARG D 482 17.84 29.64 -21.06
CA ARG D 482 19.26 29.73 -20.73
C ARG D 482 19.94 30.93 -21.40
N MET D 483 21.11 31.31 -20.86
CA MET D 483 21.88 32.43 -21.39
C MET D 483 23.01 31.92 -22.26
N GLY D 484 23.50 32.79 -23.14
CA GLY D 484 24.71 32.53 -23.87
C GLY D 484 25.46 33.84 -24.15
N GLU D 485 26.50 33.71 -24.96
CA GLU D 485 27.31 34.86 -25.35
C GLU D 485 26.78 35.54 -26.61
N SER D 486 26.09 34.79 -27.48
CA SER D 486 25.58 35.34 -28.72
C SER D 486 24.23 34.72 -29.09
N ASP D 487 23.52 35.42 -29.99
CA ASP D 487 22.21 34.97 -30.47
C ASP D 487 22.40 33.81 -31.44
N ASP D 488 23.60 33.24 -31.47
CA ASP D 488 23.96 32.20 -32.42
C ASP D 488 23.65 30.87 -31.71
N GLY D 489 24.66 30.40 -30.96
CA GLY D 489 24.56 29.19 -30.16
C GLY D 489 23.39 29.25 -29.16
N THR D 490 22.49 28.28 -29.25
CA THR D 490 21.09 28.53 -28.95
C THR D 490 20.84 28.78 -27.44
N SER D 491 20.47 30.03 -27.19
CA SER D 491 20.19 30.61 -25.88
C SER D 491 19.02 31.59 -26.05
N VAL D 492 18.35 31.92 -24.95
CA VAL D 492 17.24 32.88 -24.96
C VAL D 492 17.73 34.26 -24.52
N VAL D 493 18.57 34.30 -23.48
CA VAL D 493 19.05 35.55 -22.93
C VAL D 493 20.57 35.66 -23.13
N ASP D 494 21.05 36.90 -23.03
CA ASP D 494 22.47 37.19 -22.97
C ASP D 494 22.94 37.09 -21.53
N ALA D 495 24.22 37.41 -21.31
CA ALA D 495 24.84 37.30 -19.99
C ALA D 495 24.36 38.39 -19.03
N HIS D 496 23.58 39.36 -19.53
CA HIS D 496 22.89 40.30 -18.66
C HIS D 496 21.46 39.86 -18.44
N SER D 497 21.17 38.58 -18.72
CA SER D 497 19.87 37.97 -18.52
C SER D 497 18.80 38.72 -19.33
N LYS D 498 19.16 39.22 -20.51
CA LYS D 498 18.25 40.01 -21.33
C LYS D 498 17.94 39.27 -22.62
N VAL D 499 16.68 39.35 -23.05
CA VAL D 499 16.20 38.47 -24.11
C VAL D 499 16.72 38.96 -25.46
N TRP D 500 17.26 38.03 -26.25
CA TRP D 500 17.80 38.34 -27.56
C TRP D 500 16.73 39.04 -28.40
N GLY D 501 17.07 40.25 -28.88
CA GLY D 501 16.26 40.99 -29.82
C GLY D 501 15.25 41.91 -29.15
N PHE D 502 15.41 42.12 -27.83
CA PHE D 502 14.50 42.97 -27.08
C PHE D 502 15.29 44.00 -26.27
N ASP D 503 14.75 45.21 -26.23
CA ASP D 503 15.39 46.33 -25.56
C ASP D 503 15.32 46.14 -24.05
N ASN D 504 14.14 45.78 -23.54
CA ASN D 504 13.78 46.05 -22.15
C ASN D 504 13.09 44.87 -21.48
N LEU D 505 13.41 43.64 -21.89
CA LEU D 505 12.85 42.45 -21.28
C LEU D 505 13.97 41.56 -20.72
N TYR D 506 13.83 41.21 -19.43
CA TYR D 506 14.81 40.40 -18.72
C TYR D 506 14.14 39.19 -18.08
N LEU D 507 14.92 38.11 -17.90
CA LEU D 507 14.46 36.94 -17.19
C LEU D 507 15.31 36.71 -15.93
N GLY D 508 14.72 35.99 -14.97
CA GLY D 508 15.45 35.55 -13.80
C GLY D 508 15.05 34.13 -13.44
N GLY D 509 16.00 33.41 -12.83
CA GLY D 509 15.69 32.11 -12.27
C GLY D 509 16.64 31.04 -12.79
N PRO D 510 16.64 29.84 -12.15
CA PRO D 510 17.49 28.75 -12.62
C PRO D 510 17.39 28.45 -14.10
N GLY D 511 16.24 28.75 -14.71
CA GLY D 511 16.03 28.61 -16.14
C GLY D 511 17.14 29.24 -16.98
N VAL D 512 17.77 30.30 -16.44
CA VAL D 512 18.83 31.04 -17.09
C VAL D 512 20.14 30.24 -17.16
N ILE D 513 20.36 29.37 -16.16
CA ILE D 513 21.63 28.66 -16.06
C ILE D 513 21.83 27.80 -17.31
N PRO D 514 22.95 27.95 -18.05
CA PRO D 514 23.23 27.10 -19.22
C PRO D 514 24.19 25.92 -19.00
N LYS D 515 24.56 25.68 -17.74
CA LYS D 515 25.72 24.88 -17.40
C LYS D 515 25.37 23.80 -16.37
N PRO D 516 25.44 22.50 -16.75
CA PRO D 516 25.12 21.40 -15.86
C PRO D 516 25.86 21.57 -14.53
N ASN D 517 25.13 21.35 -13.43
CA ASN D 517 25.71 21.44 -12.10
C ASN D 517 24.96 20.50 -11.17
N GLY D 518 25.41 20.46 -9.90
CA GLY D 518 24.82 19.63 -8.87
C GLY D 518 24.27 20.42 -7.68
N ALA D 519 24.67 21.68 -7.55
CA ALA D 519 24.39 22.43 -6.33
C ALA D 519 23.00 23.05 -6.37
N ASN D 520 22.54 23.48 -5.20
CA ASN D 520 21.28 24.18 -5.04
C ASN D 520 21.34 25.55 -5.72
N PRO D 521 20.56 25.72 -6.80
CA PRO D 521 20.77 26.82 -7.73
C PRO D 521 20.25 28.21 -7.36
N THR D 522 19.45 28.29 -6.31
CA THR D 522 18.73 29.53 -6.05
C THR D 522 19.70 30.69 -5.85
N LEU D 523 20.75 30.47 -5.03
CA LEU D 523 21.66 31.55 -4.69
C LEU D 523 22.31 32.09 -5.97
N THR D 524 22.80 31.13 -6.77
CA THR D 524 23.37 31.39 -8.09
C THR D 524 22.43 32.27 -8.89
N ALA D 525 21.16 31.88 -8.97
CA ALA D 525 20.21 32.59 -9.83
C ALA D 525 20.13 34.04 -9.37
N ALA D 526 20.13 34.25 -8.04
CA ALA D 526 20.02 35.57 -7.47
C ALA D 526 21.24 36.42 -7.83
N ALA D 527 22.40 35.77 -7.93
CA ALA D 527 23.60 36.44 -8.40
C ALA D 527 23.35 37.07 -9.78
N LEU D 528 22.91 36.24 -10.73
CA LEU D 528 22.82 36.63 -12.13
C LEU D 528 21.79 37.74 -12.30
N ALA D 529 20.81 37.72 -11.39
CA ALA D 529 19.78 38.73 -11.34
C ALA D 529 20.41 40.08 -10.96
N ILE D 530 21.16 40.09 -9.85
CA ILE D 530 21.85 41.29 -9.40
C ILE D 530 22.65 41.85 -10.58
N ARG D 531 23.28 40.95 -11.34
CA ARG D 531 24.08 41.33 -12.49
C ARG D 531 23.18 42.06 -13.49
N ALA D 532 22.10 41.40 -13.90
CA ALA D 532 21.14 42.01 -14.81
C ALA D 532 20.67 43.34 -14.23
N ALA D 533 20.43 43.38 -12.92
CA ALA D 533 19.91 44.58 -12.30
C ALA D 533 20.88 45.74 -12.43
N ASN D 534 22.17 45.46 -12.22
CA ASN D 534 23.18 46.48 -12.41
C ASN D 534 23.16 46.94 -13.86
N HIS D 535 23.05 45.99 -14.79
CA HIS D 535 23.01 46.34 -16.20
C HIS D 535 21.86 47.30 -16.46
N ILE D 536 20.77 47.13 -15.71
CA ILE D 536 19.61 47.97 -15.88
C ILE D 536 19.86 49.35 -15.26
N LEU D 537 20.53 49.37 -14.10
CA LEU D 537 20.80 50.63 -13.43
C LEU D 537 21.75 51.47 -14.28
N ARG D 538 22.76 50.84 -14.88
CA ARG D 538 23.54 51.49 -15.92
C ARG D 538 22.67 51.53 -17.18
#